data_5UER
# 
_entry.id   5UER 
# 
_audit_conform.dict_name       mmcif_pdbx.dic 
_audit_conform.dict_version    5.387 
_audit_conform.dict_location   http://mmcif.pdb.org/dictionaries/ascii/mmcif_pdbx.dic 
# 
loop_
_database_2.database_id 
_database_2.database_code 
_database_2.pdbx_database_accession 
_database_2.pdbx_DOI 
PDB   5UER         pdb_00005uer 10.2210/pdb5uer/pdb 
WWPDB D_1000224356 ?            ?                   
# 
loop_
_pdbx_audit_revision_history.ordinal 
_pdbx_audit_revision_history.data_content_type 
_pdbx_audit_revision_history.major_revision 
_pdbx_audit_revision_history.minor_revision 
_pdbx_audit_revision_history.revision_date 
1 'Structure model' 1 0 2017-06-14 
2 'Structure model' 1 1 2024-03-06 
# 
_pdbx_audit_revision_details.ordinal             1 
_pdbx_audit_revision_details.revision_ordinal    1 
_pdbx_audit_revision_details.data_content_type   'Structure model' 
_pdbx_audit_revision_details.provider            repository 
_pdbx_audit_revision_details.type                'Initial release' 
_pdbx_audit_revision_details.description         ? 
_pdbx_audit_revision_details.details             ? 
# 
loop_
_pdbx_audit_revision_group.ordinal 
_pdbx_audit_revision_group.revision_ordinal 
_pdbx_audit_revision_group.data_content_type 
_pdbx_audit_revision_group.group 
1 2 'Structure model' 'Data collection'     
2 2 'Structure model' 'Database references' 
# 
loop_
_pdbx_audit_revision_category.ordinal 
_pdbx_audit_revision_category.revision_ordinal 
_pdbx_audit_revision_category.data_content_type 
_pdbx_audit_revision_category.category 
1 2 'Structure model' chem_comp_atom 
2 2 'Structure model' chem_comp_bond 
3 2 'Structure model' database_2     
# 
loop_
_pdbx_audit_revision_item.ordinal 
_pdbx_audit_revision_item.revision_ordinal 
_pdbx_audit_revision_item.data_content_type 
_pdbx_audit_revision_item.item 
1 2 'Structure model' '_database_2.pdbx_DOI'                
2 2 'Structure model' '_database_2.pdbx_database_accession' 
# 
_pdbx_database_status.status_code                     REL 
_pdbx_database_status.status_code_sf                  REL 
_pdbx_database_status.status_code_mr                  ? 
_pdbx_database_status.entry_id                        5UER 
_pdbx_database_status.recvd_initial_deposition_date   2017-01-03 
_pdbx_database_status.SG_entry                        N 
_pdbx_database_status.deposit_site                    RCSB 
_pdbx_database_status.process_site                    RCSB 
_pdbx_database_status.status_code_cs                  ? 
_pdbx_database_status.methods_development_category    ? 
_pdbx_database_status.pdb_format_compatible           Y 
_pdbx_database_status.status_code_nmr_data            ? 
# 
loop_
_pdbx_database_related.content_type 
_pdbx_database_related.db_id 
_pdbx_database_related.db_name 
_pdbx_database_related.details 
unspecified 5UF0 PDB . 
unspecified 5UEZ PDB . 
unspecified 5UEY PDB . 
unspecified 5UEX PDB . 
unspecified 5UEV PDB . 
unspecified 5UEP PDB . 
unspecified 5UET PDB . 
unspecified 5UES PDB . 
unspecified 5UEQ PDB . 
unspecified 5UEU PDB . 
unspecified 5UEO PDB . 
unspecified 5UEW PDB . 
# 
_audit_author.name               'Park, C.H.' 
_audit_author.pdbx_ordinal       1 
_audit_author.identifier_ORCID   ? 
# 
_citation.abstract                  ? 
_citation.abstract_id_CAS           ? 
_citation.book_id_ISBN              ? 
_citation.book_publisher            ? 
_citation.book_publisher_city       ? 
_citation.book_title                ? 
_citation.coordinate_linkage        ? 
_citation.country                   ? 
_citation.database_id_Medline       ? 
_citation.details                   ? 
_citation.id                        primary 
_citation.journal_abbrev            'To Be Published' 
_citation.journal_id_ASTM           ? 
_citation.journal_id_CSD            0353 
_citation.journal_id_ISSN           ? 
_citation.journal_full              ? 
_citation.journal_issue             ? 
_citation.journal_volume            ? 
_citation.language                  ? 
_citation.page_first                ? 
_citation.page_last                 ? 
_citation.title                     'Complex structure of BRD4_BD2_A-1359930' 
_citation.year                      ? 
_citation.database_id_CSD           ? 
_citation.pdbx_database_id_DOI      ? 
_citation.pdbx_database_id_PubMed   ? 
_citation.unpublished_flag          ? 
# 
_citation_author.citation_id        primary 
_citation_author.name               'Park, C.H.' 
_citation_author.ordinal            1 
_citation_author.identifier_ORCID   ? 
# 
loop_
_entity.id 
_entity.type 
_entity.src_method 
_entity.pdbx_description 
_entity.formula_weight 
_entity.pdbx_number_of_molecules 
_entity.pdbx_ec 
_entity.pdbx_mutation 
_entity.pdbx_fragment 
_entity.details 
1 polymer     man 'Bromodomain-containing protein 4'                                                             12806.933 1   ? ? 
'residues 352-457' ? 
2 non-polymer syn 'N-[3-(3-methyl-4-oxo-4,5,6,7-tetrahydro-2H-isoindol-1-yl)-4-phenoxyphenyl]methanesulfonamide' 410.486   1   ? ? 
?                  ? 
3 water       nat water                                                                                          18.015    143 ? ? 
?                  ? 
# 
_entity_name_com.entity_id   1 
_entity_name_com.name        'Protein HUNK1' 
# 
_entity_poly.entity_id                      1 
_entity_poly.type                           'polypeptide(L)' 
_entity_poly.nstd_linkage                   no 
_entity_poly.nstd_monomer                   no 
_entity_poly.pdbx_seq_one_letter_code       
;SHMEQLKCCSGILKEMFAKKHAAYAWPFYKPVDVEALGLHDYCDIIKHPMDMSTIKSKLEAREYRDAQEFGADVRLMFSN
CYKYNPPDHEVVAMARKLQDVFEMRFAKM
;
_entity_poly.pdbx_seq_one_letter_code_can   
;SHMEQLKCCSGILKEMFAKKHAAYAWPFYKPVDVEALGLHDYCDIIKHPMDMSTIKSKLEAREYRDAQEFGADVRLMFSN
CYKYNPPDHEVVAMARKLQDVFEMRFAKM
;
_entity_poly.pdbx_strand_id                 A 
_entity_poly.pdbx_target_identifier         ? 
# 
loop_
_pdbx_entity_nonpoly.entity_id 
_pdbx_entity_nonpoly.name 
_pdbx_entity_nonpoly.comp_id 
2 'N-[3-(3-methyl-4-oxo-4,5,6,7-tetrahydro-2H-isoindol-1-yl)-4-phenoxyphenyl]methanesulfonamide' 87P 
3 water                                                                                          HOH 
# 
loop_
_entity_poly_seq.entity_id 
_entity_poly_seq.num 
_entity_poly_seq.mon_id 
_entity_poly_seq.hetero 
1 1   SER n 
1 2   HIS n 
1 3   MET n 
1 4   GLU n 
1 5   GLN n 
1 6   LEU n 
1 7   LYS n 
1 8   CYS n 
1 9   CYS n 
1 10  SER n 
1 11  GLY n 
1 12  ILE n 
1 13  LEU n 
1 14  LYS n 
1 15  GLU n 
1 16  MET n 
1 17  PHE n 
1 18  ALA n 
1 19  LYS n 
1 20  LYS n 
1 21  HIS n 
1 22  ALA n 
1 23  ALA n 
1 24  TYR n 
1 25  ALA n 
1 26  TRP n 
1 27  PRO n 
1 28  PHE n 
1 29  TYR n 
1 30  LYS n 
1 31  PRO n 
1 32  VAL n 
1 33  ASP n 
1 34  VAL n 
1 35  GLU n 
1 36  ALA n 
1 37  LEU n 
1 38  GLY n 
1 39  LEU n 
1 40  HIS n 
1 41  ASP n 
1 42  TYR n 
1 43  CYS n 
1 44  ASP n 
1 45  ILE n 
1 46  ILE n 
1 47  LYS n 
1 48  HIS n 
1 49  PRO n 
1 50  MET n 
1 51  ASP n 
1 52  MET n 
1 53  SER n 
1 54  THR n 
1 55  ILE n 
1 56  LYS n 
1 57  SER n 
1 58  LYS n 
1 59  LEU n 
1 60  GLU n 
1 61  ALA n 
1 62  ARG n 
1 63  GLU n 
1 64  TYR n 
1 65  ARG n 
1 66  ASP n 
1 67  ALA n 
1 68  GLN n 
1 69  GLU n 
1 70  PHE n 
1 71  GLY n 
1 72  ALA n 
1 73  ASP n 
1 74  VAL n 
1 75  ARG n 
1 76  LEU n 
1 77  MET n 
1 78  PHE n 
1 79  SER n 
1 80  ASN n 
1 81  CYS n 
1 82  TYR n 
1 83  LYS n 
1 84  TYR n 
1 85  ASN n 
1 86  PRO n 
1 87  PRO n 
1 88  ASP n 
1 89  HIS n 
1 90  GLU n 
1 91  VAL n 
1 92  VAL n 
1 93  ALA n 
1 94  MET n 
1 95  ALA n 
1 96  ARG n 
1 97  LYS n 
1 98  LEU n 
1 99  GLN n 
1 100 ASP n 
1 101 VAL n 
1 102 PHE n 
1 103 GLU n 
1 104 MET n 
1 105 ARG n 
1 106 PHE n 
1 107 ALA n 
1 108 LYS n 
1 109 MET n 
# 
_entity_src_gen.entity_id                          1 
_entity_src_gen.pdbx_src_id                        1 
_entity_src_gen.pdbx_alt_source_flag               sample 
_entity_src_gen.pdbx_seq_type                      'Biological sequence' 
_entity_src_gen.pdbx_beg_seq_num                   1 
_entity_src_gen.pdbx_end_seq_num                   109 
_entity_src_gen.gene_src_common_name               Human 
_entity_src_gen.gene_src_genus                     ? 
_entity_src_gen.pdbx_gene_src_gene                 'BRD4, HUNK1' 
_entity_src_gen.gene_src_species                   ? 
_entity_src_gen.gene_src_strain                    ? 
_entity_src_gen.gene_src_tissue                    ? 
_entity_src_gen.gene_src_tissue_fraction           ? 
_entity_src_gen.gene_src_details                   ? 
_entity_src_gen.pdbx_gene_src_fragment             ? 
_entity_src_gen.pdbx_gene_src_scientific_name      'Homo sapiens' 
_entity_src_gen.pdbx_gene_src_ncbi_taxonomy_id     9606 
_entity_src_gen.pdbx_gene_src_variant              ? 
_entity_src_gen.pdbx_gene_src_cell_line            ? 
_entity_src_gen.pdbx_gene_src_atcc                 ? 
_entity_src_gen.pdbx_gene_src_organ                ? 
_entity_src_gen.pdbx_gene_src_organelle            ? 
_entity_src_gen.pdbx_gene_src_cell                 ? 
_entity_src_gen.pdbx_gene_src_cellular_location    ? 
_entity_src_gen.host_org_common_name               ? 
_entity_src_gen.pdbx_host_org_scientific_name      'Enterobacteria phage L1' 
_entity_src_gen.pdbx_host_org_ncbi_taxonomy_id     268588 
_entity_src_gen.host_org_genus                     ? 
_entity_src_gen.pdbx_host_org_gene                 ? 
_entity_src_gen.pdbx_host_org_organ                ? 
_entity_src_gen.host_org_species                   ? 
_entity_src_gen.pdbx_host_org_tissue               ? 
_entity_src_gen.pdbx_host_org_tissue_fraction      ? 
_entity_src_gen.pdbx_host_org_strain               ? 
_entity_src_gen.pdbx_host_org_variant              ? 
_entity_src_gen.pdbx_host_org_cell_line            ? 
_entity_src_gen.pdbx_host_org_atcc                 ? 
_entity_src_gen.pdbx_host_org_culture_collection   ? 
_entity_src_gen.pdbx_host_org_cell                 ? 
_entity_src_gen.pdbx_host_org_organelle            ? 
_entity_src_gen.pdbx_host_org_cellular_location    ? 
_entity_src_gen.pdbx_host_org_vector_type          ? 
_entity_src_gen.pdbx_host_org_vector               ? 
_entity_src_gen.host_org_details                   ? 
_entity_src_gen.expression_system_id               ? 
_entity_src_gen.plasmid_name                       ? 
_entity_src_gen.plasmid_details                    ? 
_entity_src_gen.pdbx_description                   ? 
# 
loop_
_chem_comp.id 
_chem_comp.type 
_chem_comp.mon_nstd_flag 
_chem_comp.name 
_chem_comp.pdbx_synonyms 
_chem_comp.formula 
_chem_comp.formula_weight 
87P non-polymer         . 'N-[3-(3-methyl-4-oxo-4,5,6,7-tetrahydro-2H-isoindol-1-yl)-4-phenoxyphenyl]methanesulfonamide' ? 
'C22 H22 N2 O4 S' 410.486 
ALA 'L-peptide linking' y ALANINE                                                                                        ? 
'C3 H7 N O2'      89.093  
ARG 'L-peptide linking' y ARGININE                                                                                       ? 
'C6 H15 N4 O2 1'  175.209 
ASN 'L-peptide linking' y ASPARAGINE                                                                                     ? 
'C4 H8 N2 O3'     132.118 
ASP 'L-peptide linking' y 'ASPARTIC ACID'                                                                                ? 
'C4 H7 N O4'      133.103 
CYS 'L-peptide linking' y CYSTEINE                                                                                       ? 
'C3 H7 N O2 S'    121.158 
GLN 'L-peptide linking' y GLUTAMINE                                                                                      ? 
'C5 H10 N2 O3'    146.144 
GLU 'L-peptide linking' y 'GLUTAMIC ACID'                                                                                ? 
'C5 H9 N O4'      147.129 
GLY 'peptide linking'   y GLYCINE                                                                                        ? 
'C2 H5 N O2'      75.067  
HIS 'L-peptide linking' y HISTIDINE                                                                                      ? 
'C6 H10 N3 O2 1'  156.162 
HOH non-polymer         . WATER                                                                                          ? 'H2 O' 
18.015  
ILE 'L-peptide linking' y ISOLEUCINE                                                                                     ? 
'C6 H13 N O2'     131.173 
LEU 'L-peptide linking' y LEUCINE                                                                                        ? 
'C6 H13 N O2'     131.173 
LYS 'L-peptide linking' y LYSINE                                                                                         ? 
'C6 H15 N2 O2 1'  147.195 
MET 'L-peptide linking' y METHIONINE                                                                                     ? 
'C5 H11 N O2 S'   149.211 
PHE 'L-peptide linking' y PHENYLALANINE                                                                                  ? 
'C9 H11 N O2'     165.189 
PRO 'L-peptide linking' y PROLINE                                                                                        ? 
'C5 H9 N O2'      115.130 
SER 'L-peptide linking' y SERINE                                                                                         ? 
'C3 H7 N O3'      105.093 
THR 'L-peptide linking' y THREONINE                                                                                      ? 
'C4 H9 N O3'      119.119 
TRP 'L-peptide linking' y TRYPTOPHAN                                                                                     ? 
'C11 H12 N2 O2'   204.225 
TYR 'L-peptide linking' y TYROSINE                                                                                       ? 
'C9 H11 N O3'     181.189 
VAL 'L-peptide linking' y VALINE                                                                                         ? 
'C5 H11 N O2'     117.146 
# 
loop_
_pdbx_poly_seq_scheme.asym_id 
_pdbx_poly_seq_scheme.entity_id 
_pdbx_poly_seq_scheme.seq_id 
_pdbx_poly_seq_scheme.mon_id 
_pdbx_poly_seq_scheme.ndb_seq_num 
_pdbx_poly_seq_scheme.pdb_seq_num 
_pdbx_poly_seq_scheme.auth_seq_num 
_pdbx_poly_seq_scheme.pdb_mon_id 
_pdbx_poly_seq_scheme.auth_mon_id 
_pdbx_poly_seq_scheme.pdb_strand_id 
_pdbx_poly_seq_scheme.pdb_ins_code 
_pdbx_poly_seq_scheme.hetero 
A 1 1   SER 1   349 349 SER SER A . n 
A 1 2   HIS 2   350 350 HIS HIS A . n 
A 1 3   MET 3   351 351 MET MET A . n 
A 1 4   GLU 4   352 352 GLU GLU A . n 
A 1 5   GLN 5   353 353 GLN GLN A . n 
A 1 6   LEU 6   354 354 LEU LEU A . n 
A 1 7   LYS 7   355 355 LYS LYS A . n 
A 1 8   CYS 8   356 356 CYS CYS A . n 
A 1 9   CYS 9   357 357 CYS CYS A . n 
A 1 10  SER 10  358 358 SER SER A . n 
A 1 11  GLY 11  359 359 GLY GLY A . n 
A 1 12  ILE 12  360 360 ILE ILE A . n 
A 1 13  LEU 13  361 361 LEU LEU A . n 
A 1 14  LYS 14  362 362 LYS LYS A . n 
A 1 15  GLU 15  363 363 GLU GLU A . n 
A 1 16  MET 16  364 364 MET MET A . n 
A 1 17  PHE 17  365 365 PHE PHE A . n 
A 1 18  ALA 18  366 366 ALA ALA A . n 
A 1 19  LYS 19  367 367 LYS LYS A . n 
A 1 20  LYS 20  368 368 LYS LYS A . n 
A 1 21  HIS 21  369 369 HIS HIS A . n 
A 1 22  ALA 22  370 370 ALA ALA A . n 
A 1 23  ALA 23  371 371 ALA ALA A . n 
A 1 24  TYR 24  372 372 TYR TYR A . n 
A 1 25  ALA 25  373 373 ALA ALA A . n 
A 1 26  TRP 26  374 374 TRP TRP A . n 
A 1 27  PRO 27  375 375 PRO PRO A . n 
A 1 28  PHE 28  376 376 PHE PHE A . n 
A 1 29  TYR 29  377 377 TYR TYR A . n 
A 1 30  LYS 30  378 378 LYS LYS A . n 
A 1 31  PRO 31  379 379 PRO PRO A . n 
A 1 32  VAL 32  380 380 VAL VAL A . n 
A 1 33  ASP 33  381 381 ASP ASP A . n 
A 1 34  VAL 34  382 382 VAL VAL A . n 
A 1 35  GLU 35  383 383 GLU GLU A . n 
A 1 36  ALA 36  384 384 ALA ALA A . n 
A 1 37  LEU 37  385 385 LEU LEU A . n 
A 1 38  GLY 38  386 386 GLY GLY A . n 
A 1 39  LEU 39  387 387 LEU LEU A . n 
A 1 40  HIS 40  388 388 HIS HIS A . n 
A 1 41  ASP 41  389 389 ASP ASP A . n 
A 1 42  TYR 42  390 390 TYR TYR A . n 
A 1 43  CYS 43  391 391 CYS CYS A . n 
A 1 44  ASP 44  392 392 ASP ASP A . n 
A 1 45  ILE 45  393 393 ILE ILE A . n 
A 1 46  ILE 46  394 394 ILE ILE A . n 
A 1 47  LYS 47  395 395 LYS LYS A . n 
A 1 48  HIS 48  396 396 HIS HIS A . n 
A 1 49  PRO 49  397 397 PRO PRO A . n 
A 1 50  MET 50  398 398 MET MET A . n 
A 1 51  ASP 51  399 399 ASP ASP A . n 
A 1 52  MET 52  400 400 MET MET A . n 
A 1 53  SER 53  401 401 SER SER A . n 
A 1 54  THR 54  402 402 THR THR A . n 
A 1 55  ILE 55  403 403 ILE ILE A . n 
A 1 56  LYS 56  404 404 LYS LYS A . n 
A 1 57  SER 57  405 405 SER SER A . n 
A 1 58  LYS 58  406 406 LYS LYS A . n 
A 1 59  LEU 59  407 407 LEU LEU A . n 
A 1 60  GLU 60  408 408 GLU GLU A . n 
A 1 61  ALA 61  409 409 ALA ALA A . n 
A 1 62  ARG 62  410 410 ARG ARG A . n 
A 1 63  GLU 63  411 411 GLU GLU A . n 
A 1 64  TYR 64  412 412 TYR TYR A . n 
A 1 65  ARG 65  413 413 ARG ARG A . n 
A 1 66  ASP 66  414 414 ASP ASP A . n 
A 1 67  ALA 67  415 415 ALA ALA A . n 
A 1 68  GLN 68  416 416 GLN GLN A . n 
A 1 69  GLU 69  417 417 GLU GLU A . n 
A 1 70  PHE 70  418 418 PHE PHE A . n 
A 1 71  GLY 71  419 419 GLY GLY A . n 
A 1 72  ALA 72  420 420 ALA ALA A . n 
A 1 73  ASP 73  421 421 ASP ASP A . n 
A 1 74  VAL 74  422 422 VAL VAL A . n 
A 1 75  ARG 75  423 423 ARG ARG A . n 
A 1 76  LEU 76  424 424 LEU LEU A . n 
A 1 77  MET 77  425 425 MET MET A . n 
A 1 78  PHE 78  426 426 PHE PHE A . n 
A 1 79  SER 79  427 427 SER SER A . n 
A 1 80  ASN 80  428 428 ASN ASN A . n 
A 1 81  CYS 81  429 429 CYS CYS A . n 
A 1 82  TYR 82  430 430 TYR TYR A . n 
A 1 83  LYS 83  431 431 LYS LYS A . n 
A 1 84  TYR 84  432 432 TYR TYR A . n 
A 1 85  ASN 85  433 433 ASN ASN A . n 
A 1 86  PRO 86  434 434 PRO PRO A . n 
A 1 87  PRO 87  435 435 PRO PRO A . n 
A 1 88  ASP 88  436 436 ASP ASP A . n 
A 1 89  HIS 89  437 437 HIS HIS A . n 
A 1 90  GLU 90  438 438 GLU GLU A . n 
A 1 91  VAL 91  439 439 VAL VAL A . n 
A 1 92  VAL 92  440 440 VAL VAL A . n 
A 1 93  ALA 93  441 441 ALA ALA A . n 
A 1 94  MET 94  442 442 MET MET A . n 
A 1 95  ALA 95  443 443 ALA ALA A . n 
A 1 96  ARG 96  444 444 ARG ARG A . n 
A 1 97  LYS 97  445 445 LYS LYS A . n 
A 1 98  LEU 98  446 446 LEU LEU A . n 
A 1 99  GLN 99  447 447 GLN GLN A . n 
A 1 100 ASP 100 448 448 ASP ASP A . n 
A 1 101 VAL 101 449 449 VAL VAL A . n 
A 1 102 PHE 102 450 450 PHE PHE A . n 
A 1 103 GLU 103 451 451 GLU GLU A . n 
A 1 104 MET 104 452 452 MET MET A . n 
A 1 105 ARG 105 453 453 ARG ARG A . n 
A 1 106 PHE 106 454 454 PHE PHE A . n 
A 1 107 ALA 107 455 455 ALA ALA A . n 
A 1 108 LYS 108 456 456 LYS LYS A . n 
A 1 109 MET 109 457 457 MET MET A . n 
# 
loop_
_pdbx_nonpoly_scheme.asym_id 
_pdbx_nonpoly_scheme.entity_id 
_pdbx_nonpoly_scheme.mon_id 
_pdbx_nonpoly_scheme.ndb_seq_num 
_pdbx_nonpoly_scheme.pdb_seq_num 
_pdbx_nonpoly_scheme.auth_seq_num 
_pdbx_nonpoly_scheme.pdb_mon_id 
_pdbx_nonpoly_scheme.auth_mon_id 
_pdbx_nonpoly_scheme.pdb_strand_id 
_pdbx_nonpoly_scheme.pdb_ins_code 
B 2 87P 1   501 1   87P LIG A . 
C 3 HOH 1   601 143 HOH HOH A . 
C 3 HOH 2   602 82  HOH HOH A . 
C 3 HOH 3   603 42  HOH HOH A . 
C 3 HOH 4   604 1   HOH HOH A . 
C 3 HOH 5   605 41  HOH HOH A . 
C 3 HOH 6   606 2   HOH HOH A . 
C 3 HOH 7   607 129 HOH HOH A . 
C 3 HOH 8   608 77  HOH HOH A . 
C 3 HOH 9   609 87  HOH HOH A . 
C 3 HOH 10  610 31  HOH HOH A . 
C 3 HOH 11  611 15  HOH HOH A . 
C 3 HOH 12  612 32  HOH HOH A . 
C 3 HOH 13  613 7   HOH HOH A . 
C 3 HOH 14  614 99  HOH HOH A . 
C 3 HOH 15  615 103 HOH HOH A . 
C 3 HOH 16  616 58  HOH HOH A . 
C 3 HOH 17  617 38  HOH HOH A . 
C 3 HOH 18  618 78  HOH HOH A . 
C 3 HOH 19  619 34  HOH HOH A . 
C 3 HOH 20  620 85  HOH HOH A . 
C 3 HOH 21  621 6   HOH HOH A . 
C 3 HOH 22  622 4   HOH HOH A . 
C 3 HOH 23  623 59  HOH HOH A . 
C 3 HOH 24  624 135 HOH HOH A . 
C 3 HOH 25  625 90  HOH HOH A . 
C 3 HOH 26  626 44  HOH HOH A . 
C 3 HOH 27  627 94  HOH HOH A . 
C 3 HOH 28  628 132 HOH HOH A . 
C 3 HOH 29  629 8   HOH HOH A . 
C 3 HOH 30  630 54  HOH HOH A . 
C 3 HOH 31  631 56  HOH HOH A . 
C 3 HOH 32  632 66  HOH HOH A . 
C 3 HOH 33  633 48  HOH HOH A . 
C 3 HOH 34  634 73  HOH HOH A . 
C 3 HOH 35  635 12  HOH HOH A . 
C 3 HOH 36  636 47  HOH HOH A . 
C 3 HOH 37  637 37  HOH HOH A . 
C 3 HOH 38  638 21  HOH HOH A . 
C 3 HOH 39  639 138 HOH HOH A . 
C 3 HOH 40  640 95  HOH HOH A . 
C 3 HOH 41  641 83  HOH HOH A . 
C 3 HOH 42  642 61  HOH HOH A . 
C 3 HOH 43  643 20  HOH HOH A . 
C 3 HOH 44  644 24  HOH HOH A . 
C 3 HOH 45  645 19  HOH HOH A . 
C 3 HOH 46  646 5   HOH HOH A . 
C 3 HOH 47  647 76  HOH HOH A . 
C 3 HOH 48  648 107 HOH HOH A . 
C 3 HOH 49  649 49  HOH HOH A . 
C 3 HOH 50  650 46  HOH HOH A . 
C 3 HOH 51  651 16  HOH HOH A . 
C 3 HOH 52  652 68  HOH HOH A . 
C 3 HOH 53  653 127 HOH HOH A . 
C 3 HOH 54  654 23  HOH HOH A . 
C 3 HOH 55  655 112 HOH HOH A . 
C 3 HOH 56  656 27  HOH HOH A . 
C 3 HOH 57  657 67  HOH HOH A . 
C 3 HOH 58  658 3   HOH HOH A . 
C 3 HOH 59  659 17  HOH HOH A . 
C 3 HOH 60  660 9   HOH HOH A . 
C 3 HOH 61  661 10  HOH HOH A . 
C 3 HOH 62  662 104 HOH HOH A . 
C 3 HOH 63  663 43  HOH HOH A . 
C 3 HOH 64  664 52  HOH HOH A . 
C 3 HOH 65  665 18  HOH HOH A . 
C 3 HOH 66  666 81  HOH HOH A . 
C 3 HOH 67  667 117 HOH HOH A . 
C 3 HOH 68  668 126 HOH HOH A . 
C 3 HOH 69  669 125 HOH HOH A . 
C 3 HOH 70  670 116 HOH HOH A . 
C 3 HOH 71  671 13  HOH HOH A . 
C 3 HOH 72  672 98  HOH HOH A . 
C 3 HOH 73  673 11  HOH HOH A . 
C 3 HOH 74  674 100 HOH HOH A . 
C 3 HOH 75  675 14  HOH HOH A . 
C 3 HOH 76  676 26  HOH HOH A . 
C 3 HOH 77  677 89  HOH HOH A . 
C 3 HOH 78  678 106 HOH HOH A . 
C 3 HOH 79  679 111 HOH HOH A . 
C 3 HOH 80  680 133 HOH HOH A . 
C 3 HOH 81  681 45  HOH HOH A . 
C 3 HOH 82  682 51  HOH HOH A . 
C 3 HOH 83  683 71  HOH HOH A . 
C 3 HOH 84  684 36  HOH HOH A . 
C 3 HOH 85  685 80  HOH HOH A . 
C 3 HOH 86  686 25  HOH HOH A . 
C 3 HOH 87  687 137 HOH HOH A . 
C 3 HOH 88  688 40  HOH HOH A . 
C 3 HOH 89  689 64  HOH HOH A . 
C 3 HOH 90  690 97  HOH HOH A . 
C 3 HOH 91  691 110 HOH HOH A . 
C 3 HOH 92  692 109 HOH HOH A . 
C 3 HOH 93  693 101 HOH HOH A . 
C 3 HOH 94  694 39  HOH HOH A . 
C 3 HOH 95  695 115 HOH HOH A . 
C 3 HOH 96  696 108 HOH HOH A . 
C 3 HOH 97  697 102 HOH HOH A . 
C 3 HOH 98  698 70  HOH HOH A . 
C 3 HOH 99  699 79  HOH HOH A . 
C 3 HOH 100 700 96  HOH HOH A . 
C 3 HOH 101 701 130 HOH HOH A . 
C 3 HOH 102 702 136 HOH HOH A . 
C 3 HOH 103 703 30  HOH HOH A . 
C 3 HOH 104 704 120 HOH HOH A . 
C 3 HOH 105 705 55  HOH HOH A . 
C 3 HOH 106 706 128 HOH HOH A . 
C 3 HOH 107 707 92  HOH HOH A . 
C 3 HOH 108 708 75  HOH HOH A . 
C 3 HOH 109 709 134 HOH HOH A . 
C 3 HOH 110 710 124 HOH HOH A . 
C 3 HOH 111 711 29  HOH HOH A . 
C 3 HOH 112 712 62  HOH HOH A . 
C 3 HOH 113 713 114 HOH HOH A . 
C 3 HOH 114 714 57  HOH HOH A . 
C 3 HOH 115 715 22  HOH HOH A . 
C 3 HOH 116 716 91  HOH HOH A . 
C 3 HOH 117 717 140 HOH HOH A . 
C 3 HOH 118 718 118 HOH HOH A . 
C 3 HOH 119 719 72  HOH HOH A . 
C 3 HOH 120 720 69  HOH HOH A . 
C 3 HOH 121 721 35  HOH HOH A . 
C 3 HOH 122 722 88  HOH HOH A . 
C 3 HOH 123 723 53  HOH HOH A . 
C 3 HOH 124 724 86  HOH HOH A . 
C 3 HOH 125 725 131 HOH HOH A . 
C 3 HOH 126 726 119 HOH HOH A . 
C 3 HOH 127 727 139 HOH HOH A . 
C 3 HOH 128 728 113 HOH HOH A . 
C 3 HOH 129 729 84  HOH HOH A . 
C 3 HOH 130 730 65  HOH HOH A . 
C 3 HOH 131 731 93  HOH HOH A . 
C 3 HOH 132 732 63  HOH HOH A . 
C 3 HOH 133 733 28  HOH HOH A . 
C 3 HOH 134 734 74  HOH HOH A . 
C 3 HOH 135 735 122 HOH HOH A . 
C 3 HOH 136 736 105 HOH HOH A . 
C 3 HOH 137 737 33  HOH HOH A . 
C 3 HOH 138 738 141 HOH HOH A . 
C 3 HOH 139 739 50  HOH HOH A . 
C 3 HOH 140 740 60  HOH HOH A . 
C 3 HOH 141 741 142 HOH HOH A . 
C 3 HOH 142 742 123 HOH HOH A . 
C 3 HOH 143 743 121 HOH HOH A . 
# 
loop_
_software.citation_id 
_software.classification 
_software.compiler_name 
_software.compiler_version 
_software.contact_author 
_software.contact_author_email 
_software.date 
_software.description 
_software.dependencies 
_software.hardware 
_software.language 
_software.location 
_software.mods 
_software.name 
_software.os 
_software.os_version 
_software.type 
_software.version 
_software.pdbx_ordinal 
? 'data reduction' ? ? ? ? ? ? ? ? ? ? ? XDS    ? ? ? 2.11.7 1 
? 'data scaling'   ? ? ? ? ? ? ? ? ? ? ? SCALA  ? ? ? .      2 
? 'model building' ? ? ? ? ? ? ? ? ? ? ? Coot   ? ? ? .      3 
? refinement       ? ? ? ? ? ? ? ? ? ? ? BUSTER ? ? ? 2.11.7 4 
# 
_cell.angle_alpha                  90.00 
_cell.angle_alpha_esd              ? 
_cell.angle_beta                   90.00 
_cell.angle_beta_esd               ? 
_cell.angle_gamma                  90.00 
_cell.angle_gamma_esd              ? 
_cell.entry_id                     5UER 
_cell.details                      ? 
_cell.formula_units_Z              ? 
_cell.length_a                     56.690 
_cell.length_a_esd                 ? 
_cell.length_b                     72.107 
_cell.length_b_esd                 ? 
_cell.length_c                     33.816 
_cell.length_c_esd                 ? 
_cell.volume                       ? 
_cell.volume_esd                   ? 
_cell.Z_PDB                        4 
_cell.reciprocal_angle_alpha       ? 
_cell.reciprocal_angle_beta        ? 
_cell.reciprocal_angle_gamma       ? 
_cell.reciprocal_angle_alpha_esd   ? 
_cell.reciprocal_angle_beta_esd    ? 
_cell.reciprocal_angle_gamma_esd   ? 
_cell.reciprocal_length_a          ? 
_cell.reciprocal_length_b          ? 
_cell.reciprocal_length_c          ? 
_cell.reciprocal_length_a_esd      ? 
_cell.reciprocal_length_b_esd      ? 
_cell.reciprocal_length_c_esd      ? 
_cell.pdbx_unique_axis             ? 
# 
_symmetry.entry_id                         5UER 
_symmetry.cell_setting                     ? 
_symmetry.Int_Tables_number                18 
_symmetry.space_group_name_Hall            ? 
_symmetry.space_group_name_H-M             'P 21 21 2' 
_symmetry.pdbx_full_space_group_name_H-M   ? 
# 
_exptl.absorpt_coefficient_mu     ? 
_exptl.absorpt_correction_T_max   ? 
_exptl.absorpt_correction_T_min   ? 
_exptl.absorpt_correction_type    ? 
_exptl.absorpt_process_details    ? 
_exptl.entry_id                   5UER 
_exptl.crystals_number            1 
_exptl.details                    ? 
_exptl.method                     'X-RAY DIFFRACTION' 
_exptl.method_details             ? 
# 
_exptl_crystal.colour                      ? 
_exptl_crystal.density_diffrn              ? 
_exptl_crystal.density_Matthews            2.70 
_exptl_crystal.density_method              ? 
_exptl_crystal.density_percent_sol         54.42 
_exptl_crystal.description                 ? 
_exptl_crystal.F_000                       ? 
_exptl_crystal.id                          1 
_exptl_crystal.preparation                 ? 
_exptl_crystal.size_max                    ? 
_exptl_crystal.size_mid                    ? 
_exptl_crystal.size_min                    ? 
_exptl_crystal.size_rad                    ? 
_exptl_crystal.colour_lustre               ? 
_exptl_crystal.colour_modifier             ? 
_exptl_crystal.colour_primary              ? 
_exptl_crystal.density_meas                ? 
_exptl_crystal.density_meas_esd            ? 
_exptl_crystal.density_meas_gt             ? 
_exptl_crystal.density_meas_lt             ? 
_exptl_crystal.density_meas_temp           ? 
_exptl_crystal.density_meas_temp_esd       ? 
_exptl_crystal.density_meas_temp_gt        ? 
_exptl_crystal.density_meas_temp_lt        ? 
_exptl_crystal.pdbx_crystal_image_url      ? 
_exptl_crystal.pdbx_crystal_image_format   ? 
_exptl_crystal.pdbx_mosaicity              ? 
_exptl_crystal.pdbx_mosaicity_esd          ? 
# 
_exptl_crystal_grow.apparatus       ? 
_exptl_crystal_grow.atmosphere      ? 
_exptl_crystal_grow.crystal_id      1 
_exptl_crystal_grow.details         ? 
_exptl_crystal_grow.method          'VAPOR DIFFUSION' 
_exptl_crystal_grow.method_ref      ? 
_exptl_crystal_grow.pH              ? 
_exptl_crystal_grow.pressure        ? 
_exptl_crystal_grow.pressure_esd    ? 
_exptl_crystal_grow.seeding         ? 
_exptl_crystal_grow.seeding_ref     ? 
_exptl_crystal_grow.temp            277 
_exptl_crystal_grow.temp_details    ? 
_exptl_crystal_grow.temp_esd        ? 
_exptl_crystal_grow.time            ? 
_exptl_crystal_grow.pdbx_details    
;Protein Buffer :
10 mM HEPES PH 7.5
100 mM NaCl   5 mM DTT
Crystallization :
15 % (v/v) Ethanol   Tris PH 7.0
;
_exptl_crystal_grow.pdbx_pH_range   ? 
# 
_diffrn.ambient_environment    ? 
_diffrn.ambient_temp           100 
_diffrn.ambient_temp_details   ? 
_diffrn.ambient_temp_esd       ? 
_diffrn.crystal_id             1 
_diffrn.crystal_support        ? 
_diffrn.crystal_treatment      ? 
_diffrn.details                ? 
_diffrn.id                     1 
_diffrn.ambient_pressure       ? 
_diffrn.ambient_pressure_esd   ? 
_diffrn.ambient_pressure_gt    ? 
_diffrn.ambient_pressure_lt    ? 
_diffrn.ambient_temp_gt        ? 
_diffrn.ambient_temp_lt        ? 
# 
_diffrn_detector.details                      ? 
_diffrn_detector.detector                     PIXEL 
_diffrn_detector.diffrn_id                    1 
_diffrn_detector.type                         'DECTRIS PILATUS3 S 6M' 
_diffrn_detector.area_resol_mean              ? 
_diffrn_detector.dtime                        ? 
_diffrn_detector.pdbx_frames_total            ? 
_diffrn_detector.pdbx_collection_time_total   ? 
_diffrn_detector.pdbx_collection_date         2011-08-10 
# 
_diffrn_radiation.collimation                      ? 
_diffrn_radiation.diffrn_id                        1 
_diffrn_radiation.filter_edge                      ? 
_diffrn_radiation.inhomogeneity                    ? 
_diffrn_radiation.monochromator                    ? 
_diffrn_radiation.polarisn_norm                    ? 
_diffrn_radiation.polarisn_ratio                   ? 
_diffrn_radiation.probe                            ? 
_diffrn_radiation.type                             ? 
_diffrn_radiation.xray_symbol                      ? 
_diffrn_radiation.wavelength_id                    1 
_diffrn_radiation.pdbx_monochromatic_or_laue_m_l   M 
_diffrn_radiation.pdbx_wavelength_list             ? 
_diffrn_radiation.pdbx_wavelength                  ? 
_diffrn_radiation.pdbx_diffrn_protocol             'SINGLE WAVELENGTH' 
_diffrn_radiation.pdbx_analyzer                    ? 
_diffrn_radiation.pdbx_scattering_type             x-ray 
# 
_diffrn_radiation_wavelength.id           1 
_diffrn_radiation_wavelength.wavelength   1.0 
_diffrn_radiation_wavelength.wt           1.0 
# 
_diffrn_source.current                     ? 
_diffrn_source.details                     ? 
_diffrn_source.diffrn_id                   1 
_diffrn_source.power                       ? 
_diffrn_source.size                        ? 
_diffrn_source.source                      SYNCHROTRON 
_diffrn_source.target                      ? 
_diffrn_source.type                        'APS BEAMLINE 17-ID' 
_diffrn_source.voltage                     ? 
_diffrn_source.take-off_angle              ? 
_diffrn_source.pdbx_wavelength_list        1.0 
_diffrn_source.pdbx_wavelength             ? 
_diffrn_source.pdbx_synchrotron_beamline   17-ID 
_diffrn_source.pdbx_synchrotron_site       APS 
# 
_reflns.B_iso_Wilson_estimate            35.91 
_reflns.entry_id                         5UER 
_reflns.data_reduction_details           ? 
_reflns.data_reduction_method            ? 
_reflns.d_resolution_high                1.87 
_reflns.d_resolution_low                 72.1 
_reflns.details                          ? 
_reflns.limit_h_max                      ? 
_reflns.limit_h_min                      ? 
_reflns.limit_k_max                      ? 
_reflns.limit_k_min                      ? 
_reflns.limit_l_max                      ? 
_reflns.limit_l_min                      ? 
_reflns.number_all                       ? 
_reflns.number_obs                       11581 
_reflns.observed_criterion               ? 
_reflns.observed_criterion_F_max         ? 
_reflns.observed_criterion_F_min         ? 
_reflns.observed_criterion_I_max         ? 
_reflns.observed_criterion_I_min         ? 
_reflns.observed_criterion_sigma_F       ? 
_reflns.observed_criterion_sigma_I       ? 
_reflns.percent_possible_obs             97.1 
_reflns.R_free_details                   ? 
_reflns.Rmerge_F_all                     ? 
_reflns.Rmerge_F_obs                     ? 
_reflns.Friedel_coverage                 ? 
_reflns.number_gt                        ? 
_reflns.threshold_expression             ? 
_reflns.pdbx_redundancy                  5.8 
_reflns.pdbx_Rmerge_I_obs                ? 
_reflns.pdbx_Rmerge_I_all                ? 
_reflns.pdbx_Rsym_value                  ? 
_reflns.pdbx_netI_over_av_sigmaI         ? 
_reflns.pdbx_netI_over_sigmaI            25.6 
_reflns.pdbx_res_netI_over_av_sigmaI_2   ? 
_reflns.pdbx_res_netI_over_sigmaI_2      ? 
_reflns.pdbx_chi_squared                 ? 
_reflns.pdbx_scaling_rejects             ? 
_reflns.pdbx_d_res_high_opt              ? 
_reflns.pdbx_d_res_low_opt               ? 
_reflns.pdbx_d_res_opt_method            ? 
_reflns.phase_calculation_details        ? 
_reflns.pdbx_Rrim_I_all                  ? 
_reflns.pdbx_Rpim_I_all                  ? 
_reflns.pdbx_d_opt                       ? 
_reflns.pdbx_number_measured_all         ? 
_reflns.pdbx_diffrn_id                   1 
_reflns.pdbx_ordinal                     1 
_reflns.pdbx_CC_half                     ? 
_reflns.pdbx_R_split                     ? 
# 
_reflns_shell.d_res_high                  . 
_reflns_shell.d_res_low                   ? 
_reflns_shell.meanI_over_sigI_all         ? 
_reflns_shell.meanI_over_sigI_obs         ? 
_reflns_shell.number_measured_all         ? 
_reflns_shell.number_measured_obs         ? 
_reflns_shell.number_possible             ? 
_reflns_shell.number_unique_all           ? 
_reflns_shell.number_unique_obs           ? 
_reflns_shell.percent_possible_all        ? 
_reflns_shell.percent_possible_obs        ? 
_reflns_shell.Rmerge_F_all                ? 
_reflns_shell.Rmerge_F_obs                ? 
_reflns_shell.Rmerge_I_all                ? 
_reflns_shell.Rmerge_I_obs                ? 
_reflns_shell.meanI_over_sigI_gt          ? 
_reflns_shell.meanI_over_uI_all           ? 
_reflns_shell.meanI_over_uI_gt            ? 
_reflns_shell.number_measured_gt          ? 
_reflns_shell.number_unique_gt            ? 
_reflns_shell.percent_possible_gt         ? 
_reflns_shell.Rmerge_F_gt                 ? 
_reflns_shell.Rmerge_I_gt                 ? 
_reflns_shell.pdbx_redundancy             ? 
_reflns_shell.pdbx_Rsym_value             ? 
_reflns_shell.pdbx_chi_squared            ? 
_reflns_shell.pdbx_netI_over_sigmaI_all   ? 
_reflns_shell.pdbx_netI_over_sigmaI_obs   ? 
_reflns_shell.pdbx_Rrim_I_all             ? 
_reflns_shell.pdbx_Rpim_I_all             ? 
_reflns_shell.pdbx_rejects                ? 
_reflns_shell.pdbx_ordinal                1 
_reflns_shell.pdbx_diffrn_id              1 
_reflns_shell.pdbx_CC_half                ? 
_reflns_shell.pdbx_R_split                ? 
# 
_refine.aniso_B[1][1]                            -9.08540 
_refine.aniso_B[1][2]                            0.00000 
_refine.aniso_B[1][3]                            0.00000 
_refine.aniso_B[2][2]                            2.21100 
_refine.aniso_B[2][3]                            0.00000 
_refine.aniso_B[3][3]                            6.87440 
_refine.B_iso_max                                ? 
_refine.B_iso_mean                               40.03 
_refine.B_iso_min                                ? 
_refine.correlation_coeff_Fo_to_Fc               0.945 
_refine.correlation_coeff_Fo_to_Fc_free          0.920 
_refine.details                                  ? 
_refine.diff_density_max                         ? 
_refine.diff_density_max_esd                     ? 
_refine.diff_density_min                         ? 
_refine.diff_density_min_esd                     ? 
_refine.diff_density_rms                         ? 
_refine.diff_density_rms_esd                     ? 
_refine.entry_id                                 5UER 
_refine.pdbx_refine_id                           'X-RAY DIFFRACTION' 
_refine.ls_abs_structure_details                 ? 
_refine.ls_abs_structure_Flack                   ? 
_refine.ls_abs_structure_Flack_esd               ? 
_refine.ls_abs_structure_Rogers                  ? 
_refine.ls_abs_structure_Rogers_esd              ? 
_refine.ls_d_res_high                            1.87 
_refine.ls_d_res_low                             30.62 
_refine.ls_extinction_coef                       ? 
_refine.ls_extinction_coef_esd                   ? 
_refine.ls_extinction_expression                 ? 
_refine.ls_extinction_method                     ? 
_refine.ls_goodness_of_fit_all                   ? 
_refine.ls_goodness_of_fit_all_esd               ? 
_refine.ls_goodness_of_fit_obs                   ? 
_refine.ls_goodness_of_fit_obs_esd               ? 
_refine.ls_hydrogen_treatment                    ? 
_refine.ls_matrix_type                           ? 
_refine.ls_number_constraints                    ? 
_refine.ls_number_parameters                     ? 
_refine.ls_number_reflns_all                     ? 
_refine.ls_number_reflns_obs                     11549 
_refine.ls_number_reflns_R_free                  552 
_refine.ls_number_reflns_R_work                  ? 
_refine.ls_number_restraints                     ? 
_refine.ls_percent_reflns_obs                    96.2 
_refine.ls_percent_reflns_R_free                 4.780 
_refine.ls_R_factor_all                          ? 
_refine.ls_R_factor_obs                          0.202 
_refine.ls_R_factor_R_free                       0.243 
_refine.ls_R_factor_R_free_error                 0.02 
_refine.ls_R_factor_R_free_error_details         ? 
_refine.ls_R_factor_R_work                       0.200 
_refine.ls_R_Fsqd_factor_obs                     ? 
_refine.ls_R_I_factor_obs                        ? 
_refine.ls_redundancy_reflns_all                 ? 
_refine.ls_redundancy_reflns_obs                 ? 
_refine.ls_restrained_S_all                      ? 
_refine.ls_restrained_S_obs                      ? 
_refine.ls_shift_over_esd_max                    ? 
_refine.ls_shift_over_esd_mean                   ? 
_refine.ls_structure_factor_coef                 ? 
_refine.ls_weighting_details                     ? 
_refine.ls_weighting_scheme                      ? 
_refine.ls_wR_factor_all                         ? 
_refine.ls_wR_factor_obs                         ? 
_refine.ls_wR_factor_R_free                      ? 
_refine.ls_wR_factor_R_work                      ? 
_refine.occupancy_max                            ? 
_refine.occupancy_min                            ? 
_refine.solvent_model_details                    ? 
_refine.solvent_model_param_bsol                 ? 
_refine.solvent_model_param_ksol                 ? 
_refine.ls_R_factor_gt                           ? 
_refine.ls_goodness_of_fit_gt                    ? 
_refine.ls_goodness_of_fit_ref                   ? 
_refine.ls_shift_over_su_max                     ? 
_refine.ls_shift_over_su_max_lt                  ? 
_refine.ls_shift_over_su_mean                    ? 
_refine.ls_shift_over_su_mean_lt                 ? 
_refine.pdbx_ls_sigma_I                          ? 
_refine.pdbx_ls_sigma_F                          0.000 
_refine.pdbx_ls_sigma_Fsqd                       ? 
_refine.pdbx_data_cutoff_high_absF               ? 
_refine.pdbx_data_cutoff_high_rms_absF           ? 
_refine.pdbx_data_cutoff_low_absF                ? 
_refine.pdbx_isotropic_thermal_model             ? 
_refine.pdbx_ls_cross_valid_method               THROUGHOUT 
_refine.pdbx_method_to_determine_struct          ? 
_refine.pdbx_starting_model                      ? 
_refine.pdbx_stereochemistry_target_values       ? 
_refine.pdbx_R_Free_selection_details            RANDOM 
_refine.pdbx_stereochem_target_val_spec_case     ? 
_refine.pdbx_overall_ESU_R                       ? 
_refine.pdbx_overall_ESU_R_Free                  ? 
_refine.pdbx_solvent_vdw_probe_radii             ? 
_refine.pdbx_solvent_ion_probe_radii             ? 
_refine.pdbx_solvent_shrinkage_radii             ? 
_refine.pdbx_real_space_R                        ? 
_refine.pdbx_density_correlation                 ? 
_refine.pdbx_pd_number_of_powder_patterns        ? 
_refine.pdbx_pd_number_of_points                 ? 
_refine.pdbx_pd_meas_number_of_points            ? 
_refine.pdbx_pd_proc_ls_prof_R_factor            ? 
_refine.pdbx_pd_proc_ls_prof_wR_factor           ? 
_refine.pdbx_pd_Marquardt_correlation_coeff      ? 
_refine.pdbx_pd_Fsqrd_R_factor                   ? 
_refine.pdbx_pd_ls_matrix_band_width             ? 
_refine.pdbx_overall_phase_error                 ? 
_refine.pdbx_overall_SU_R_free_Cruickshank_DPI   0.139 
_refine.pdbx_overall_SU_R_free_Blow_DPI          0.151 
_refine.pdbx_overall_SU_R_Blow_DPI               0.166 
_refine.pdbx_TLS_residual_ADP_flag               ? 
_refine.pdbx_diffrn_id                           1 
_refine.overall_SU_B                             ? 
_refine.overall_SU_ML                            ? 
_refine.overall_SU_R_Cruickshank_DPI             0.144 
_refine.overall_SU_R_free                        ? 
_refine.overall_FOM_free_R_set                   ? 
_refine.overall_FOM_work_R_set                   ? 
_refine.pdbx_average_fsc_overall                 ? 
_refine.pdbx_average_fsc_work                    ? 
_refine.pdbx_average_fsc_free                    ? 
# 
_refine_analyze.entry_id                        5UER 
_refine_analyze.pdbx_refine_id                  'X-RAY DIFFRACTION' 
_refine_analyze.Luzzati_coordinate_error_free   ? 
_refine_analyze.Luzzati_coordinate_error_obs    0.28 
_refine_analyze.Luzzati_d_res_low_free          ? 
_refine_analyze.Luzzati_d_res_low_obs           ? 
_refine_analyze.Luzzati_sigma_a_free            ? 
_refine_analyze.Luzzati_sigma_a_free_details    ? 
_refine_analyze.Luzzati_sigma_a_obs             ? 
_refine_analyze.Luzzati_sigma_a_obs_details     ? 
_refine_analyze.number_disordered_residues      ? 
_refine_analyze.occupancy_sum_hydrogen          ? 
_refine_analyze.occupancy_sum_non_hydrogen      ? 
_refine_analyze.RG_d_res_high                   ? 
_refine_analyze.RG_d_res_low                    ? 
_refine_analyze.RG_free                         ? 
_refine_analyze.RG_work                         ? 
_refine_analyze.RG_free_work_ratio              ? 
_refine_analyze.pdbx_Luzzati_d_res_high_obs     ? 
# 
_refine_hist.pdbx_refine_id                   'X-RAY DIFFRACTION' 
_refine_hist.cycle_id                         1 
_refine_hist.pdbx_number_atoms_protein        892 
_refine_hist.pdbx_number_atoms_nucleic_acid   0 
_refine_hist.pdbx_number_atoms_ligand         29 
_refine_hist.number_atoms_solvent             142 
_refine_hist.number_atoms_total               1063 
_refine_hist.d_res_high                       1.87 
_refine_hist.d_res_low                        30.62 
# 
loop_
_refine_ls_restr.pdbx_refine_id 
_refine_ls_restr.criterion 
_refine_ls_restr.dev_ideal 
_refine_ls_restr.dev_ideal_target 
_refine_ls_restr.number 
_refine_ls_restr.rejects 
_refine_ls_restr.type 
_refine_ls_restr.weight 
_refine_ls_restr.pdbx_restraint_function 
'X-RAY DIFFRACTION' ? 0.010 ? 947  ? t_bond_d                  2.00  HARMONIC     
'X-RAY DIFFRACTION' ? 0.99  ? 1274 ? t_angle_deg               2.00  HARMONIC     
'X-RAY DIFFRACTION' ? ?     ? 333  ? t_dihedral_angle_d        2.00  SINUSOIDAL   
'X-RAY DIFFRACTION' ? ?     ? ?    ? t_incorr_chiral_ct        ?     ?            
'X-RAY DIFFRACTION' ? ?     ? ?    ? t_pseud_angle             ?     ?            
'X-RAY DIFFRACTION' ? ?     ? 21   ? t_trig_c_planes           2.00  HARMONIC     
'X-RAY DIFFRACTION' ? ?     ? 143  ? t_gen_planes              5.00  HARMONIC     
'X-RAY DIFFRACTION' ? ?     ? 947  ? t_it                      20.00 HARMONIC     
'X-RAY DIFFRACTION' ? ?     ? ?    ? t_nbd                     ?     ?            
'X-RAY DIFFRACTION' ? 2.78  ? ?    ? t_omega_torsion           ?     ?            
'X-RAY DIFFRACTION' ? 18.47 ? ?    ? t_other_torsion           ?     ?            
'X-RAY DIFFRACTION' ? ?     ? ?    ? t_improper_torsion        ?     ?            
'X-RAY DIFFRACTION' ? ?     ? 111  ? t_chiral_improper_torsion 5.00  SEMIHARMONIC 
'X-RAY DIFFRACTION' ? ?     ? ?    ? t_sum_occupancies         ?     ?            
'X-RAY DIFFRACTION' ? ?     ? ?    ? t_utility_distance        ?     ?            
'X-RAY DIFFRACTION' ? ?     ? ?    ? t_utility_angle           ?     ?            
'X-RAY DIFFRACTION' ? ?     ? ?    ? t_utility_torsion         ?     ?            
'X-RAY DIFFRACTION' ? ?     ? 1202 ? t_ideal_dist_contact      4.00  SEMIHARMONIC 
# 
_refine_ls_shell.pdbx_refine_id                   'X-RAY DIFFRACTION' 
_refine_ls_shell.d_res_high                       1.87 
_refine_ls_shell.d_res_low                        2.05 
_refine_ls_shell.number_reflns_all                2397 
_refine_ls_shell.number_reflns_obs                ? 
_refine_ls_shell.number_reflns_R_free             ? 
_refine_ls_shell.number_reflns_R_work             2302 
_refine_ls_shell.percent_reflns_obs               85.72 
_refine_ls_shell.percent_reflns_R_free            3.96 
_refine_ls_shell.R_factor_all                     0.252 
_refine_ls_shell.R_factor_obs                     ? 
_refine_ls_shell.R_factor_R_free                  0.301 
_refine_ls_shell.R_factor_R_free_error            0.000 
_refine_ls_shell.R_factor_R_work                  0.249 
_refine_ls_shell.redundancy_reflns_all            ? 
_refine_ls_shell.redundancy_reflns_obs            ? 
_refine_ls_shell.wR_factor_all                    ? 
_refine_ls_shell.wR_factor_obs                    ? 
_refine_ls_shell.wR_factor_R_free                 ? 
_refine_ls_shell.wR_factor_R_work                 ? 
_refine_ls_shell.pdbx_total_number_of_bins_used   6 
_refine_ls_shell.pdbx_phase_error                 ? 
_refine_ls_shell.pdbx_fsc_work                    ? 
_refine_ls_shell.pdbx_fsc_free                    ? 
# 
_struct.entry_id                     5UER 
_struct.title                        BRD4_BD2_A-1359930 
_struct.pdbx_model_details           ? 
_struct.pdbx_formula_weight          ? 
_struct.pdbx_formula_weight_method   ? 
_struct.pdbx_model_type_details      ? 
_struct.pdbx_CASP_flag               N 
# 
_struct_keywords.entry_id        5UER 
_struct_keywords.text            'SIGNALING PROTEIN-INHIBITOR complex' 
_struct_keywords.pdbx_keywords   'SIGNALING PROTEIN/INHIBITOR' 
# 
loop_
_struct_asym.id 
_struct_asym.pdbx_blank_PDB_chainid_flag 
_struct_asym.pdbx_modified 
_struct_asym.entity_id 
_struct_asym.details 
A N N 1 ? 
B N N 2 ? 
C N N 3 ? 
# 
_struct_ref.id                         1 
_struct_ref.db_name                    UNP 
_struct_ref.db_code                    BRD4_HUMAN 
_struct_ref.pdbx_db_accession          O60885 
_struct_ref.pdbx_db_isoform            ? 
_struct_ref.entity_id                  1 
_struct_ref.pdbx_seq_one_letter_code   
;EQLKCCSGILKEMFAKKHAAYAWPFYKPVDVEALGLHDYCDIIKHPMDMSTIKSKLEAREYRDAQEFGADVRLMFSNCYK
YNPPDHEVVAMARKLQDVFEMRFAKM
;
_struct_ref.pdbx_align_begin           352 
# 
_struct_ref_seq.align_id                      1 
_struct_ref_seq.ref_id                        1 
_struct_ref_seq.pdbx_PDB_id_code              5UER 
_struct_ref_seq.pdbx_strand_id                A 
_struct_ref_seq.seq_align_beg                 4 
_struct_ref_seq.pdbx_seq_align_beg_ins_code   ? 
_struct_ref_seq.seq_align_end                 109 
_struct_ref_seq.pdbx_seq_align_end_ins_code   ? 
_struct_ref_seq.pdbx_db_accession             O60885 
_struct_ref_seq.db_align_beg                  352 
_struct_ref_seq.pdbx_db_align_beg_ins_code    ? 
_struct_ref_seq.db_align_end                  457 
_struct_ref_seq.pdbx_db_align_end_ins_code    ? 
_struct_ref_seq.pdbx_auth_seq_align_beg       352 
_struct_ref_seq.pdbx_auth_seq_align_end       457 
# 
loop_
_struct_ref_seq_dif.align_id 
_struct_ref_seq_dif.pdbx_pdb_id_code 
_struct_ref_seq_dif.mon_id 
_struct_ref_seq_dif.pdbx_pdb_strand_id 
_struct_ref_seq_dif.seq_num 
_struct_ref_seq_dif.pdbx_pdb_ins_code 
_struct_ref_seq_dif.pdbx_seq_db_name 
_struct_ref_seq_dif.pdbx_seq_db_accession_code 
_struct_ref_seq_dif.db_mon_id 
_struct_ref_seq_dif.pdbx_seq_db_seq_num 
_struct_ref_seq_dif.details 
_struct_ref_seq_dif.pdbx_auth_seq_num 
_struct_ref_seq_dif.pdbx_ordinal 
1 5UER SER A 1 ? UNP O60885 ? ? 'expression tag' 349 1 
1 5UER HIS A 2 ? UNP O60885 ? ? 'expression tag' 350 2 
1 5UER MET A 3 ? UNP O60885 ? ? 'expression tag' 351 3 
# 
_pdbx_struct_assembly.id                   1 
_pdbx_struct_assembly.details              author_and_software_defined_assembly 
_pdbx_struct_assembly.method_details       PISA 
_pdbx_struct_assembly.oligomeric_details   monomeric 
_pdbx_struct_assembly.oligomeric_count     1 
# 
loop_
_pdbx_struct_assembly_prop.biol_id 
_pdbx_struct_assembly_prop.type 
_pdbx_struct_assembly_prop.value 
_pdbx_struct_assembly_prop.details 
1 'ABSA (A^2)' 0    ? 
1 MORE         0    ? 
1 'SSA (A^2)'  6690 ? 
# 
_pdbx_struct_assembly_gen.assembly_id       1 
_pdbx_struct_assembly_gen.oper_expression   1 
_pdbx_struct_assembly_gen.asym_id_list      A,B,C 
# 
_pdbx_struct_oper_list.id                   1 
_pdbx_struct_oper_list.type                 'identity operation' 
_pdbx_struct_oper_list.name                 1_555 
_pdbx_struct_oper_list.symmetry_operation   x,y,z 
_pdbx_struct_oper_list.matrix[1][1]         1.0000000000 
_pdbx_struct_oper_list.matrix[1][2]         0.0000000000 
_pdbx_struct_oper_list.matrix[1][3]         0.0000000000 
_pdbx_struct_oper_list.vector[1]            0.0000000000 
_pdbx_struct_oper_list.matrix[2][1]         0.0000000000 
_pdbx_struct_oper_list.matrix[2][2]         1.0000000000 
_pdbx_struct_oper_list.matrix[2][3]         0.0000000000 
_pdbx_struct_oper_list.vector[2]            0.0000000000 
_pdbx_struct_oper_list.matrix[3][1]         0.0000000000 
_pdbx_struct_oper_list.matrix[3][2]         0.0000000000 
_pdbx_struct_oper_list.matrix[3][3]         1.0000000000 
_pdbx_struct_oper_list.vector[3]            0.0000000000 
# 
loop_
_struct_conf.conf_type_id 
_struct_conf.id 
_struct_conf.pdbx_PDB_helix_id 
_struct_conf.beg_label_comp_id 
_struct_conf.beg_label_asym_id 
_struct_conf.beg_label_seq_id 
_struct_conf.pdbx_beg_PDB_ins_code 
_struct_conf.end_label_comp_id 
_struct_conf.end_label_asym_id 
_struct_conf.end_label_seq_id 
_struct_conf.pdbx_end_PDB_ins_code 
_struct_conf.beg_auth_comp_id 
_struct_conf.beg_auth_asym_id 
_struct_conf.beg_auth_seq_id 
_struct_conf.end_auth_comp_id 
_struct_conf.end_auth_asym_id 
_struct_conf.end_auth_seq_id 
_struct_conf.pdbx_PDB_helix_class 
_struct_conf.details 
_struct_conf.pdbx_PDB_helix_length 
HELX_P HELX_P1 AA1 SER A 1  ? PHE A 17  ? SER A 349 PHE A 365 1 ? 17 
HELX_P HELX_P2 AA2 ALA A 18 ? LYS A 20  ? ALA A 366 LYS A 368 5 ? 3  
HELX_P HELX_P3 AA3 HIS A 21 ? TRP A 26  ? HIS A 369 TRP A 374 1 ? 6  
HELX_P HELX_P4 AA4 PRO A 27 ? TYR A 29  ? PRO A 375 TYR A 377 5 ? 3  
HELX_P HELX_P5 AA5 ASP A 33 ? GLY A 38  ? ASP A 381 GLY A 386 1 ? 6  
HELX_P HELX_P6 AA6 ASP A 41 ? ILE A 46  ? ASP A 389 ILE A 394 1 ? 6  
HELX_P HELX_P7 AA7 ASP A 51 ? ARG A 62  ? ASP A 399 ARG A 410 1 ? 12 
HELX_P HELX_P8 AA8 ASP A 66 ? ASN A 85  ? ASP A 414 ASN A 433 1 ? 20 
HELX_P HELX_P9 AA9 HIS A 89 ? MET A 109 ? HIS A 437 MET A 457 1 ? 21 
# 
_struct_conf_type.id          HELX_P 
_struct_conf_type.criteria    ? 
_struct_conf_type.reference   ? 
# 
_struct_site.id                   AC1 
_struct_site.pdbx_evidence_code   Software 
_struct_site.pdbx_auth_asym_id    A 
_struct_site.pdbx_auth_comp_id    87P 
_struct_site.pdbx_auth_seq_id     501 
_struct_site.pdbx_auth_ins_code   ? 
_struct_site.pdbx_num_residues    14 
_struct_site.details              'binding site for residue 87P A 501' 
# 
loop_
_struct_site_gen.id 
_struct_site_gen.site_id 
_struct_site_gen.pdbx_num_res 
_struct_site_gen.label_comp_id 
_struct_site_gen.label_asym_id 
_struct_site_gen.label_seq_id 
_struct_site_gen.pdbx_auth_ins_code 
_struct_site_gen.auth_comp_id 
_struct_site_gen.auth_asym_id 
_struct_site_gen.auth_seq_id 
_struct_site_gen.label_atom_id 
_struct_site_gen.label_alt_id 
_struct_site_gen.symmetry 
_struct_site_gen.details 
1  AC1 14 TRP A 26 ? TRP A 374 . ? 1_555 ? 
2  AC1 14 PRO A 27 ? PRO A 375 . ? 1_555 ? 
3  AC1 14 PHE A 28 ? PHE A 376 . ? 1_555 ? 
4  AC1 14 LYS A 30 ? LYS A 378 . ? 1_555 ? 
5  AC1 14 PRO A 31 ? PRO A 379 . ? 1_555 ? 
6  AC1 14 VAL A 32 ? VAL A 380 . ? 1_555 ? 
7  AC1 14 ASP A 33 ? ASP A 381 . ? 1_555 ? 
8  AC1 14 LEU A 37 ? LEU A 385 . ? 1_555 ? 
9  AC1 14 ASN A 85 ? ASN A 433 . ? 1_555 ? 
10 AC1 14 HIS A 89 ? HIS A 437 . ? 1_555 ? 
11 AC1 14 GLU A 90 ? GLU A 438 . ? 1_555 ? 
12 AC1 14 MET A 94 ? MET A 442 . ? 1_555 ? 
13 AC1 14 HOH C .  ? HOH A 606 . ? 1_555 ? 
14 AC1 14 HOH C .  ? HOH A 650 . ? 1_555 ? 
# 
_pdbx_distant_solvent_atoms.id                                1 
_pdbx_distant_solvent_atoms.PDB_model_num                     1 
_pdbx_distant_solvent_atoms.auth_atom_id                      O 
_pdbx_distant_solvent_atoms.label_alt_id                      ? 
_pdbx_distant_solvent_atoms.auth_asym_id                      A 
_pdbx_distant_solvent_atoms.auth_comp_id                      HOH 
_pdbx_distant_solvent_atoms.auth_seq_id                       743 
_pdbx_distant_solvent_atoms.PDB_ins_code                      ? 
_pdbx_distant_solvent_atoms.neighbor_macromolecule_distance   7.91 
_pdbx_distant_solvent_atoms.neighbor_ligand_distance          . 
# 
loop_
_chem_comp_atom.comp_id 
_chem_comp_atom.atom_id 
_chem_comp_atom.type_symbol 
_chem_comp_atom.pdbx_aromatic_flag 
_chem_comp_atom.pdbx_stereo_config 
_chem_comp_atom.pdbx_ordinal 
87P C4   C Y N 1   
87P C5   C Y N 2   
87P C6   C Y N 3   
87P C7   C Y N 4   
87P C8   C Y N 5   
87P C10  C Y N 6   
87P C13  C Y N 7   
87P C15  C Y N 8   
87P C17  C N N 9   
87P C20  C N N 10  
87P C21  C N N 11  
87P C22  C N N 12  
87P C1   C Y N 13  
87P C2   C Y N 14  
87P C3   C Y N 15  
87P C9   C Y N 16  
87P C11  C Y N 17  
87P C12  C Y N 18  
87P C14  C Y N 19  
87P C16  C Y N 20  
87P C18  C N N 21  
87P C19  C N N 22  
87P N23  N Y N 23  
87P N24  N N N 24  
87P O25  O N N 25  
87P O26  O N N 26  
87P O27  O N N 27  
87P O28  O N N 28  
87P S29  S N N 29  
87P H1   H N N 30  
87P H2   H N N 31  
87P H3   H N N 32  
87P H4   H N N 33  
87P H5   H N N 34  
87P H6   H N N 35  
87P H7   H N N 36  
87P H8   H N N 37  
87P H9   H N N 38  
87P H10  H N N 39  
87P H11  H N N 40  
87P H12  H N N 41  
87P H13  H N N 42  
87P H14  H N N 43  
87P H15  H N N 44  
87P H16  H N N 45  
87P H17  H N N 46  
87P H18  H N N 47  
87P H19  H N N 48  
87P H20  H N N 49  
87P H21  H N N 50  
87P H22  H N N 51  
ALA N    N N N 52  
ALA CA   C N S 53  
ALA C    C N N 54  
ALA O    O N N 55  
ALA CB   C N N 56  
ALA OXT  O N N 57  
ALA H    H N N 58  
ALA H2   H N N 59  
ALA HA   H N N 60  
ALA HB1  H N N 61  
ALA HB2  H N N 62  
ALA HB3  H N N 63  
ALA HXT  H N N 64  
ARG N    N N N 65  
ARG CA   C N S 66  
ARG C    C N N 67  
ARG O    O N N 68  
ARG CB   C N N 69  
ARG CG   C N N 70  
ARG CD   C N N 71  
ARG NE   N N N 72  
ARG CZ   C N N 73  
ARG NH1  N N N 74  
ARG NH2  N N N 75  
ARG OXT  O N N 76  
ARG H    H N N 77  
ARG H2   H N N 78  
ARG HA   H N N 79  
ARG HB2  H N N 80  
ARG HB3  H N N 81  
ARG HG2  H N N 82  
ARG HG3  H N N 83  
ARG HD2  H N N 84  
ARG HD3  H N N 85  
ARG HE   H N N 86  
ARG HH11 H N N 87  
ARG HH12 H N N 88  
ARG HH21 H N N 89  
ARG HH22 H N N 90  
ARG HXT  H N N 91  
ASN N    N N N 92  
ASN CA   C N S 93  
ASN C    C N N 94  
ASN O    O N N 95  
ASN CB   C N N 96  
ASN CG   C N N 97  
ASN OD1  O N N 98  
ASN ND2  N N N 99  
ASN OXT  O N N 100 
ASN H    H N N 101 
ASN H2   H N N 102 
ASN HA   H N N 103 
ASN HB2  H N N 104 
ASN HB3  H N N 105 
ASN HD21 H N N 106 
ASN HD22 H N N 107 
ASN HXT  H N N 108 
ASP N    N N N 109 
ASP CA   C N S 110 
ASP C    C N N 111 
ASP O    O N N 112 
ASP CB   C N N 113 
ASP CG   C N N 114 
ASP OD1  O N N 115 
ASP OD2  O N N 116 
ASP OXT  O N N 117 
ASP H    H N N 118 
ASP H2   H N N 119 
ASP HA   H N N 120 
ASP HB2  H N N 121 
ASP HB3  H N N 122 
ASP HD2  H N N 123 
ASP HXT  H N N 124 
CYS N    N N N 125 
CYS CA   C N R 126 
CYS C    C N N 127 
CYS O    O N N 128 
CYS CB   C N N 129 
CYS SG   S N N 130 
CYS OXT  O N N 131 
CYS H    H N N 132 
CYS H2   H N N 133 
CYS HA   H N N 134 
CYS HB2  H N N 135 
CYS HB3  H N N 136 
CYS HG   H N N 137 
CYS HXT  H N N 138 
GLN N    N N N 139 
GLN CA   C N S 140 
GLN C    C N N 141 
GLN O    O N N 142 
GLN CB   C N N 143 
GLN CG   C N N 144 
GLN CD   C N N 145 
GLN OE1  O N N 146 
GLN NE2  N N N 147 
GLN OXT  O N N 148 
GLN H    H N N 149 
GLN H2   H N N 150 
GLN HA   H N N 151 
GLN HB2  H N N 152 
GLN HB3  H N N 153 
GLN HG2  H N N 154 
GLN HG3  H N N 155 
GLN HE21 H N N 156 
GLN HE22 H N N 157 
GLN HXT  H N N 158 
GLU N    N N N 159 
GLU CA   C N S 160 
GLU C    C N N 161 
GLU O    O N N 162 
GLU CB   C N N 163 
GLU CG   C N N 164 
GLU CD   C N N 165 
GLU OE1  O N N 166 
GLU OE2  O N N 167 
GLU OXT  O N N 168 
GLU H    H N N 169 
GLU H2   H N N 170 
GLU HA   H N N 171 
GLU HB2  H N N 172 
GLU HB3  H N N 173 
GLU HG2  H N N 174 
GLU HG3  H N N 175 
GLU HE2  H N N 176 
GLU HXT  H N N 177 
GLY N    N N N 178 
GLY CA   C N N 179 
GLY C    C N N 180 
GLY O    O N N 181 
GLY OXT  O N N 182 
GLY H    H N N 183 
GLY H2   H N N 184 
GLY HA2  H N N 185 
GLY HA3  H N N 186 
GLY HXT  H N N 187 
HIS N    N N N 188 
HIS CA   C N S 189 
HIS C    C N N 190 
HIS O    O N N 191 
HIS CB   C N N 192 
HIS CG   C Y N 193 
HIS ND1  N Y N 194 
HIS CD2  C Y N 195 
HIS CE1  C Y N 196 
HIS NE2  N Y N 197 
HIS OXT  O N N 198 
HIS H    H N N 199 
HIS H2   H N N 200 
HIS HA   H N N 201 
HIS HB2  H N N 202 
HIS HB3  H N N 203 
HIS HD1  H N N 204 
HIS HD2  H N N 205 
HIS HE1  H N N 206 
HIS HE2  H N N 207 
HIS HXT  H N N 208 
HOH O    O N N 209 
HOH H1   H N N 210 
HOH H2   H N N 211 
ILE N    N N N 212 
ILE CA   C N S 213 
ILE C    C N N 214 
ILE O    O N N 215 
ILE CB   C N S 216 
ILE CG1  C N N 217 
ILE CG2  C N N 218 
ILE CD1  C N N 219 
ILE OXT  O N N 220 
ILE H    H N N 221 
ILE H2   H N N 222 
ILE HA   H N N 223 
ILE HB   H N N 224 
ILE HG12 H N N 225 
ILE HG13 H N N 226 
ILE HG21 H N N 227 
ILE HG22 H N N 228 
ILE HG23 H N N 229 
ILE HD11 H N N 230 
ILE HD12 H N N 231 
ILE HD13 H N N 232 
ILE HXT  H N N 233 
LEU N    N N N 234 
LEU CA   C N S 235 
LEU C    C N N 236 
LEU O    O N N 237 
LEU CB   C N N 238 
LEU CG   C N N 239 
LEU CD1  C N N 240 
LEU CD2  C N N 241 
LEU OXT  O N N 242 
LEU H    H N N 243 
LEU H2   H N N 244 
LEU HA   H N N 245 
LEU HB2  H N N 246 
LEU HB3  H N N 247 
LEU HG   H N N 248 
LEU HD11 H N N 249 
LEU HD12 H N N 250 
LEU HD13 H N N 251 
LEU HD21 H N N 252 
LEU HD22 H N N 253 
LEU HD23 H N N 254 
LEU HXT  H N N 255 
LYS N    N N N 256 
LYS CA   C N S 257 
LYS C    C N N 258 
LYS O    O N N 259 
LYS CB   C N N 260 
LYS CG   C N N 261 
LYS CD   C N N 262 
LYS CE   C N N 263 
LYS NZ   N N N 264 
LYS OXT  O N N 265 
LYS H    H N N 266 
LYS H2   H N N 267 
LYS HA   H N N 268 
LYS HB2  H N N 269 
LYS HB3  H N N 270 
LYS HG2  H N N 271 
LYS HG3  H N N 272 
LYS HD2  H N N 273 
LYS HD3  H N N 274 
LYS HE2  H N N 275 
LYS HE3  H N N 276 
LYS HZ1  H N N 277 
LYS HZ2  H N N 278 
LYS HZ3  H N N 279 
LYS HXT  H N N 280 
MET N    N N N 281 
MET CA   C N S 282 
MET C    C N N 283 
MET O    O N N 284 
MET CB   C N N 285 
MET CG   C N N 286 
MET SD   S N N 287 
MET CE   C N N 288 
MET OXT  O N N 289 
MET H    H N N 290 
MET H2   H N N 291 
MET HA   H N N 292 
MET HB2  H N N 293 
MET HB3  H N N 294 
MET HG2  H N N 295 
MET HG3  H N N 296 
MET HE1  H N N 297 
MET HE2  H N N 298 
MET HE3  H N N 299 
MET HXT  H N N 300 
PHE N    N N N 301 
PHE CA   C N S 302 
PHE C    C N N 303 
PHE O    O N N 304 
PHE CB   C N N 305 
PHE CG   C Y N 306 
PHE CD1  C Y N 307 
PHE CD2  C Y N 308 
PHE CE1  C Y N 309 
PHE CE2  C Y N 310 
PHE CZ   C Y N 311 
PHE OXT  O N N 312 
PHE H    H N N 313 
PHE H2   H N N 314 
PHE HA   H N N 315 
PHE HB2  H N N 316 
PHE HB3  H N N 317 
PHE HD1  H N N 318 
PHE HD2  H N N 319 
PHE HE1  H N N 320 
PHE HE2  H N N 321 
PHE HZ   H N N 322 
PHE HXT  H N N 323 
PRO N    N N N 324 
PRO CA   C N S 325 
PRO C    C N N 326 
PRO O    O N N 327 
PRO CB   C N N 328 
PRO CG   C N N 329 
PRO CD   C N N 330 
PRO OXT  O N N 331 
PRO H    H N N 332 
PRO HA   H N N 333 
PRO HB2  H N N 334 
PRO HB3  H N N 335 
PRO HG2  H N N 336 
PRO HG3  H N N 337 
PRO HD2  H N N 338 
PRO HD3  H N N 339 
PRO HXT  H N N 340 
SER N    N N N 341 
SER CA   C N S 342 
SER C    C N N 343 
SER O    O N N 344 
SER CB   C N N 345 
SER OG   O N N 346 
SER OXT  O N N 347 
SER H    H N N 348 
SER H2   H N N 349 
SER HA   H N N 350 
SER HB2  H N N 351 
SER HB3  H N N 352 
SER HG   H N N 353 
SER HXT  H N N 354 
THR N    N N N 355 
THR CA   C N S 356 
THR C    C N N 357 
THR O    O N N 358 
THR CB   C N R 359 
THR OG1  O N N 360 
THR CG2  C N N 361 
THR OXT  O N N 362 
THR H    H N N 363 
THR H2   H N N 364 
THR HA   H N N 365 
THR HB   H N N 366 
THR HG1  H N N 367 
THR HG21 H N N 368 
THR HG22 H N N 369 
THR HG23 H N N 370 
THR HXT  H N N 371 
TRP N    N N N 372 
TRP CA   C N S 373 
TRP C    C N N 374 
TRP O    O N N 375 
TRP CB   C N N 376 
TRP CG   C Y N 377 
TRP CD1  C Y N 378 
TRP CD2  C Y N 379 
TRP NE1  N Y N 380 
TRP CE2  C Y N 381 
TRP CE3  C Y N 382 
TRP CZ2  C Y N 383 
TRP CZ3  C Y N 384 
TRP CH2  C Y N 385 
TRP OXT  O N N 386 
TRP H    H N N 387 
TRP H2   H N N 388 
TRP HA   H N N 389 
TRP HB2  H N N 390 
TRP HB3  H N N 391 
TRP HD1  H N N 392 
TRP HE1  H N N 393 
TRP HE3  H N N 394 
TRP HZ2  H N N 395 
TRP HZ3  H N N 396 
TRP HH2  H N N 397 
TRP HXT  H N N 398 
TYR N    N N N 399 
TYR CA   C N S 400 
TYR C    C N N 401 
TYR O    O N N 402 
TYR CB   C N N 403 
TYR CG   C Y N 404 
TYR CD1  C Y N 405 
TYR CD2  C Y N 406 
TYR CE1  C Y N 407 
TYR CE2  C Y N 408 
TYR CZ   C Y N 409 
TYR OH   O N N 410 
TYR OXT  O N N 411 
TYR H    H N N 412 
TYR H2   H N N 413 
TYR HA   H N N 414 
TYR HB2  H N N 415 
TYR HB3  H N N 416 
TYR HD1  H N N 417 
TYR HD2  H N N 418 
TYR HE1  H N N 419 
TYR HE2  H N N 420 
TYR HH   H N N 421 
TYR HXT  H N N 422 
VAL N    N N N 423 
VAL CA   C N S 424 
VAL C    C N N 425 
VAL O    O N N 426 
VAL CB   C N N 427 
VAL CG1  C N N 428 
VAL CG2  C N N 429 
VAL OXT  O N N 430 
VAL H    H N N 431 
VAL H2   H N N 432 
VAL HA   H N N 433 
VAL HB   H N N 434 
VAL HG11 H N N 435 
VAL HG12 H N N 436 
VAL HG13 H N N 437 
VAL HG21 H N N 438 
VAL HG22 H N N 439 
VAL HG23 H N N 440 
VAL HXT  H N N 441 
# 
loop_
_chem_comp_bond.comp_id 
_chem_comp_bond.atom_id_1 
_chem_comp_bond.atom_id_2 
_chem_comp_bond.value_order 
_chem_comp_bond.pdbx_aromatic_flag 
_chem_comp_bond.pdbx_stereo_config 
_chem_comp_bond.pdbx_ordinal 
87P C19 C17  sing N N 1   
87P C19 C20  sing N N 2   
87P O27 S29  doub N N 3   
87P C22 S29  sing N N 4   
87P O26 S29  doub N N 5   
87P O25 C17  doub N N 6   
87P S29 N24  sing N N 7   
87P C17 C10  sing N N 8   
87P C20 C18  sing N N 9   
87P C18 C11  sing N N 10  
87P C10 C11  sing Y N 11  
87P C10 C16  doub Y N 12  
87P C11 C15  doub Y N 13  
87P C16 C21  sing N N 14  
87P C16 N23  sing Y N 15  
87P N24 C12  sing N N 16  
87P C8  C12  doub Y N 17  
87P C8  C9   sing Y N 18  
87P C15 N23  sing Y N 19  
87P C15 C9   sing N N 20  
87P C12 C4   sing Y N 21  
87P C9  C14  doub Y N 22  
87P C4  C7   doub Y N 23  
87P C14 C7   sing Y N 24  
87P C14 O28  sing N N 25  
87P O28 C13  sing N N 26  
87P C5  C13  doub Y N 27  
87P C5  C2   sing Y N 28  
87P C13 C6   sing Y N 29  
87P C2  C1   doub Y N 30  
87P C6  C3   doub Y N 31  
87P C1  C3   sing Y N 32  
87P C4  H1   sing N N 33  
87P C5  H2   sing N N 34  
87P C6  H3   sing N N 35  
87P C7  H4   sing N N 36  
87P C8  H5   sing N N 37  
87P C20 H6   sing N N 38  
87P C20 H7   sing N N 39  
87P C21 H8   sing N N 40  
87P C21 H9   sing N N 41  
87P C21 H10  sing N N 42  
87P C22 H11  sing N N 43  
87P C22 H12  sing N N 44  
87P C22 H13  sing N N 45  
87P C1  H14  sing N N 46  
87P C2  H15  sing N N 47  
87P C3  H16  sing N N 48  
87P C18 H17  sing N N 49  
87P C18 H18  sing N N 50  
87P C19 H19  sing N N 51  
87P C19 H20  sing N N 52  
87P N23 H21  sing N N 53  
87P N24 H22  sing N N 54  
ALA N   CA   sing N N 55  
ALA N   H    sing N N 56  
ALA N   H2   sing N N 57  
ALA CA  C    sing N N 58  
ALA CA  CB   sing N N 59  
ALA CA  HA   sing N N 60  
ALA C   O    doub N N 61  
ALA C   OXT  sing N N 62  
ALA CB  HB1  sing N N 63  
ALA CB  HB2  sing N N 64  
ALA CB  HB3  sing N N 65  
ALA OXT HXT  sing N N 66  
ARG N   CA   sing N N 67  
ARG N   H    sing N N 68  
ARG N   H2   sing N N 69  
ARG CA  C    sing N N 70  
ARG CA  CB   sing N N 71  
ARG CA  HA   sing N N 72  
ARG C   O    doub N N 73  
ARG C   OXT  sing N N 74  
ARG CB  CG   sing N N 75  
ARG CB  HB2  sing N N 76  
ARG CB  HB3  sing N N 77  
ARG CG  CD   sing N N 78  
ARG CG  HG2  sing N N 79  
ARG CG  HG3  sing N N 80  
ARG CD  NE   sing N N 81  
ARG CD  HD2  sing N N 82  
ARG CD  HD3  sing N N 83  
ARG NE  CZ   sing N N 84  
ARG NE  HE   sing N N 85  
ARG CZ  NH1  sing N N 86  
ARG CZ  NH2  doub N N 87  
ARG NH1 HH11 sing N N 88  
ARG NH1 HH12 sing N N 89  
ARG NH2 HH21 sing N N 90  
ARG NH2 HH22 sing N N 91  
ARG OXT HXT  sing N N 92  
ASN N   CA   sing N N 93  
ASN N   H    sing N N 94  
ASN N   H2   sing N N 95  
ASN CA  C    sing N N 96  
ASN CA  CB   sing N N 97  
ASN CA  HA   sing N N 98  
ASN C   O    doub N N 99  
ASN C   OXT  sing N N 100 
ASN CB  CG   sing N N 101 
ASN CB  HB2  sing N N 102 
ASN CB  HB3  sing N N 103 
ASN CG  OD1  doub N N 104 
ASN CG  ND2  sing N N 105 
ASN ND2 HD21 sing N N 106 
ASN ND2 HD22 sing N N 107 
ASN OXT HXT  sing N N 108 
ASP N   CA   sing N N 109 
ASP N   H    sing N N 110 
ASP N   H2   sing N N 111 
ASP CA  C    sing N N 112 
ASP CA  CB   sing N N 113 
ASP CA  HA   sing N N 114 
ASP C   O    doub N N 115 
ASP C   OXT  sing N N 116 
ASP CB  CG   sing N N 117 
ASP CB  HB2  sing N N 118 
ASP CB  HB3  sing N N 119 
ASP CG  OD1  doub N N 120 
ASP CG  OD2  sing N N 121 
ASP OD2 HD2  sing N N 122 
ASP OXT HXT  sing N N 123 
CYS N   CA   sing N N 124 
CYS N   H    sing N N 125 
CYS N   H2   sing N N 126 
CYS CA  C    sing N N 127 
CYS CA  CB   sing N N 128 
CYS CA  HA   sing N N 129 
CYS C   O    doub N N 130 
CYS C   OXT  sing N N 131 
CYS CB  SG   sing N N 132 
CYS CB  HB2  sing N N 133 
CYS CB  HB3  sing N N 134 
CYS SG  HG   sing N N 135 
CYS OXT HXT  sing N N 136 
GLN N   CA   sing N N 137 
GLN N   H    sing N N 138 
GLN N   H2   sing N N 139 
GLN CA  C    sing N N 140 
GLN CA  CB   sing N N 141 
GLN CA  HA   sing N N 142 
GLN C   O    doub N N 143 
GLN C   OXT  sing N N 144 
GLN CB  CG   sing N N 145 
GLN CB  HB2  sing N N 146 
GLN CB  HB3  sing N N 147 
GLN CG  CD   sing N N 148 
GLN CG  HG2  sing N N 149 
GLN CG  HG3  sing N N 150 
GLN CD  OE1  doub N N 151 
GLN CD  NE2  sing N N 152 
GLN NE2 HE21 sing N N 153 
GLN NE2 HE22 sing N N 154 
GLN OXT HXT  sing N N 155 
GLU N   CA   sing N N 156 
GLU N   H    sing N N 157 
GLU N   H2   sing N N 158 
GLU CA  C    sing N N 159 
GLU CA  CB   sing N N 160 
GLU CA  HA   sing N N 161 
GLU C   O    doub N N 162 
GLU C   OXT  sing N N 163 
GLU CB  CG   sing N N 164 
GLU CB  HB2  sing N N 165 
GLU CB  HB3  sing N N 166 
GLU CG  CD   sing N N 167 
GLU CG  HG2  sing N N 168 
GLU CG  HG3  sing N N 169 
GLU CD  OE1  doub N N 170 
GLU CD  OE2  sing N N 171 
GLU OE2 HE2  sing N N 172 
GLU OXT HXT  sing N N 173 
GLY N   CA   sing N N 174 
GLY N   H    sing N N 175 
GLY N   H2   sing N N 176 
GLY CA  C    sing N N 177 
GLY CA  HA2  sing N N 178 
GLY CA  HA3  sing N N 179 
GLY C   O    doub N N 180 
GLY C   OXT  sing N N 181 
GLY OXT HXT  sing N N 182 
HIS N   CA   sing N N 183 
HIS N   H    sing N N 184 
HIS N   H2   sing N N 185 
HIS CA  C    sing N N 186 
HIS CA  CB   sing N N 187 
HIS CA  HA   sing N N 188 
HIS C   O    doub N N 189 
HIS C   OXT  sing N N 190 
HIS CB  CG   sing N N 191 
HIS CB  HB2  sing N N 192 
HIS CB  HB3  sing N N 193 
HIS CG  ND1  sing Y N 194 
HIS CG  CD2  doub Y N 195 
HIS ND1 CE1  doub Y N 196 
HIS ND1 HD1  sing N N 197 
HIS CD2 NE2  sing Y N 198 
HIS CD2 HD2  sing N N 199 
HIS CE1 NE2  sing Y N 200 
HIS CE1 HE1  sing N N 201 
HIS NE2 HE2  sing N N 202 
HIS OXT HXT  sing N N 203 
HOH O   H1   sing N N 204 
HOH O   H2   sing N N 205 
ILE N   CA   sing N N 206 
ILE N   H    sing N N 207 
ILE N   H2   sing N N 208 
ILE CA  C    sing N N 209 
ILE CA  CB   sing N N 210 
ILE CA  HA   sing N N 211 
ILE C   O    doub N N 212 
ILE C   OXT  sing N N 213 
ILE CB  CG1  sing N N 214 
ILE CB  CG2  sing N N 215 
ILE CB  HB   sing N N 216 
ILE CG1 CD1  sing N N 217 
ILE CG1 HG12 sing N N 218 
ILE CG1 HG13 sing N N 219 
ILE CG2 HG21 sing N N 220 
ILE CG2 HG22 sing N N 221 
ILE CG2 HG23 sing N N 222 
ILE CD1 HD11 sing N N 223 
ILE CD1 HD12 sing N N 224 
ILE CD1 HD13 sing N N 225 
ILE OXT HXT  sing N N 226 
LEU N   CA   sing N N 227 
LEU N   H    sing N N 228 
LEU N   H2   sing N N 229 
LEU CA  C    sing N N 230 
LEU CA  CB   sing N N 231 
LEU CA  HA   sing N N 232 
LEU C   O    doub N N 233 
LEU C   OXT  sing N N 234 
LEU CB  CG   sing N N 235 
LEU CB  HB2  sing N N 236 
LEU CB  HB3  sing N N 237 
LEU CG  CD1  sing N N 238 
LEU CG  CD2  sing N N 239 
LEU CG  HG   sing N N 240 
LEU CD1 HD11 sing N N 241 
LEU CD1 HD12 sing N N 242 
LEU CD1 HD13 sing N N 243 
LEU CD2 HD21 sing N N 244 
LEU CD2 HD22 sing N N 245 
LEU CD2 HD23 sing N N 246 
LEU OXT HXT  sing N N 247 
LYS N   CA   sing N N 248 
LYS N   H    sing N N 249 
LYS N   H2   sing N N 250 
LYS CA  C    sing N N 251 
LYS CA  CB   sing N N 252 
LYS CA  HA   sing N N 253 
LYS C   O    doub N N 254 
LYS C   OXT  sing N N 255 
LYS CB  CG   sing N N 256 
LYS CB  HB2  sing N N 257 
LYS CB  HB3  sing N N 258 
LYS CG  CD   sing N N 259 
LYS CG  HG2  sing N N 260 
LYS CG  HG3  sing N N 261 
LYS CD  CE   sing N N 262 
LYS CD  HD2  sing N N 263 
LYS CD  HD3  sing N N 264 
LYS CE  NZ   sing N N 265 
LYS CE  HE2  sing N N 266 
LYS CE  HE3  sing N N 267 
LYS NZ  HZ1  sing N N 268 
LYS NZ  HZ2  sing N N 269 
LYS NZ  HZ3  sing N N 270 
LYS OXT HXT  sing N N 271 
MET N   CA   sing N N 272 
MET N   H    sing N N 273 
MET N   H2   sing N N 274 
MET CA  C    sing N N 275 
MET CA  CB   sing N N 276 
MET CA  HA   sing N N 277 
MET C   O    doub N N 278 
MET C   OXT  sing N N 279 
MET CB  CG   sing N N 280 
MET CB  HB2  sing N N 281 
MET CB  HB3  sing N N 282 
MET CG  SD   sing N N 283 
MET CG  HG2  sing N N 284 
MET CG  HG3  sing N N 285 
MET SD  CE   sing N N 286 
MET CE  HE1  sing N N 287 
MET CE  HE2  sing N N 288 
MET CE  HE3  sing N N 289 
MET OXT HXT  sing N N 290 
PHE N   CA   sing N N 291 
PHE N   H    sing N N 292 
PHE N   H2   sing N N 293 
PHE CA  C    sing N N 294 
PHE CA  CB   sing N N 295 
PHE CA  HA   sing N N 296 
PHE C   O    doub N N 297 
PHE C   OXT  sing N N 298 
PHE CB  CG   sing N N 299 
PHE CB  HB2  sing N N 300 
PHE CB  HB3  sing N N 301 
PHE CG  CD1  doub Y N 302 
PHE CG  CD2  sing Y N 303 
PHE CD1 CE1  sing Y N 304 
PHE CD1 HD1  sing N N 305 
PHE CD2 CE2  doub Y N 306 
PHE CD2 HD2  sing N N 307 
PHE CE1 CZ   doub Y N 308 
PHE CE1 HE1  sing N N 309 
PHE CE2 CZ   sing Y N 310 
PHE CE2 HE2  sing N N 311 
PHE CZ  HZ   sing N N 312 
PHE OXT HXT  sing N N 313 
PRO N   CA   sing N N 314 
PRO N   CD   sing N N 315 
PRO N   H    sing N N 316 
PRO CA  C    sing N N 317 
PRO CA  CB   sing N N 318 
PRO CA  HA   sing N N 319 
PRO C   O    doub N N 320 
PRO C   OXT  sing N N 321 
PRO CB  CG   sing N N 322 
PRO CB  HB2  sing N N 323 
PRO CB  HB3  sing N N 324 
PRO CG  CD   sing N N 325 
PRO CG  HG2  sing N N 326 
PRO CG  HG3  sing N N 327 
PRO CD  HD2  sing N N 328 
PRO CD  HD3  sing N N 329 
PRO OXT HXT  sing N N 330 
SER N   CA   sing N N 331 
SER N   H    sing N N 332 
SER N   H2   sing N N 333 
SER CA  C    sing N N 334 
SER CA  CB   sing N N 335 
SER CA  HA   sing N N 336 
SER C   O    doub N N 337 
SER C   OXT  sing N N 338 
SER CB  OG   sing N N 339 
SER CB  HB2  sing N N 340 
SER CB  HB3  sing N N 341 
SER OG  HG   sing N N 342 
SER OXT HXT  sing N N 343 
THR N   CA   sing N N 344 
THR N   H    sing N N 345 
THR N   H2   sing N N 346 
THR CA  C    sing N N 347 
THR CA  CB   sing N N 348 
THR CA  HA   sing N N 349 
THR C   O    doub N N 350 
THR C   OXT  sing N N 351 
THR CB  OG1  sing N N 352 
THR CB  CG2  sing N N 353 
THR CB  HB   sing N N 354 
THR OG1 HG1  sing N N 355 
THR CG2 HG21 sing N N 356 
THR CG2 HG22 sing N N 357 
THR CG2 HG23 sing N N 358 
THR OXT HXT  sing N N 359 
TRP N   CA   sing N N 360 
TRP N   H    sing N N 361 
TRP N   H2   sing N N 362 
TRP CA  C    sing N N 363 
TRP CA  CB   sing N N 364 
TRP CA  HA   sing N N 365 
TRP C   O    doub N N 366 
TRP C   OXT  sing N N 367 
TRP CB  CG   sing N N 368 
TRP CB  HB2  sing N N 369 
TRP CB  HB3  sing N N 370 
TRP CG  CD1  doub Y N 371 
TRP CG  CD2  sing Y N 372 
TRP CD1 NE1  sing Y N 373 
TRP CD1 HD1  sing N N 374 
TRP CD2 CE2  doub Y N 375 
TRP CD2 CE3  sing Y N 376 
TRP NE1 CE2  sing Y N 377 
TRP NE1 HE1  sing N N 378 
TRP CE2 CZ2  sing Y N 379 
TRP CE3 CZ3  doub Y N 380 
TRP CE3 HE3  sing N N 381 
TRP CZ2 CH2  doub Y N 382 
TRP CZ2 HZ2  sing N N 383 
TRP CZ3 CH2  sing Y N 384 
TRP CZ3 HZ3  sing N N 385 
TRP CH2 HH2  sing N N 386 
TRP OXT HXT  sing N N 387 
TYR N   CA   sing N N 388 
TYR N   H    sing N N 389 
TYR N   H2   sing N N 390 
TYR CA  C    sing N N 391 
TYR CA  CB   sing N N 392 
TYR CA  HA   sing N N 393 
TYR C   O    doub N N 394 
TYR C   OXT  sing N N 395 
TYR CB  CG   sing N N 396 
TYR CB  HB2  sing N N 397 
TYR CB  HB3  sing N N 398 
TYR CG  CD1  doub Y N 399 
TYR CG  CD2  sing Y N 400 
TYR CD1 CE1  sing Y N 401 
TYR CD1 HD1  sing N N 402 
TYR CD2 CE2  doub Y N 403 
TYR CD2 HD2  sing N N 404 
TYR CE1 CZ   doub Y N 405 
TYR CE1 HE1  sing N N 406 
TYR CE2 CZ   sing Y N 407 
TYR CE2 HE2  sing N N 408 
TYR CZ  OH   sing N N 409 
TYR OH  HH   sing N N 410 
TYR OXT HXT  sing N N 411 
VAL N   CA   sing N N 412 
VAL N   H    sing N N 413 
VAL N   H2   sing N N 414 
VAL CA  C    sing N N 415 
VAL CA  CB   sing N N 416 
VAL CA  HA   sing N N 417 
VAL C   O    doub N N 418 
VAL C   OXT  sing N N 419 
VAL CB  CG1  sing N N 420 
VAL CB  CG2  sing N N 421 
VAL CB  HB   sing N N 422 
VAL CG1 HG11 sing N N 423 
VAL CG1 HG12 sing N N 424 
VAL CG1 HG13 sing N N 425 
VAL CG2 HG21 sing N N 426 
VAL CG2 HG22 sing N N 427 
VAL CG2 HG23 sing N N 428 
VAL OXT HXT  sing N N 429 
# 
_atom_sites.entry_id                    5UER 
_atom_sites.fract_transf_matrix[1][1]   -0.01227874 
_atom_sites.fract_transf_matrix[1][2]   -0.01043984 
_atom_sites.fract_transf_matrix[1][3]   -0.00717020 
_atom_sites.fract_transf_matrix[2][1]   -0.00134888 
_atom_sites.fract_transf_matrix[2][2]   -0.00670091 
_atom_sites.fract_transf_matrix[2][3]   0.01206647 
_atom_sites.fract_transf_matrix[3][1]   -0.02103608 
_atom_sites.fract_transf_matrix[3][2]   0.01907943 
_atom_sites.fract_transf_matrix[3][3]   0.00824388 
_atom_sites.fract_transf_vector[1]      0.319498 
_atom_sites.fract_transf_vector[2]      0.055308 
_atom_sites.fract_transf_vector[3]      0.314335 
# 
loop_
_atom_type.symbol 
C 
N 
O 
S 
# 
loop_
_atom_site.group_PDB 
_atom_site.id 
_atom_site.type_symbol 
_atom_site.label_atom_id 
_atom_site.label_alt_id 
_atom_site.label_comp_id 
_atom_site.label_asym_id 
_atom_site.label_entity_id 
_atom_site.label_seq_id 
_atom_site.pdbx_PDB_ins_code 
_atom_site.Cartn_x 
_atom_site.Cartn_y 
_atom_site.Cartn_z 
_atom_site.occupancy 
_atom_site.B_iso_or_equiv 
_atom_site.pdbx_formal_charge 
_atom_site.auth_seq_id 
_atom_site.auth_comp_id 
_atom_site.auth_asym_id 
_atom_site.auth_atom_id 
_atom_site.pdbx_PDB_model_num 
ATOM   1    N N   . SER A 1 1   ? 11.764  0.243   -21.328 1.00 74.70  ? 349 SER A N   1 
ATOM   2    C CA  . SER A 1 1   ? 12.767  0.582   -20.321 1.00 74.51  ? 349 SER A CA  1 
ATOM   3    C C   . SER A 1 1   ? 12.200  0.374   -18.920 1.00 78.70  ? 349 SER A C   1 
ATOM   4    O O   . SER A 1 1   ? 11.145  0.930   -18.591 1.00 78.71  ? 349 SER A O   1 
ATOM   5    C CB  . SER A 1 1   ? 13.237  2.025   -20.497 1.00 77.57  ? 349 SER A CB  1 
ATOM   6    O OG  . SER A 1 1   ? 14.267  2.367   -19.582 1.00 84.11  ? 349 SER A OG  1 
ATOM   7    N N   . HIS A 1 2   ? 12.893  -0.431  -18.094 1.00 74.60  ? 350 HIS A N   1 
ATOM   8    C CA  . HIS A 1 2   ? 12.448  -0.693  -16.726 1.00 74.06  ? 350 HIS A CA  1 
ATOM   9    C C   . HIS A 1 2   ? 12.832  0.451   -15.787 1.00 74.91  ? 350 HIS A C   1 
ATOM   10   O O   . HIS A 1 2   ? 12.211  0.608   -14.735 1.00 74.29  ? 350 HIS A O   1 
ATOM   11   C CB  . HIS A 1 2   ? 12.905  -2.075  -16.227 1.00 75.37  ? 350 HIS A CB  1 
ATOM   12   C CG  . HIS A 1 2   ? 12.030  -3.204  -16.703 1.00 79.23  ? 350 HIS A CG  1 
ATOM   13   N ND1 . HIS A 1 2   ? 11.928  -4.385  -15.989 1.00 81.27  ? 350 HIS A ND1 1 
ATOM   14   C CD2 . HIS A 1 2   ? 11.238  -3.291  -17.800 1.00 81.20  ? 350 HIS A CD2 1 
ATOM   15   C CE1 . HIS A 1 2   ? 11.090  -5.151  -16.673 1.00 80.71  ? 350 HIS A CE1 1 
ATOM   16   N NE2 . HIS A 1 2   ? 10.642  -4.531  -17.765 1.00 81.03  ? 350 HIS A NE2 1 
ATOM   17   N N   . MET A 1 3   ? 13.809  1.289   -16.201 1.00 69.47  ? 351 MET A N   1 
ATOM   18   C CA  . MET A 1 3   ? 14.217  2.484   -15.456 1.00 68.54  ? 351 MET A CA  1 
ATOM   19   C C   . MET A 1 3   ? 13.031  3.468   -15.495 1.00 68.01  ? 351 MET A C   1 
ATOM   20   O O   . MET A 1 3   ? 12.636  3.993   -14.456 1.00 66.44  ? 351 MET A O   1 
ATOM   21   C CB  . MET A 1 3   ? 15.478  3.111   -16.076 1.00 71.38  ? 351 MET A CB  1 
ATOM   22   C CG  . MET A 1 3   ? 16.493  3.563   -15.046 1.00 75.82  ? 351 MET A CG  1 
ATOM   23   S SD  . MET A 1 3   ? 16.757  5.355   -15.044 1.00 80.62  ? 351 MET A SD  1 
ATOM   24   C CE  . MET A 1 3   ? 18.174  5.466   -13.968 1.00 77.39  ? 351 MET A CE  1 
ATOM   25   N N   . GLU A 1 4   ? 12.420  3.623   -16.692 1.00 62.58  ? 352 GLU A N   1 
ATOM   26   C CA  . GLU A 1 4   ? 11.244  4.441   -16.983 1.00 61.91  ? 352 GLU A CA  1 
ATOM   27   C C   . GLU A 1 4   ? 10.028  3.972   -16.161 1.00 62.18  ? 352 GLU A C   1 
ATOM   28   O O   . GLU A 1 4   ? 9.369   4.799   -15.532 1.00 61.12  ? 352 GLU A O   1 
ATOM   29   C CB  . GLU A 1 4   ? 10.905  4.340   -18.481 1.00 63.75  ? 352 GLU A CB  1 
ATOM   30   C CG  . GLU A 1 4   ? 11.281  5.563   -19.302 1.00 80.70  ? 352 GLU A CG  1 
ATOM   31   C CD  . GLU A 1 4   ? 10.817  5.540   -20.750 1.00 114.23 ? 352 GLU A CD  1 
ATOM   32   O OE1 . GLU A 1 4   ? 10.862  4.460   -21.384 1.00 114.15 ? 352 GLU A OE1 1 
ATOM   33   O OE2 . GLU A 1 4   ? 10.432  6.618   -21.259 1.00 112.62 ? 352 GLU A OE2 1 
ATOM   34   N N   . GLN A 1 5   ? 9.747   2.645   -16.182 1.00 57.04  ? 353 GLN A N   1 
ATOM   35   C CA  . GLN A 1 5   ? 8.636   1.971   -15.500 1.00 56.01  ? 353 GLN A CA  1 
ATOM   36   C C   . GLN A 1 5   ? 8.674   2.189   -13.994 1.00 58.81  ? 353 GLN A C   1 
ATOM   37   O O   . GLN A 1 5   ? 7.624   2.398   -13.384 1.00 58.85  ? 353 GLN A O   1 
ATOM   38   C CB  . GLN A 1 5   ? 8.669   0.459   -15.781 1.00 56.93  ? 353 GLN A CB  1 
ATOM   39   C CG  . GLN A 1 5   ? 7.705   -0.026  -16.855 1.00 66.31  ? 353 GLN A CG  1 
ATOM   40   C CD  . GLN A 1 5   ? 7.159   -1.421  -16.592 1.00 78.56  ? 353 GLN A CD  1 
ATOM   41   O OE1 . GLN A 1 5   ? 7.754   -2.253  -15.888 1.00 67.00  ? 353 GLN A OE1 1 
ATOM   42   N NE2 . GLN A 1 5   ? 5.986   -1.702  -17.147 1.00 70.55  ? 353 GLN A NE2 1 
ATOM   43   N N   . LEU A 1 6   ? 9.876   2.125   -13.395 1.00 53.37  ? 354 LEU A N   1 
ATOM   44   C CA  . LEU A 1 6   ? 10.028  2.270   -11.954 1.00 52.22  ? 354 LEU A CA  1 
ATOM   45   C C   . LEU A 1 6   ? 10.051  3.737   -11.516 1.00 52.65  ? 354 LEU A C   1 
ATOM   46   O O   . LEU A 1 6   ? 9.662   4.010   -10.378 1.00 51.44  ? 354 LEU A O   1 
ATOM   47   C CB  . LEU A 1 6   ? 11.220  1.457   -11.412 1.00 52.39  ? 354 LEU A CB  1 
ATOM   48   C CG  . LEU A 1 6   ? 11.081  -0.074  -11.562 1.00 57.31  ? 354 LEU A CG  1 
ATOM   49   C CD1 . LEU A 1 6   ? 12.434  -0.762  -11.515 1.00 57.83  ? 354 LEU A CD1 1 
ATOM   50   C CD2 . LEU A 1 6   ? 10.127  -0.674  -10.531 1.00 59.33  ? 354 LEU A CD2 1 
ATOM   51   N N   . LYS A 1 7   ? 10.403  4.684   -12.430 1.00 47.88  ? 355 LYS A N   1 
ATOM   52   C CA  . LYS A 1 7   ? 10.340  6.135   -12.168 1.00 47.56  ? 355 LYS A CA  1 
ATOM   53   C C   . LYS A 1 7   ? 8.856   6.437   -11.947 1.00 49.34  ? 355 LYS A C   1 
ATOM   54   O O   . LYS A 1 7   ? 8.503   7.190   -11.037 1.00 47.74  ? 355 LYS A O   1 
ATOM   55   C CB  . LYS A 1 7   ? 10.761  6.977   -13.394 1.00 51.10  ? 355 LYS A CB  1 
ATOM   56   C CG  . LYS A 1 7   ? 12.226  6.991   -13.790 1.00 76.26  ? 355 LYS A CG  1 
ATOM   57   C CD  . LYS A 1 7   ? 12.347  7.705   -15.143 1.00 88.58  ? 355 LYS A CD  1 
ATOM   58   C CE  . LYS A 1 7   ? 13.610  7.397   -15.906 1.00 100.02 ? 355 LYS A CE  1 
ATOM   59   N NZ  . LYS A 1 7   ? 13.528  7.896   -17.303 1.00 106.22 ? 355 LYS A NZ  1 
ATOM   60   N N   . CYS A 1 8   ? 7.998   5.860   -12.823 1.00 44.67  ? 356 CYS A N   1 
ATOM   61   C CA  . CYS A 1 8   ? 6.543   5.993   -12.776 1.00 44.27  ? 356 CYS A CA  1 
ATOM   62   C C   . CYS A 1 8   ? 5.991   5.398   -11.477 1.00 43.60  ? 356 CYS A C   1 
ATOM   63   O O   . CYS A 1 8   ? 5.171   6.039   -10.831 1.00 43.18  ? 356 CYS A O   1 
ATOM   64   C CB  . CYS A 1 8   ? 5.910   5.344   -13.999 1.00 45.73  ? 356 CYS A CB  1 
ATOM   65   S SG  . CYS A 1 8   ? 6.332   6.156   -15.558 1.00 50.23  ? 356 CYS A SG  1 
ATOM   66   N N   . CYS A 1 9   ? 6.464   4.206   -11.085 1.00 38.73  ? 357 CYS A N   1 
ATOM   67   C CA  . CYS A 1 9   ? 6.041   3.535   -9.839  1.00 38.98  ? 357 CYS A CA  1 
ATOM   68   C C   . CYS A 1 9   ? 6.373   4.366   -8.601  1.00 41.71  ? 357 CYS A C   1 
ATOM   69   O O   . CYS A 1 9   ? 5.539   4.482   -7.698  1.00 40.91  ? 357 CYS A O   1 
ATOM   70   C CB  . CYS A 1 9   ? 6.599   2.122   -9.744  1.00 38.98  ? 357 CYS A CB  1 
ATOM   71   S SG  . CYS A 1 9   ? 5.856   0.954   -10.907 1.00 43.20  ? 357 CYS A SG  1 
ATOM   72   N N   . SER A 1 10  ? 7.563   5.005   -8.604  1.00 37.49  ? 358 SER A N   1 
ATOM   73   C CA  . SER A 1 10  ? 8.028   5.926   -7.562  1.00 36.16  ? 358 SER A CA  1 
ATOM   74   C C   . SER A 1 10  ? 7.142   7.163   -7.483  1.00 37.34  ? 358 SER A C   1 
ATOM   75   O O   . SER A 1 10  ? 6.858   7.632   -6.392  1.00 36.95  ? 358 SER A O   1 
ATOM   76   C CB  . SER A 1 10  ? 9.474   6.344   -7.817  1.00 39.89  ? 358 SER A CB  1 
ATOM   77   O OG  . SER A 1 10  ? 10.354  5.276   -7.512  1.00 51.59  ? 358 SER A OG  1 
ATOM   78   N N   . GLY A 1 11  ? 6.732   7.687   -8.633  1.00 32.23  ? 359 GLY A N   1 
ATOM   79   C CA  . GLY A 1 11  ? 5.860   8.853   -8.701  1.00 32.21  ? 359 GLY A CA  1 
ATOM   80   C C   . GLY A 1 11  ? 4.476   8.543   -8.162  1.00 32.43  ? 359 GLY A C   1 
ATOM   81   O O   . GLY A 1 11  ? 3.866   9.399   -7.523  1.00 31.82  ? 359 GLY A O   1 
ATOM   82   N N   . ILE A 1 12  ? 3.973   7.326   -8.447  1.00 30.62  ? 360 ILE A N   1 
ATOM   83   C CA  . ILE A 1 12  ? 2.672   6.822   -7.957  1.00 30.43  ? 360 ILE A CA  1 
ATOM   84   C C   . ILE A 1 12  ? 2.753   6.738   -6.432  1.00 33.51  ? 360 ILE A C   1 
ATOM   85   O O   . ILE A 1 12  ? 1.878   7.271   -5.755  1.00 31.55  ? 360 ILE A O   1 
ATOM   86   C CB  . ILE A 1 12  ? 2.241   5.467   -8.592  1.00 33.36  ? 360 ILE A CB  1 
ATOM   87   C CG1 . ILE A 1 12  ? 1.875   5.631   -10.089 1.00 33.10  ? 360 ILE A CG1 1 
ATOM   88   C CG2 . ILE A 1 12  ? 1.062   4.813   -7.796  1.00 33.71  ? 360 ILE A CG2 1 
ATOM   89   C CD1 . ILE A 1 12  ? 1.790   4.308   -10.833 1.00 35.70  ? 360 ILE A CD1 1 
ATOM   90   N N   . LEU A 1 13  ? 3.800   6.077   -5.905  1.00 30.38  ? 361 LEU A N   1 
ATOM   91   C CA  . LEU A 1 13  ? 3.971   5.955   -4.455  1.00 30.28  ? 361 LEU A CA  1 
ATOM   92   C C   . LEU A 1 13  ? 4.143   7.299   -3.770  1.00 33.99  ? 361 LEU A C   1 
ATOM   93   O O   . LEU A 1 13  ? 3.513   7.531   -2.735  1.00 33.88  ? 361 LEU A O   1 
ATOM   94   C CB  . LEU A 1 13  ? 5.083   4.989   -4.086  1.00 30.05  ? 361 LEU A CB  1 
ATOM   95   C CG  . LEU A 1 13  ? 5.073   4.512   -2.643  1.00 34.54  ? 361 LEU A CG  1 
ATOM   96   C CD1 . LEU A 1 13  ? 3.813   3.699   -2.317  1.00 33.96  ? 361 LEU A CD1 1 
ATOM   97   C CD2 . LEU A 1 13  ? 6.287   3.703   -2.374  1.00 36.08  ? 361 LEU A CD2 1 
ATOM   98   N N   . LYS A 1 14  ? 4.912   8.217   -4.381  1.00 31.85  ? 362 LYS A N   1 
ATOM   99   C CA  . LYS A 1 14  ? 5.102   9.573   -3.852  1.00 31.63  ? 362 LYS A CA  1 
ATOM   100  C C   . LYS A 1 14  ? 3.768   10.320  -3.822  1.00 34.83  ? 362 LYS A C   1 
ATOM   101  O O   . LYS A 1 14  ? 3.530   11.109  -2.907  1.00 34.97  ? 362 LYS A O   1 
ATOM   102  C CB  . LYS A 1 14  ? 6.156   10.357  -4.671  1.00 35.54  ? 362 LYS A CB  1 
ATOM   103  C CG  . LYS A 1 14  ? 6.618   11.655  -4.019  1.00 47.35  ? 362 LYS A CG  1 
ATOM   104  C CD  . LYS A 1 14  ? 7.560   12.458  -4.924  1.00 57.41  ? 362 LYS A CD  1 
ATOM   105  C CE  . LYS A 1 14  ? 7.855   13.812  -4.333  1.00 69.19  ? 362 LYS A CE  1 
ATOM   106  N NZ  . LYS A 1 14  ? 8.907   14.533  -5.097  1.00 80.20  ? 362 LYS A NZ  1 
ATOM   107  N N   . GLU A 1 15  ? 2.885   10.062  -4.790  1.00 32.01  ? 363 GLU A N   1 
ATOM   108  C CA  . GLU A 1 15  ? 1.590   10.760  -4.786  1.00 31.52  ? 363 GLU A CA  1 
ATOM   109  C C   . GLU A 1 15  ? 0.681   10.208  -3.686  1.00 32.78  ? 363 GLU A C   1 
ATOM   110  O O   . GLU A 1 15  ? -0.027  10.969  -3.038  1.00 33.01  ? 363 GLU A O   1 
ATOM   111  C CB  . GLU A 1 15  ? 0.923   10.684  -6.158  1.00 32.95  ? 363 GLU A CB  1 
ATOM   112  C CG  . GLU A 1 15  ? 0.020   11.885  -6.404  1.00 43.18  ? 363 GLU A CG  1 
ATOM   113  C CD  . GLU A 1 15  ? -1.423  11.543  -6.679  1.00 57.23  ? 363 GLU A CD  1 
ATOM   114  O OE1 . GLU A 1 15  ? -1.698  10.374  -7.033  1.00 74.27  ? 363 GLU A OE1 1 
ATOM   115  O OE2 . GLU A 1 15  ? -2.274  12.459  -6.614  1.00 36.88  ? 363 GLU A OE2 1 
ATOM   116  N N   . MET A 1 16  ? 0.754   8.895   -3.452  1.00 28.19  ? 364 MET A N   1 
ATOM   117  C CA  . MET A 1 16  ? -0.012  8.201   -2.398  1.00 25.45  ? 364 MET A CA  1 
ATOM   118  C C   . MET A 1 16  ? 0.367   8.749   -1.014  1.00 31.14  ? 364 MET A C   1 
ATOM   119  O O   . MET A 1 16  ? -0.489  8.797   -0.129  1.00 29.24  ? 364 MET A O   1 
ATOM   120  C CB  . MET A 1 16  ? 0.219   6.701   -2.501  1.00 25.79  ? 364 MET A CB  1 
ATOM   121  C CG  . MET A 1 16  ? -0.416  6.093   -3.747  1.00 27.28  ? 364 MET A CG  1 
ATOM   122  S SD  . MET A 1 16  ? -0.006  4.367   -4.029  1.00 29.62  ? 364 MET A SD  1 
ATOM   123  C CE  . MET A 1 16  ? -0.827  3.590   -2.607  1.00 27.05  ? 364 MET A CE  1 
ATOM   124  N N   . PHE A 1 17  ? 1.648   9.203   -0.855  1.00 28.75  ? 365 PHE A N   1 
ATOM   125  C CA  . PHE A 1 17  ? 2.203   9.807   0.358   1.00 29.39  ? 365 PHE A CA  1 
ATOM   126  C C   . PHE A 1 17  ? 1.938   11.324  0.467   1.00 35.47  ? 365 PHE A C   1 
ATOM   127  O O   . PHE A 1 17  ? 2.204   11.895  1.524   1.00 36.20  ? 365 PHE A O   1 
ATOM   128  C CB  . PHE A 1 17  ? 3.735   9.587   0.435   1.00 29.90  ? 365 PHE A CB  1 
ATOM   129  C CG  . PHE A 1 17  ? 4.229   8.323   1.089   1.00 29.53  ? 365 PHE A CG  1 
ATOM   130  C CD1 . PHE A 1 17  ? 4.080   8.125   2.460   1.00 30.94  ? 365 PHE A CD1 1 
ATOM   131  C CD2 . PHE A 1 17  ? 4.948   7.383   0.361   1.00 30.76  ? 365 PHE A CD2 1 
ATOM   132  C CE1 . PHE A 1 17  ? 4.575   6.976   3.080   1.00 31.64  ? 365 PHE A CE1 1 
ATOM   133  C CE2 . PHE A 1 17  ? 5.457   6.240   0.978   1.00 34.04  ? 365 PHE A CE2 1 
ATOM   134  C CZ  . PHE A 1 17  ? 5.286   6.051   2.342   1.00 32.54  ? 365 PHE A CZ  1 
ATOM   135  N N   . ALA A 1 18  ? 1.470   11.977  -0.615  1.00 33.28  ? 366 ALA A N   1 
ATOM   136  C CA  . ALA A 1 18  ? 1.252   13.435  -0.653  1.00 33.81  ? 366 ALA A CA  1 
ATOM   137  C C   . ALA A 1 18  ? 0.152   13.901  0.280   1.00 36.79  ? 366 ALA A C   1 
ATOM   138  O O   . ALA A 1 18  ? -0.781  13.142  0.570   1.00 34.36  ? 366 ALA A O   1 
ATOM   139  C CB  . ALA A 1 18  ? 0.968   13.897  -2.077  1.00 34.81  ? 366 ALA A CB  1 
ATOM   140  N N   . LYS A 1 19  ? 0.255   15.166  0.731   1.00 34.31  ? 367 LYS A N   1 
ATOM   141  C CA  . LYS A 1 19  ? -0.695  15.809  1.640   1.00 35.09  ? 367 LYS A CA  1 
ATOM   142  C C   . LYS A 1 19  ? -2.134  15.718  1.168   1.00 36.16  ? 367 LYS A C   1 
ATOM   143  O O   . LYS A 1 19  ? -3.019  15.496  1.980   1.00 36.89  ? 367 LYS A O   1 
ATOM   144  C CB  . LYS A 1 19  ? -0.307  17.274  1.917   1.00 39.23  ? 367 LYS A CB  1 
ATOM   145  C CG  . LYS A 1 19  ? 0.794   17.406  2.960   1.00 63.53  ? 367 LYS A CG  1 
ATOM   146  C CD  . LYS A 1 19  ? 1.163   18.870  3.226   1.00 77.16  ? 367 LYS A CD  1 
ATOM   147  C CE  . LYS A 1 19  ? 1.983   19.056  4.486   1.00 88.02  ? 367 LYS A CE  1 
ATOM   148  N NZ  . LYS A 1 19  ? 3.332   18.432  4.390   1.00 96.44  ? 367 LYS A NZ  1 
ATOM   149  N N   . LYS A 1 20  ? -2.368  15.847  -0.138  1.00 32.11  ? 368 LYS A N   1 
ATOM   150  C CA  . LYS A 1 20  ? -3.715  15.762  -0.706  1.00 30.82  ? 368 LYS A CA  1 
ATOM   151  C C   . LYS A 1 20  ? -4.467  14.489  -0.266  1.00 31.46  ? 368 LYS A C   1 
ATOM   152  O O   . LYS A 1 20  ? -5.674  14.553  -0.039  1.00 31.23  ? 368 LYS A O   1 
ATOM   153  C CB  . LYS A 1 20  ? -3.658  15.809  -2.237  1.00 33.37  ? 368 LYS A CB  1 
ATOM   154  C CG  . LYS A 1 20  ? -4.974  16.291  -2.842  1.00 44.81  ? 368 LYS A CG  1 
ATOM   155  C CD  . LYS A 1 20  ? -5.274  15.606  -4.145  1.00 51.70  ? 368 LYS A CD  1 
ATOM   156  C CE  . LYS A 1 20  ? -6.502  16.187  -4.801  1.00 60.18  ? 368 LYS A CE  1 
ATOM   157  N NZ  . LYS A 1 20  ? -7.194  15.172  -5.632  1.00 73.75  ? 368 LYS A NZ  1 
ATOM   158  N N   . HIS A 1 21  ? -3.752  13.347  -0.138  1.00 25.65  ? 369 HIS A N   1 
ATOM   159  C CA  . HIS A 1 21  ? -4.410  12.087  0.210   1.00 25.22  ? 369 HIS A CA  1 
ATOM   160  C C   . HIS A 1 21  ? -4.292  11.662  1.667   1.00 28.73  ? 369 HIS A C   1 
ATOM   161  O O   . HIS A 1 21  ? -4.843  10.628  2.028   1.00 28.91  ? 369 HIS A O   1 
ATOM   162  C CB  . HIS A 1 21  ? -3.891  10.956  -0.713  1.00 24.17  ? 369 HIS A CB  1 
ATOM   163  C CG  . HIS A 1 21  ? -3.972  11.304  -2.165  1.00 27.39  ? 369 HIS A CG  1 
ATOM   164  N ND1 . HIS A 1 21  ? -5.179  11.417  -2.807  1.00 29.01  ? 369 HIS A ND1 1 
ATOM   165  C CD2 . HIS A 1 21  ? -2.979  11.572  -3.043  1.00 28.68  ? 369 HIS A CD2 1 
ATOM   166  C CE1 . HIS A 1 21  ? -4.891  11.772  -4.050  1.00 29.05  ? 369 HIS A CE1 1 
ATOM   167  N NE2 . HIS A 1 21  ? -3.575  11.851  -4.238  1.00 29.02  ? 369 HIS A NE2 1 
ATOM   168  N N   . ALA A 1 22  ? -3.580  12.444  2.492   1.00 28.77  ? 370 ALA A N   1 
ATOM   169  C CA  . ALA A 1 22  ? -3.231  12.141  3.888   1.00 28.43  ? 370 ALA A CA  1 
ATOM   170  C C   . ALA A 1 22  ? -4.397  11.786  4.812   1.00 32.70  ? 370 ALA A C   1 
ATOM   171  O O   . ALA A 1 22  ? -4.209  10.933  5.689   1.00 32.19  ? 370 ALA A O   1 
ATOM   172  C CB  . ALA A 1 22  ? -2.415  13.284  4.494   1.00 28.96  ? 370 ALA A CB  1 
ATOM   173  N N   . ALA A 1 23  ? -5.589  12.387  4.613   1.00 29.03  ? 371 ALA A N   1 
ATOM   174  C CA  . ALA A 1 23  ? -6.771  12.104  5.451   1.00 29.62  ? 371 ALA A CA  1 
ATOM   175  C C   . ALA A 1 23  ? -7.163  10.622  5.427   1.00 32.41  ? 371 ALA A C   1 
ATOM   176  O O   . ALA A 1 23  ? -7.673  10.115  6.419   1.00 31.91  ? 371 ALA A O   1 
ATOM   177  C CB  . ALA A 1 23  ? -7.955  12.947  4.996   1.00 30.64  ? 371 ALA A CB  1 
ATOM   178  N N   . TYR A 1 24  ? -6.939  9.932   4.285   1.00 26.92  ? 372 TYR A N   1 
ATOM   179  C CA  . TYR A 1 24  ? -7.270  8.520   4.144   1.00 24.80  ? 372 TYR A CA  1 
ATOM   180  C C   . TYR A 1 24  ? -6.055  7.623   3.953   1.00 26.56  ? 372 TYR A C   1 
ATOM   181  O O   . TYR A 1 24  ? -6.159  6.436   4.208   1.00 27.13  ? 372 TYR A O   1 
ATOM   182  C CB  . TYR A 1 24  ? -8.315  8.272   3.033   1.00 25.52  ? 372 TYR A CB  1 
ATOM   183  C CG  . TYR A 1 24  ? -8.087  8.997   1.715   1.00 26.46  ? 372 TYR A CG  1 
ATOM   184  C CD1 . TYR A 1 24  ? -7.378  8.394   0.678   1.00 27.67  ? 372 TYR A CD1 1 
ATOM   185  C CD2 . TYR A 1 24  ? -8.647  10.249  1.481   1.00 26.92  ? 372 TYR A CD2 1 
ATOM   186  C CE1 . TYR A 1 24  ? -7.199  9.042   -0.549  1.00 27.01  ? 372 TYR A CE1 1 
ATOM   187  C CE2 . TYR A 1 24  ? -8.447  10.920  0.274   1.00 27.91  ? 372 TYR A CE2 1 
ATOM   188  C CZ  . TYR A 1 24  ? -7.733  10.307  -0.741  1.00 31.03  ? 372 TYR A CZ  1 
ATOM   189  O OH  . TYR A 1 24  ? -7.637  10.946  -1.946  1.00 32.64  ? 372 TYR A OH  1 
ATOM   190  N N   . ALA A 1 25  ? -4.912  8.168   3.520   1.00 23.56  ? 373 ALA A N   1 
ATOM   191  C CA  . ALA A 1 25  ? -3.742  7.347   3.263   1.00 23.68  ? 373 ALA A CA  1 
ATOM   192  C C   . ALA A 1 25  ? -2.896  7.066   4.505   1.00 25.94  ? 373 ALA A C   1 
ATOM   193  O O   . ALA A 1 25  ? -2.205  6.051   4.529   1.00 23.95  ? 373 ALA A O   1 
ATOM   194  C CB  . ALA A 1 25  ? -2.880  7.996   2.196   1.00 24.88  ? 373 ALA A CB  1 
ATOM   195  N N   . TRP A 1 26  ? -2.957  7.943   5.540   1.00 23.71  ? 374 TRP A N   1 
ATOM   196  C CA  . TRP A 1 26  ? -2.090  7.847   6.720   1.00 24.52  ? 374 TRP A CA  1 
ATOM   197  C C   . TRP A 1 26  ? -2.075  6.451   7.402   1.00 26.89  ? 374 TRP A C   1 
ATOM   198  O O   . TRP A 1 26  ? -0.974  6.031   7.789   1.00 27.70  ? 374 TRP A O   1 
ATOM   199  C CB  . TRP A 1 26  ? -2.324  8.981   7.741   1.00 23.90  ? 374 TRP A CB  1 
ATOM   200  C CG  . TRP A 1 26  ? -3.577  8.863   8.536   1.00 24.83  ? 374 TRP A CG  1 
ATOM   201  C CD1 . TRP A 1 26  ? -4.769  9.466   8.284   1.00 27.57  ? 374 TRP A CD1 1 
ATOM   202  C CD2 . TRP A 1 26  ? -3.774  8.043   9.699   1.00 25.25  ? 374 TRP A CD2 1 
ATOM   203  N NE1 . TRP A 1 26  ? -5.696  9.093   9.233   1.00 28.12  ? 374 TRP A NE1 1 
ATOM   204  C CE2 . TRP A 1 26  ? -5.124  8.194   10.093  1.00 29.32  ? 374 TRP A CE2 1 
ATOM   205  C CE3 . TRP A 1 26  ? -2.940  7.187   10.444  1.00 26.75  ? 374 TRP A CE3 1 
ATOM   206  C CZ2 . TRP A 1 26  ? -5.658  7.540   11.214  1.00 28.87  ? 374 TRP A CZ2 1 
ATOM   207  C CZ3 . TRP A 1 26  ? -3.477  6.513   11.536  1.00 28.55  ? 374 TRP A CZ3 1 
ATOM   208  C CH2 . TRP A 1 26  ? -4.810  6.709   11.925  1.00 29.51  ? 374 TRP A CH2 1 
ATOM   209  N N   . PRO A 1 27  ? -3.179  5.668   7.535   1.00 23.23  ? 375 PRO A N   1 
ATOM   210  C CA  . PRO A 1 27  ? -3.039  4.364   8.199   1.00 23.28  ? 375 PRO A CA  1 
ATOM   211  C C   . PRO A 1 27  ? -2.151  3.375   7.429   1.00 27.17  ? 375 PRO A C   1 
ATOM   212  O O   . PRO A 1 27  ? -1.718  2.391   8.015   1.00 28.16  ? 375 PRO A O   1 
ATOM   213  C CB  . PRO A 1 27  ? -4.494  3.866   8.312   1.00 24.43  ? 375 PRO A CB  1 
ATOM   214  C CG  . PRO A 1 27  ? -5.328  5.073   8.184   1.00 27.72  ? 375 PRO A CG  1 
ATOM   215  C CD  . PRO A 1 27  ? -4.598  5.911   7.178   1.00 23.50  ? 375 PRO A CD  1 
ATOM   216  N N   . PHE A 1 28  ? -1.822  3.662   6.155   1.00 22.66  ? 376 PHE A N   1 
ATOM   217  C CA  . PHE A 1 28  ? -1.017  2.755   5.300   1.00 22.78  ? 376 PHE A CA  1 
ATOM   218  C C   . PHE A 1 28  ? 0.454   3.175   5.164   1.00 27.22  ? 376 PHE A C   1 
ATOM   219  O O   . PHE A 1 28  ? 1.220   2.502   4.473   1.00 25.68  ? 376 PHE A O   1 
ATOM   220  C CB  . PHE A 1 28  ? -1.689  2.620   3.901   1.00 23.81  ? 376 PHE A CB  1 
ATOM   221  C CG  . PHE A 1 28  ? -3.156  2.278   4.059   1.00 24.40  ? 376 PHE A CG  1 
ATOM   222  C CD1 . PHE A 1 28  ? -3.555  0.974   4.351   1.00 26.76  ? 376 PHE A CD1 1 
ATOM   223  C CD2 . PHE A 1 28  ? -4.122  3.279   4.060   1.00 23.40  ? 376 PHE A CD2 1 
ATOM   224  C CE1 . PHE A 1 28  ? -4.897  0.678   4.599   1.00 26.53  ? 376 PHE A CE1 1 
ATOM   225  C CE2 . PHE A 1 28  ? -5.460  2.985   4.339   1.00 25.31  ? 376 PHE A CE2 1 
ATOM   226  C CZ  . PHE A 1 28  ? -5.832  1.694   4.618   1.00 23.40  ? 376 PHE A CZ  1 
ATOM   227  N N   . TYR A 1 29  ? 0.843   4.282   5.811   1.00 26.48  ? 377 TYR A N   1 
ATOM   228  C CA  . TYR A 1 29  ? 2.204   4.844   5.703   1.00 27.27  ? 377 TYR A CA  1 
ATOM   229  C C   . TYR A 1 29  ? 3.292   3.944   6.269   1.00 32.67  ? 377 TYR A C   1 
ATOM   230  O O   . TYR A 1 29  ? 4.409   3.924   5.752   1.00 33.86  ? 377 TYR A O   1 
ATOM   231  C CB  . TYR A 1 29  ? 2.295   6.206   6.424   1.00 27.25  ? 377 TYR A CB  1 
ATOM   232  C CG  . TYR A 1 29  ? 1.610   7.411   5.801   1.00 28.65  ? 377 TYR A CG  1 
ATOM   233  C CD1 . TYR A 1 29  ? 1.177   7.392   4.472   1.00 29.22  ? 377 TYR A CD1 1 
ATOM   234  C CD2 . TYR A 1 29  ? 1.494   8.606   6.505   1.00 30.49  ? 377 TYR A CD2 1 
ATOM   235  C CE1 . TYR A 1 29  ? 0.572   8.516   3.892   1.00 27.25  ? 377 TYR A CE1 1 
ATOM   236  C CE2 . TYR A 1 29  ? 0.916   9.738   5.927   1.00 31.40  ? 377 TYR A CE2 1 
ATOM   237  C CZ  . TYR A 1 29  ? 0.454   9.689   4.625   1.00 33.63  ? 377 TYR A CZ  1 
ATOM   238  O OH  . TYR A 1 29  ? -0.102  10.832  4.107   1.00 30.81  ? 377 TYR A OH  1 
ATOM   239  N N   . LYS A 1 30  ? 2.966   3.234   7.338   1.00 29.92  ? 378 LYS A N   1 
ATOM   240  C CA  . LYS A 1 30  ? 3.870   2.412   8.132   1.00 30.66  ? 378 LYS A CA  1 
ATOM   241  C C   . LYS A 1 30  ? 3.291   1.021   8.383   1.00 31.18  ? 378 LYS A C   1 
ATOM   242  O O   . LYS A 1 30  ? 2.069   0.888   8.373   1.00 27.87  ? 378 LYS A O   1 
ATOM   243  C CB  . LYS A 1 30  ? 4.011   3.109   9.506   1.00 34.26  ? 378 LYS A CB  1 
ATOM   244  C CG  . LYS A 1 30  ? 5.128   4.134   9.592   1.00 50.18  ? 378 LYS A CG  1 
ATOM   245  C CD  . LYS A 1 30  ? 4.892   5.145   10.735  1.00 56.14  ? 378 LYS A CD  1 
ATOM   246  C CE  . LYS A 1 30  ? 4.756   4.545   12.122  1.00 66.60  ? 378 LYS A CE  1 
ATOM   247  N NZ  . LYS A 1 30  ? 3.447   4.887   12.744  1.00 70.97  ? 378 LYS A NZ  1 
ATOM   248  N N   . PRO A 1 31  ? 4.112   0.003   8.754   1.00 29.06  ? 379 PRO A N   1 
ATOM   249  C CA  . PRO A 1 31  ? 3.535   -1.308  9.117   1.00 28.53  ? 379 PRO A CA  1 
ATOM   250  C C   . PRO A 1 31  ? 2.479   -1.186  10.208  1.00 33.51  ? 379 PRO A C   1 
ATOM   251  O O   . PRO A 1 31  ? 2.545   -0.265  11.052  1.00 33.41  ? 379 PRO A O   1 
ATOM   252  C CB  . PRO A 1 31  ? 4.740   -2.084  9.685   1.00 30.22  ? 379 PRO A CB  1 
ATOM   253  C CG  . PRO A 1 31  ? 5.920   -1.474  9.040   1.00 34.71  ? 379 PRO A CG  1 
ATOM   254  C CD  . PRO A 1 31  ? 5.590   -0.009  8.897   1.00 30.94  ? 379 PRO A CD  1 
ATOM   255  N N   . VAL A 1 32  ? 1.489   -2.097  10.177  1.00 30.08  ? 380 VAL A N   1 
ATOM   256  C CA  . VAL A 1 32  ? 0.443   -2.182  11.201  1.00 30.19  ? 380 VAL A CA  1 
ATOM   257  C C   . VAL A 1 32  ? 1.185   -2.446  12.525  1.00 33.69  ? 380 VAL A C   1 
ATOM   258  O O   . VAL A 1 32  ? 1.988   -3.372  12.592  1.00 33.39  ? 380 VAL A O   1 
ATOM   259  C CB  . VAL A 1 32  ? -0.599  -3.279  10.862  1.00 33.60  ? 380 VAL A CB  1 
ATOM   260  C CG1 . VAL A 1 32  ? -1.570  -3.522  12.021  1.00 33.33  ? 380 VAL A CG1 1 
ATOM   261  C CG2 . VAL A 1 32  ? -1.371  -2.913  9.595   1.00 33.27  ? 380 VAL A CG2 1 
ATOM   262  N N   . ASP A 1 33  ? 0.999   -1.563  13.515  1.00 31.71  ? 381 ASP A N   1 
ATOM   263  C CA  . ASP A 1 33  ? 1.652   -1.678  14.836  1.00 31.19  ? 381 ASP A CA  1 
ATOM   264  C C   . ASP A 1 33  ? 0.736   -2.558  15.676  1.00 34.38  ? 381 ASP A C   1 
ATOM   265  O O   . ASP A 1 33  ? -0.076  -2.064  16.451  1.00 35.20  ? 381 ASP A O   1 
ATOM   266  C CB  . ASP A 1 33  ? 1.870   -0.279  15.453  1.00 32.01  ? 381 ASP A CB  1 
ATOM   267  C CG  . ASP A 1 33  ? 2.779   -0.228  16.675  1.00 41.70  ? 381 ASP A CG  1 
ATOM   268  O OD1 . ASP A 1 33  ? 2.871   -1.248  17.392  1.00 41.69  ? 381 ASP A OD1 1 
ATOM   269  O OD2 . ASP A 1 33  ? 3.335   0.855   16.955  1.00 46.14  ? 381 ASP A OD2 1 
ATOM   270  N N   . VAL A 1 34  ? 0.843   -3.878  15.468  1.00 31.08  ? 382 VAL A N   1 
ATOM   271  C CA  . VAL A 1 34  ? 0.004   -4.905  16.096  1.00 30.56  ? 382 VAL A CA  1 
ATOM   272  C C   . VAL A 1 34  ? -0.010  -4.837  17.626  1.00 36.25  ? 382 VAL A C   1 
ATOM   273  O O   . VAL A 1 34  ? -1.064  -5.035  18.232  1.00 36.76  ? 382 VAL A O   1 
ATOM   274  C CB  . VAL A 1 34  ? 0.339   -6.339  15.610  1.00 33.77  ? 382 VAL A CB  1 
ATOM   275  C CG1 . VAL A 1 34  ? -0.001  -6.512  14.130  1.00 33.19  ? 382 VAL A CG1 1 
ATOM   276  C CG2 . VAL A 1 34  ? 1.805   -6.698  15.877  1.00 33.76  ? 382 VAL A CG2 1 
ATOM   277  N N   . GLU A 1 35  ? 1.160   -4.586  18.231  1.00 34.73  ? 383 GLU A N   1 
ATOM   278  C CA  . GLU A 1 35  ? 1.348   -4.502  19.687  1.00 34.73  ? 383 GLU A CA  1 
ATOM   279  C C   . GLU A 1 35  ? 0.623   -3.285  20.235  1.00 37.98  ? 383 GLU A C   1 
ATOM   280  O O   . GLU A 1 35  ? -0.210  -3.450  21.113  1.00 38.09  ? 383 GLU A O   1 
ATOM   281  C CB  . GLU A 1 35  ? 2.845   -4.470  20.054  1.00 36.43  ? 383 GLU A CB  1 
ATOM   282  C CG  . GLU A 1 35  ? 3.635   -5.700  19.612  1.00 49.14  ? 383 GLU A CG  1 
ATOM   283  C CD  . GLU A 1 35  ? 3.225   -7.021  20.238  1.00 81.31  ? 383 GLU A CD  1 
ATOM   284  O OE1 . GLU A 1 35  ? 3.277   -7.126  21.484  1.00 80.34  ? 383 GLU A OE1 1 
ATOM   285  O OE2 . GLU A 1 35  ? 2.857   -7.952  19.483  1.00 80.33  ? 383 GLU A OE2 1 
ATOM   286  N N   . ALA A 1 36  ? 0.881   -2.078  19.686  1.00 34.07  ? 384 ALA A N   1 
ATOM   287  C CA  . ALA A 1 36  ? 0.208   -0.857  20.139  1.00 33.88  ? 384 ALA A CA  1 
ATOM   288  C C   . ALA A 1 36  ? -1.313  -0.894  19.932  1.00 38.37  ? 384 ALA A C   1 
ATOM   289  O O   . ALA A 1 36  ? -2.057  -0.348  20.750  1.00 38.26  ? 384 ALA A O   1 
ATOM   290  C CB  . ALA A 1 36  ? 0.795   0.359   19.439  1.00 34.47  ? 384 ALA A CB  1 
ATOM   291  N N   . LEU A 1 37  ? -1.773  -1.536  18.843  1.00 34.33  ? 385 LEU A N   1 
ATOM   292  C CA  . LEU A 1 37  ? -3.202  -1.598  18.523  1.00 33.34  ? 385 LEU A CA  1 
ATOM   293  C C   . LEU A 1 37  ? -3.929  -2.750  19.211  1.00 36.35  ? 385 LEU A C   1 
ATOM   294  O O   . LEU A 1 37  ? -5.159  -2.790  19.205  1.00 35.98  ? 385 LEU A O   1 
ATOM   295  C CB  . LEU A 1 37  ? -3.432  -1.614  16.993  1.00 33.03  ? 385 LEU A CB  1 
ATOM   296  C CG  . LEU A 1 37  ? -2.921  -0.403  16.208  1.00 37.89  ? 385 LEU A CG  1 
ATOM   297  C CD1 . LEU A 1 37  ? -2.888  -0.703  14.723  1.00 37.97  ? 385 LEU A CD1 1 
ATOM   298  C CD2 . LEU A 1 37  ? -3.744  0.843   16.495  1.00 41.04  ? 385 LEU A CD2 1 
ATOM   299  N N   . GLY A 1 38  ? -3.173  -3.669  19.800  1.00 33.73  ? 386 GLY A N   1 
ATOM   300  C CA  . GLY A 1 38  ? -3.731  -4.823  20.495  1.00 33.30  ? 386 GLY A CA  1 
ATOM   301  C C   . GLY A 1 38  ? -4.351  -5.842  19.569  1.00 37.35  ? 386 GLY A C   1 
ATOM   302  O O   . GLY A 1 38  ? -5.309  -6.518  19.950  1.00 37.22  ? 386 GLY A O   1 
ATOM   303  N N   . LEU A 1 39  ? -3.824  -5.927  18.331  1.00 33.57  ? 387 LEU A N   1 
ATOM   304  C CA  . LEU A 1 39  ? -4.297  -6.836  17.284  1.00 32.85  ? 387 LEU A CA  1 
ATOM   305  C C   . LEU A 1 39  ? -3.381  -8.060  17.327  1.00 38.55  ? 387 LEU A C   1 
ATOM   306  O O   . LEU A 1 39  ? -2.541  -8.238  16.442  1.00 36.18  ? 387 LEU A O   1 
ATOM   307  C CB  . LEU A 1 39  ? -4.208  -6.139  15.898  1.00 31.88  ? 387 LEU A CB  1 
ATOM   308  C CG  . LEU A 1 39  ? -4.867  -4.760  15.747  1.00 36.04  ? 387 LEU A CG  1 
ATOM   309  C CD1 . LEU A 1 39  ? -4.561  -4.160  14.380  1.00 35.41  ? 387 LEU A CD1 1 
ATOM   310  C CD2 . LEU A 1 39  ? -6.360  -4.818  16.014  1.00 37.18  ? 387 LEU A CD2 1 
ATOM   311  N N   . HIS A 1 40  ? -3.500  -8.863  18.406  1.00 38.61  ? 388 HIS A N   1 
ATOM   312  C CA  . HIS A 1 40  ? -2.612  -10.017 18.648  1.00 40.36  ? 388 HIS A CA  1 
ATOM   313  C C   . HIS A 1 40  ? -2.891  -11.221 17.731  1.00 46.67  ? 388 HIS A C   1 
ATOM   314  O O   . HIS A 1 40  ? -2.042  -12.118 17.646  1.00 47.78  ? 388 HIS A O   1 
ATOM   315  C CB  . HIS A 1 40  ? -2.601  -10.416 20.139  1.00 41.29  ? 388 HIS A CB  1 
ATOM   316  C CG  . HIS A 1 40  ? -2.285  -9.258  21.038  1.00 44.69  ? 388 HIS A CG  1 
ATOM   317  N ND1 . HIS A 1 40  ? -1.086  -8.543  20.915  1.00 46.62  ? 388 HIS A ND1 1 
ATOM   318  C CD2 . HIS A 1 40  ? -3.043  -8.674  21.993  1.00 45.93  ? 388 HIS A CD2 1 
ATOM   319  C CE1 . HIS A 1 40  ? -1.153  -7.574  21.813  1.00 45.44  ? 388 HIS A CE1 1 
ATOM   320  N NE2 . HIS A 1 40  ? -2.306  -7.612  22.486  1.00 45.86  ? 388 HIS A NE2 1 
ATOM   321  N N   . ASP A 1 41  ? -4.031  -11.208 17.003  1.00 41.27  ? 389 ASP A N   1 
ATOM   322  C CA  . ASP A 1 41  ? -4.399  -12.232 16.010  1.00 40.45  ? 389 ASP A CA  1 
ATOM   323  C C   . ASP A 1 41  ? -4.000  -11.824 14.564  1.00 41.64  ? 389 ASP A C   1 
ATOM   324  O O   . ASP A 1 41  ? -4.068  -12.664 13.662  1.00 41.38  ? 389 ASP A O   1 
ATOM   325  C CB  . ASP A 1 41  ? -5.916  -12.487 16.055  1.00 42.35  ? 389 ASP A CB  1 
ATOM   326  C CG  . ASP A 1 41  ? -6.782  -11.289 15.685  1.00 48.67  ? 389 ASP A CG  1 
ATOM   327  O OD1 . ASP A 1 41  ? -6.336  -10.139 15.898  1.00 48.21  ? 389 ASP A OD1 1 
ATOM   328  O OD2 . ASP A 1 41  ? -7.917  -11.502 15.215  1.00 52.40  ? 389 ASP A OD2 1 
ATOM   329  N N   . TYR A 1 42  ? -3.619  -10.537 14.340  1.00 35.66  ? 390 TYR A N   1 
ATOM   330  C CA  . TYR A 1 42  ? -3.287  -10.014 13.007  1.00 34.29  ? 390 TYR A CA  1 
ATOM   331  C C   . TYR A 1 42  ? -2.193  -10.809 12.309  1.00 40.26  ? 390 TYR A C   1 
ATOM   332  O O   . TYR A 1 42  ? -2.339  -11.131 11.129  1.00 38.96  ? 390 TYR A O   1 
ATOM   333  C CB  . TYR A 1 42  ? -2.916  -8.526  13.067  1.00 33.31  ? 390 TYR A CB  1 
ATOM   334  C CG  . TYR A 1 42  ? -2.716  -7.882  11.708  1.00 30.91  ? 390 TYR A CG  1 
ATOM   335  C CD1 . TYR A 1 42  ? -1.476  -7.910  11.071  1.00 32.14  ? 390 TYR A CD1 1 
ATOM   336  C CD2 . TYR A 1 42  ? -3.759  -7.226  11.069  1.00 30.28  ? 390 TYR A CD2 1 
ATOM   337  C CE1 . TYR A 1 42  ? -1.287  -7.309  9.823   1.00 30.69  ? 390 TYR A CE1 1 
ATOM   338  C CE2 . TYR A 1 42  ? -3.582  -6.617  9.828   1.00 29.72  ? 390 TYR A CE2 1 
ATOM   339  C CZ  . TYR A 1 42  ? -2.352  -6.673  9.200   1.00 31.95  ? 390 TYR A CZ  1 
ATOM   340  O OH  . TYR A 1 42  ? -2.205  -6.109  7.950   1.00 28.55  ? 390 TYR A OH  1 
ATOM   341  N N   . CYS A 1 43  ? -1.109  -11.143 13.031  1.00 39.22  ? 391 CYS A N   1 
ATOM   342  C CA  . CYS A 1 43  ? 0.013   -11.872 12.441  1.00 39.87  ? 391 CYS A CA  1 
ATOM   343  C C   . CYS A 1 43  ? -0.295  -13.353 12.171  1.00 43.52  ? 391 CYS A C   1 
ATOM   344  O O   . CYS A 1 43  ? 0.456   -14.020 11.460  1.00 42.92  ? 391 CYS A O   1 
ATOM   345  C CB  . CYS A 1 43  ? 1.282   -11.677 13.260  1.00 40.21  ? 391 CYS A CB  1 
ATOM   346  S SG  . CYS A 1 43  ? 1.977   -10.013 13.111  1.00 44.32  ? 391 CYS A SG  1 
ATOM   347  N N   . ASP A 1 44  ? -1.439  -13.826 12.659  1.00 40.12  ? 392 ASP A N   1 
ATOM   348  C CA  . ASP A 1 44  ? -1.924  -15.169 12.389  1.00 40.17  ? 392 ASP A CA  1 
ATOM   349  C C   . ASP A 1 44  ? -2.849  -15.127 11.156  1.00 43.73  ? 392 ASP A C   1 
ATOM   350  O O   . ASP A 1 44  ? -2.870  -16.078 10.380  1.00 43.01  ? 392 ASP A O   1 
ATOM   351  C CB  . ASP A 1 44  ? -2.668  -15.727 13.610  1.00 42.06  ? 392 ASP A CB  1 
ATOM   352  C CG  . ASP A 1 44  ? -1.743  -16.072 14.768  1.00 52.91  ? 392 ASP A CG  1 
ATOM   353  O OD1 . ASP A 1 44  ? -0.931  -17.012 14.617  1.00 53.41  ? 392 ASP A OD1 1 
ATOM   354  O OD2 . ASP A 1 44  ? -1.845  -15.413 15.830  1.00 58.03  ? 392 ASP A OD2 1 
ATOM   355  N N   . ILE A 1 45  ? -3.592  -14.016 10.964  1.00 38.84  ? 393 ILE A N   1 
ATOM   356  C CA  . ILE A 1 45  ? -4.546  -13.875 9.850   1.00 37.45  ? 393 ILE A CA  1 
ATOM   357  C C   . ILE A 1 45  ? -3.852  -13.382 8.580   1.00 37.16  ? 393 ILE A C   1 
ATOM   358  O O   . ILE A 1 45  ? -4.113  -13.922 7.502   1.00 36.12  ? 393 ILE A O   1 
ATOM   359  C CB  . ILE A 1 45  ? -5.787  -13.026 10.258  1.00 40.91  ? 393 ILE A CB  1 
ATOM   360  C CG1 . ILE A 1 45  ? -6.608  -13.789 11.311  1.00 41.53  ? 393 ILE A CG1 1 
ATOM   361  C CG2 . ILE A 1 45  ? -6.680  -12.662 9.044   1.00 41.61  ? 393 ILE A CG2 1 
ATOM   362  C CD1 . ILE A 1 45  ? -7.272  -12.923 12.341  1.00 51.15  ? 393 ILE A CD1 1 
ATOM   363  N N   . ILE A 1 46  ? -2.969  -12.381 8.718   1.00 31.03  ? 394 ILE A N   1 
ATOM   364  C CA  . ILE A 1 46  ? -2.203  -11.757 7.645   1.00 30.58  ? 394 ILE A CA  1 
ATOM   365  C C   . ILE A 1 46  ? -0.797  -12.351 7.577   1.00 36.94  ? 394 ILE A C   1 
ATOM   366  O O   . ILE A 1 46  ? 0.109   -11.936 8.300   1.00 35.66  ? 394 ILE A O   1 
ATOM   367  C CB  . ILE A 1 46  ? -2.235  -10.206 7.777   1.00 31.79  ? 394 ILE A CB  1 
ATOM   368  C CG1 . ILE A 1 46  ? -3.701  -9.669  7.809   1.00 31.16  ? 394 ILE A CG1 1 
ATOM   369  C CG2 . ILE A 1 46  ? -1.364  -9.505  6.726   1.00 31.94  ? 394 ILE A CG2 1 
ATOM   370  C CD1 . ILE A 1 46  ? -4.729  -10.098 6.598   1.00 33.31  ? 394 ILE A CD1 1 
ATOM   371  N N   . LYS A 1 47  ? -0.622  -13.318 6.671   1.00 35.46  ? 395 LYS A N   1 
ATOM   372  C CA  . LYS A 1 47  ? 0.648   -14.005 6.475   1.00 35.67  ? 395 LYS A CA  1 
ATOM   373  C C   . LYS A 1 47  ? 1.755   -13.110 5.926   1.00 39.22  ? 395 LYS A C   1 
ATOM   374  O O   . LYS A 1 47  ? 2.910   -13.321 6.281   1.00 37.84  ? 395 LYS A O   1 
ATOM   375  C CB  . LYS A 1 47  ? 0.465   -15.271 5.602   1.00 39.02  ? 395 LYS A CB  1 
ATOM   376  C CG  . LYS A 1 47  ? -0.584  -16.262 6.139   1.00 54.15  ? 395 LYS A CG  1 
ATOM   377  C CD  . LYS A 1 47  ? -0.260  -16.790 7.544   1.00 65.70  ? 395 LYS A CD  1 
ATOM   378  C CE  . LYS A 1 47  ? -1.235  -17.841 8.014   1.00 78.74  ? 395 LYS A CE  1 
ATOM   379  N NZ  . LYS A 1 47  ? -1.054  -18.147 9.461   1.00 86.59  ? 395 LYS A NZ  1 
ATOM   380  N N   . HIS A 1 48  ? 1.419   -12.097 5.075   1.00 34.64  ? 396 HIS A N   1 
ATOM   381  C CA  . HIS A 1 48  ? 2.436   -11.226 4.499   1.00 34.52  ? 396 HIS A CA  1 
ATOM   382  C C   . HIS A 1 48  ? 2.078   -9.732  4.644   1.00 36.45  ? 396 HIS A C   1 
ATOM   383  O O   . HIS A 1 48  ? 1.492   -9.140  3.716   1.00 33.63  ? 396 HIS A O   1 
ATOM   384  C CB  . HIS A 1 48  ? 2.743   -11.612 3.033   1.00 36.83  ? 396 HIS A CB  1 
ATOM   385  C CG  . HIS A 1 48  ? 3.099   -13.056 2.846   1.00 41.27  ? 396 HIS A CG  1 
ATOM   386  N ND1 . HIS A 1 48  ? 4.416   -13.483 2.876   1.00 43.71  ? 396 HIS A ND1 1 
ATOM   387  C CD2 . HIS A 1 48  ? 2.293   -14.131 2.679   1.00 43.93  ? 396 HIS A CD2 1 
ATOM   388  C CE1 . HIS A 1 48  ? 4.372   -14.798 2.720   1.00 43.52  ? 396 HIS A CE1 1 
ATOM   389  N NE2 . HIS A 1 48  ? 3.116   -15.237 2.600   1.00 43.90  ? 396 HIS A NE2 1 
ATOM   390  N N   . PRO A 1 49  ? 2.411   -9.109  5.805   1.00 33.35  ? 397 PRO A N   1 
ATOM   391  C CA  . PRO A 1 49  ? 2.086   -7.684  5.997   1.00 32.48  ? 397 PRO A CA  1 
ATOM   392  C C   . PRO A 1 49  ? 2.778   -6.775  4.978   1.00 35.21  ? 397 PRO A C   1 
ATOM   393  O O   . PRO A 1 49  ? 3.907   -7.033  4.538   1.00 33.87  ? 397 PRO A O   1 
ATOM   394  C CB  . PRO A 1 49  ? 2.548   -7.400  7.445   1.00 34.82  ? 397 PRO A CB  1 
ATOM   395  C CG  . PRO A 1 49  ? 2.599   -8.761  8.106   1.00 39.30  ? 397 PRO A CG  1 
ATOM   396  C CD  . PRO A 1 49  ? 3.081   -9.663  7.004   1.00 35.01  ? 397 PRO A CD  1 
ATOM   397  N N   . MET A 1 50  ? 2.060   -5.724  4.552   1.00 27.63  ? 398 MET A N   1 
ATOM   398  C CA  . MET A 1 50  ? 2.604   -4.783  3.602   1.00 26.51  ? 398 MET A CA  1 
ATOM   399  C C   . MET A 1 50  ? 2.119   -3.386  3.918   1.00 30.04  ? 398 MET A C   1 
ATOM   400  O O   . MET A 1 50  ? 1.023   -3.208  4.452   1.00 29.65  ? 398 MET A O   1 
ATOM   401  C CB  . MET A 1 50  ? 2.319   -5.224  2.145   1.00 27.93  ? 398 MET A CB  1 
ATOM   402  C CG  . MET A 1 50  ? 3.127   -4.455  1.081   1.00 30.27  ? 398 MET A CG  1 
ATOM   403  S SD  . MET A 1 50  ? 4.933   -4.344  1.302   1.00 33.00  ? 398 MET A SD  1 
ATOM   404  C CE  . MET A 1 50  ? 5.360   -6.098  1.285   1.00 29.37  ? 398 MET A CE  1 
ATOM   405  N N   . ASP A 1 51  ? 2.948   -2.404  3.609   1.00 27.18  ? 399 ASP A N   1 
ATOM   406  C CA  . ASP A 1 51  ? 2.660   -0.997  3.860   1.00 26.12  ? 399 ASP A CA  1 
ATOM   407  C C   . ASP A 1 51  ? 3.468   -0.169  2.893   1.00 28.92  ? 399 ASP A C   1 
ATOM   408  O O   . ASP A 1 51  ? 4.432   -0.670  2.292   1.00 27.78  ? 399 ASP A O   1 
ATOM   409  C CB  . ASP A 1 51  ? 3.003   -0.644  5.316   1.00 27.75  ? 399 ASP A CB  1 
ATOM   410  C CG  . ASP A 1 51  ? 4.492   -0.761  5.572   1.00 33.03  ? 399 ASP A CG  1 
ATOM   411  O OD1 . ASP A 1 51  ? 4.968   -1.886  5.763   1.00 34.76  ? 399 ASP A OD1 1 
ATOM   412  O OD2 . ASP A 1 51  ? 5.176   0.248   5.475   1.00 29.10  ? 399 ASP A OD2 1 
ATOM   413  N N   . MET A 1 52  ? 3.132   1.112   2.795   1.00 23.81  ? 400 MET A N   1 
ATOM   414  C CA  . MET A 1 52  ? 3.785   2.046   1.886   1.00 23.94  ? 400 MET A CA  1 
ATOM   415  C C   . MET A 1 52  ? 5.291   2.246   2.172   1.00 29.52  ? 400 MET A C   1 
ATOM   416  O O   . MET A 1 52  ? 6.059   2.335   1.214   1.00 28.46  ? 400 MET A O   1 
ATOM   417  C CB  . MET A 1 52  ? 3.035   3.372   1.860   1.00 24.29  ? 400 MET A CB  1 
ATOM   418  C CG  . MET A 1 52  ? 1.666   3.244   1.197   1.00 25.52  ? 400 MET A CG  1 
ATOM   419  S SD  . MET A 1 52  ? 0.560   4.625   1.495   1.00 27.08  ? 400 MET A SD  1 
ATOM   420  C CE  . MET A 1 52  ? 1.490   5.978   0.799   1.00 23.73  ? 400 MET A CE  1 
ATOM   421  N N   . SER A 1 53  ? 5.715   2.278   3.462   1.00 29.33  ? 401 SER A N   1 
ATOM   422  C CA  . SER A 1 53  ? 7.145   2.435   3.797   1.00 29.54  ? 401 SER A CA  1 
ATOM   423  C C   . SER A 1 53  ? 7.974   1.268   3.296   1.00 32.12  ? 401 SER A C   1 
ATOM   424  O O   . SER A 1 53  ? 9.055   1.487   2.755   1.00 34.08  ? 401 SER A O   1 
ATOM   425  C CB  . SER A 1 53  ? 7.369   2.669   5.292   1.00 34.21  ? 401 SER A CB  1 
ATOM   426  O OG  . SER A 1 53  ? 7.121   4.038   5.579   1.00 44.85  ? 401 SER A OG  1 
ATOM   427  N N   . THR A 1 54  ? 7.467   0.042   3.452   1.00 28.57  ? 402 THR A N   1 
ATOM   428  C CA  . THR A 1 54  ? 8.150   -1.164  2.979   1.00 30.92  ? 402 THR A CA  1 
ATOM   429  C C   . THR A 1 54  ? 8.294   -1.119  1.444   1.00 38.05  ? 402 THR A C   1 
ATOM   430  O O   . THR A 1 54  ? 9.366   -1.442  0.913   1.00 37.91  ? 402 THR A O   1 
ATOM   431  C CB  . THR A 1 54  ? 7.444   -2.406  3.508   1.00 38.71  ? 402 THR A CB  1 
ATOM   432  O OG1 . THR A 1 54  ? 7.419   -2.344  4.930   1.00 37.81  ? 402 THR A OG1 1 
ATOM   433  C CG2 . THR A 1 54  ? 8.109   -3.704  3.072   1.00 41.68  ? 402 THR A CG2 1 
ATOM   434  N N   . ILE A 1 55  ? 7.234   -0.653  0.745   1.00 32.83  ? 403 ILE A N   1 
ATOM   435  C CA  . ILE A 1 55  ? 7.236   -0.549  -0.715  1.00 31.48  ? 403 ILE A CA  1 
ATOM   436  C C   . ILE A 1 55  ? 8.262   0.452   -1.186  1.00 34.83  ? 403 ILE A C   1 
ATOM   437  O O   . ILE A 1 55  ? 8.984   0.152   -2.132  1.00 34.05  ? 403 ILE A O   1 
ATOM   438  C CB  . ILE A 1 55  ? 5.809   -0.265  -1.267  1.00 32.97  ? 403 ILE A CB  1 
ATOM   439  C CG1 . ILE A 1 55  ? 4.869   -1.440  -0.921  1.00 32.22  ? 403 ILE A CG1 1 
ATOM   440  C CG2 . ILE A 1 55  ? 5.853   -0.010  -2.788  1.00 32.84  ? 403 ILE A CG2 1 
ATOM   441  C CD1 . ILE A 1 55  ? 3.323   -1.175  -1.115  1.00 31.33  ? 403 ILE A CD1 1 
ATOM   442  N N   . LYS A 1 56  ? 8.346   1.627   -0.512  1.00 30.70  ? 404 LYS A N   1 
ATOM   443  C CA  . LYS A 1 56  ? 9.300   2.686   -0.818  1.00 30.54  ? 404 LYS A CA  1 
ATOM   444  C C   . LYS A 1 56  ? 10.729  2.156   -0.735  1.00 36.50  ? 404 LYS A C   1 
ATOM   445  O O   . LYS A 1 56  ? 11.548  2.490   -1.598  1.00 37.74  ? 404 LYS A O   1 
ATOM   446  C CB  . LYS A 1 56  ? 9.137   3.873   0.153   1.00 30.27  ? 404 LYS A CB  1 
ATOM   447  C CG  . LYS A 1 56  ? 9.932   5.106   -0.267  1.00 40.32  ? 404 LYS A CG  1 
ATOM   448  C CD  . LYS A 1 56  ? 9.612   6.318   0.588   1.00 44.10  ? 404 LYS A CD  1 
ATOM   449  C CE  . LYS A 1 56  ? 10.346  7.544   0.097   1.00 56.95  ? 404 LYS A CE  1 
ATOM   450  N NZ  . LYS A 1 56  ? 9.863   8.793   0.754   1.00 62.79  ? 404 LYS A NZ  1 
ATOM   451  N N   . SER A 1 57  ? 11.024  1.386   0.321   1.00 33.16  ? 405 SER A N   1 
ATOM   452  C CA  . SER A 1 57  ? 12.339  0.797   0.552   1.00 34.95  ? 405 SER A CA  1 
ATOM   453  C C   . SER A 1 57  ? 12.705  -0.126  -0.601  1.00 42.68  ? 405 SER A C   1 
ATOM   454  O O   . SER A 1 57  ? 13.799  -0.003  -1.143  1.00 44.33  ? 405 SER A O   1 
ATOM   455  C CB  . SER A 1 57  ? 12.371  0.064   1.888   1.00 38.17  ? 405 SER A CB  1 
ATOM   456  O OG  . SER A 1 57  ? 12.239  1.008   2.939   1.00 46.99  ? 405 SER A OG  1 
ATOM   457  N N   . LYS A 1 58  ? 11.761  -0.961  -1.052  1.00 40.53  ? 406 LYS A N   1 
ATOM   458  C CA  . LYS A 1 58  ? 11.988  -1.862  -2.187  1.00 40.38  ? 406 LYS A CA  1 
ATOM   459  C C   . LYS A 1 58  ? 12.227  -1.103  -3.501  1.00 45.17  ? 406 LYS A C   1 
ATOM   460  O O   . LYS A 1 58  ? 13.130  -1.481  -4.246  1.00 45.89  ? 406 LYS A O   1 
ATOM   461  C CB  . LYS A 1 58  ? 10.875  -2.892  -2.291  1.00 42.52  ? 406 LYS A CB  1 
ATOM   462  C CG  . LYS A 1 58  ? 10.806  -3.792  -1.072  1.00 39.01  ? 406 LYS A CG  1 
ATOM   463  C CD  . LYS A 1 58  ? 9.572   -4.654  -1.041  1.00 35.20  ? 406 LYS A CD  1 
ATOM   464  C CE  . LYS A 1 58  ? 9.648   -5.867  -1.941  1.00 38.77  ? 406 LYS A CE  1 
ATOM   465  N NZ  . LYS A 1 58  ? 8.667   -6.911  -1.518  1.00 42.28  ? 406 LYS A NZ  1 
ATOM   466  N N   . LEU A 1 59  ? 11.505  0.010   -3.738  1.00 41.36  ? 407 LEU A N   1 
ATOM   467  C CA  . LEU A 1 59  ? 11.719  0.849   -4.920  1.00 41.72  ? 407 LEU A CA  1 
ATOM   468  C C   . LEU A 1 59  ? 13.129  1.482   -4.919  1.00 49.18  ? 407 LEU A C   1 
ATOM   469  O O   . LEU A 1 59  ? 13.825  1.425   -5.937  1.00 48.14  ? 407 LEU A O   1 
ATOM   470  C CB  . LEU A 1 59  ? 10.652  1.948   -5.039  1.00 41.54  ? 407 LEU A CB  1 
ATOM   471  C CG  . LEU A 1 59  ? 9.308   1.548   -5.644  1.00 45.52  ? 407 LEU A CG  1 
ATOM   472  C CD1 . LEU A 1 59  ? 8.347   2.695   -5.559  1.00 44.82  ? 407 LEU A CD1 1 
ATOM   473  C CD2 . LEU A 1 59  ? 9.449   1.103   -7.119  1.00 47.68  ? 407 LEU A CD2 1 
ATOM   474  N N   . GLU A 1 60  ? 13.548  2.061   -3.770  1.00 46.90  ? 408 GLU A N   1 
ATOM   475  C CA  . GLU A 1 60  ? 14.865  2.679   -3.597  1.00 47.07  ? 408 GLU A CA  1 
ATOM   476  C C   . GLU A 1 60  ? 15.989  1.649   -3.830  1.00 50.85  ? 408 GLU A C   1 
ATOM   477  O O   . GLU A 1 60  ? 16.947  1.947   -4.548  1.00 49.95  ? 408 GLU A O   1 
ATOM   478  C CB  . GLU A 1 60  ? 14.982  3.314   -2.203  1.00 48.51  ? 408 GLU A CB  1 
ATOM   479  C CG  . GLU A 1 60  ? 14.172  4.597   -2.052  1.00 61.64  ? 408 GLU A CG  1 
ATOM   480  C CD  . GLU A 1 60  ? 13.937  5.109   -0.640  1.00 84.55  ? 408 GLU A CD  1 
ATOM   481  O OE1 . GLU A 1 60  ? 14.342  4.430   0.333   1.00 74.16  ? 408 GLU A OE1 1 
ATOM   482  O OE2 . GLU A 1 60  ? 13.329  6.195   -0.512  1.00 82.26  ? 408 GLU A OE2 1 
ATOM   483  N N   . ALA A 1 61  ? 15.824  0.426   -3.274  1.00 47.09  ? 409 ALA A N   1 
ATOM   484  C CA  . ALA A 1 61  ? 16.763  -0.697  -3.384  1.00 47.69  ? 409 ALA A CA  1 
ATOM   485  C C   . ALA A 1 61  ? 16.721  -1.414  -4.748  1.00 53.84  ? 409 ALA A C   1 
ATOM   486  O O   . ALA A 1 61  ? 17.562  -2.290  -4.999  1.00 53.70  ? 409 ALA A O   1 
ATOM   487  C CB  . ALA A 1 61  ? 16.497  -1.699  -2.267  1.00 48.18  ? 409 ALA A CB  1 
ATOM   488  N N   . ARG A 1 62  ? 15.741  -1.059  -5.619  1.00 50.35  ? 410 ARG A N   1 
ATOM   489  C CA  . ARG A 1 62  ? 15.543  -1.650  -6.958  1.00 49.84  ? 410 ARG A CA  1 
ATOM   490  C C   . ARG A 1 62  ? 15.287  -3.173  -6.862  1.00 52.76  ? 410 ARG A C   1 
ATOM   491  O O   . ARG A 1 62  ? 15.908  -3.969  -7.576  1.00 52.83  ? 410 ARG A O   1 
ATOM   492  C CB  . ARG A 1 62  ? 16.705  -1.293  -7.926  1.00 50.46  ? 410 ARG A CB  1 
ATOM   493  C CG  . ARG A 1 62  ? 16.944  0.223   -8.089  1.00 56.10  ? 410 ARG A CG  1 
ATOM   494  C CD  . ARG A 1 62  ? 18.080  0.523   -9.046  1.00 60.48  ? 410 ARG A CD  1 
ATOM   495  N NE  . ARG A 1 62  ? 18.144  1.947   -9.380  1.00 66.01  ? 410 ARG A NE  1 
ATOM   496  C CZ  . ARG A 1 62  ? 19.010  2.487   -10.236 1.00 75.53  ? 410 ARG A CZ  1 
ATOM   497  N NH1 . ARG A 1 62  ? 19.903  1.726   -10.860 1.00 57.80  ? 410 ARG A NH1 1 
ATOM   498  N NH2 . ARG A 1 62  ? 18.990  3.792   -10.474 1.00 59.85  ? 410 ARG A NH2 1 
ATOM   499  N N   . GLU A 1 63  ? 14.379  -3.561  -5.942  1.00 47.46  ? 411 GLU A N   1 
ATOM   500  C CA  . GLU A 1 63  ? 14.005  -4.947  -5.644  1.00 46.25  ? 411 GLU A CA  1 
ATOM   501  C C   . GLU A 1 63  ? 12.782  -5.442  -6.425  1.00 51.07  ? 411 GLU A C   1 
ATOM   502  O O   . GLU A 1 63  ? 12.355  -6.585  -6.231  1.00 52.05  ? 411 GLU A O   1 
ATOM   503  C CB  . GLU A 1 63  ? 13.740  -5.118  -4.149  1.00 47.33  ? 411 GLU A CB  1 
ATOM   504  C CG  . GLU A 1 63  ? 14.985  -5.063  -3.282  1.00 57.34  ? 411 GLU A CG  1 
ATOM   505  C CD  . GLU A 1 63  ? 14.728  -5.306  -1.809  1.00 75.40  ? 411 GLU A CD  1 
ATOM   506  O OE1 . GLU A 1 63  ? 13.852  -6.142  -1.481  1.00 54.80  ? 411 GLU A OE1 1 
ATOM   507  O OE2 . GLU A 1 63  ? 15.422  -4.675  -0.979  1.00 75.08  ? 411 GLU A OE2 1 
ATOM   508  N N   . TYR A 1 64  ? 12.174  -4.583  -7.254  1.00 45.80  ? 412 TYR A N   1 
ATOM   509  C CA  . TYR A 1 64  ? 11.026  -5.026  -8.048  1.00 43.51  ? 412 TYR A CA  1 
ATOM   510  C C   . TYR A 1 64  ? 11.537  -5.240  -9.444  1.00 45.28  ? 412 TYR A C   1 
ATOM   511  O O   . TYR A 1 64  ? 12.196  -4.350  -9.977  1.00 45.08  ? 412 TYR A O   1 
ATOM   512  C CB  . TYR A 1 64  ? 9.890   -3.980  -8.039  1.00 42.61  ? 412 TYR A CB  1 
ATOM   513  C CG  . TYR A 1 64  ? 9.252   -3.764  -6.682  1.00 40.08  ? 412 TYR A CG  1 
ATOM   514  C CD1 . TYR A 1 64  ? 8.507   -4.768  -6.073  1.00 40.90  ? 412 TYR A CD1 1 
ATOM   515  C CD2 . TYR A 1 64  ? 9.293   -2.516  -6.063  1.00 39.18  ? 412 TYR A CD2 1 
ATOM   516  C CE1 . TYR A 1 64  ? 7.884   -4.562  -4.844  1.00 40.11  ? 412 TYR A CE1 1 
ATOM   517  C CE2 . TYR A 1 64  ? 8.664   -2.294  -4.842  1.00 39.09  ? 412 TYR A CE2 1 
ATOM   518  C CZ  . TYR A 1 64  ? 7.970   -3.324  -4.230  1.00 41.18  ? 412 TYR A CZ  1 
ATOM   519  O OH  . TYR A 1 64  ? 7.368   -3.115  -3.014  1.00 42.48  ? 412 TYR A OH  1 
ATOM   520  N N   . ARG A 1 65  ? 11.265  -6.424  -10.033 1.00 42.79  ? 413 ARG A N   1 
ATOM   521  C CA  . ARG A 1 65  ? 11.710  -6.751  -11.402 1.00 41.98  ? 413 ARG A CA  1 
ATOM   522  C C   . ARG A 1 65  ? 10.976  -5.889  -12.425 1.00 45.03  ? 413 ARG A C   1 
ATOM   523  O O   . ARG A 1 65  ? 11.539  -5.547  -13.463 1.00 43.95  ? 413 ARG A O   1 
ATOM   524  C CB  . ARG A 1 65  ? 11.449  -8.232  -11.730 1.00 40.04  ? 413 ARG A CB  1 
ATOM   525  C CG  . ARG A 1 65  ? 12.484  -9.203  -11.181 1.00 47.58  ? 413 ARG A CG  1 
ATOM   526  C CD  . ARG A 1 65  ? 11.846  -10.558 -10.943 1.00 52.19  ? 413 ARG A CD  1 
ATOM   527  N NE  . ARG A 1 65  ? 12.183  -11.542 -11.968 1.00 62.88  ? 413 ARG A NE  1 
ATOM   528  C CZ  . ARG A 1 65  ? 11.425  -12.585 -12.296 1.00 67.08  ? 413 ARG A CZ  1 
ATOM   529  N NH1 . ARG A 1 65  ? 10.245  -12.773 -11.711 1.00 53.03  ? 413 ARG A NH1 1 
ATOM   530  N NH2 . ARG A 1 65  ? 11.833  -13.440 -13.220 1.00 47.42  ? 413 ARG A NH2 1 
ATOM   531  N N   . ASP A 1 66  ? 9.691   -5.574  -12.148 1.00 40.52  ? 414 ASP A N   1 
ATOM   532  C CA  . ASP A 1 66  ? 8.862   -4.786  -13.057 1.00 38.79  ? 414 ASP A CA  1 
ATOM   533  C C   . ASP A 1 66  ? 7.753   -4.102  -12.276 1.00 40.90  ? 414 ASP A C   1 
ATOM   534  O O   . ASP A 1 66  ? 7.576   -4.391  -11.086 1.00 38.25  ? 414 ASP A O   1 
ATOM   535  C CB  . ASP A 1 66  ? 8.276   -5.696  -14.159 1.00 40.30  ? 414 ASP A CB  1 
ATOM   536  C CG  . ASP A 1 66  ? 7.710   -7.021  -13.656 1.00 53.42  ? 414 ASP A CG  1 
ATOM   537  O OD1 . ASP A 1 66  ? 7.148   -7.045  -12.538 1.00 54.75  ? 414 ASP A OD1 1 
ATOM   538  O OD2 . ASP A 1 66  ? 7.807   -8.026  -14.390 1.00 58.93  ? 414 ASP A OD2 1 
ATOM   539  N N   . ALA A 1 67  ? 6.986   -3.216  -12.958 1.00 37.35  ? 415 ALA A N   1 
ATOM   540  C CA  . ALA A 1 67  ? 5.845   -2.471  -12.405 1.00 37.13  ? 415 ALA A CA  1 
ATOM   541  C C   . ALA A 1 67  ? 4.797   -3.405  -11.808 1.00 40.00  ? 415 ALA A C   1 
ATOM   542  O O   . ALA A 1 67  ? 4.086   -3.004  -10.884 1.00 39.24  ? 415 ALA A O   1 
ATOM   543  C CB  . ALA A 1 67  ? 5.214   -1.611  -13.494 1.00 38.20  ? 415 ALA A CB  1 
ATOM   544  N N   . GLN A 1 68  ? 4.715   -4.653  -12.341 1.00 35.70  ? 416 GLN A N   1 
ATOM   545  C CA  . GLN A 1 68  ? 3.790   -5.718  -11.956 1.00 35.57  ? 416 GLN A CA  1 
ATOM   546  C C   . GLN A 1 68  ? 4.102   -6.205  -10.559 1.00 39.11  ? 416 GLN A C   1 
ATOM   547  O O   . GLN A 1 68  ? 3.181   -6.481  -9.788  1.00 36.23  ? 416 GLN A O   1 
ATOM   548  C CB  . GLN A 1 68  ? 3.853   -6.894  -12.955 1.00 37.08  ? 416 GLN A CB  1 
ATOM   549  C CG  . GLN A 1 68  ? 3.314   -6.565  -14.358 1.00 64.95  ? 416 GLN A CG  1 
ATOM   550  C CD  . GLN A 1 68  ? 4.197   -5.622  -15.167 1.00 84.88  ? 416 GLN A CD  1 
ATOM   551  O OE1 . GLN A 1 68  ? 3.900   -4.437  -15.341 1.00 76.10  ? 416 GLN A OE1 1 
ATOM   552  N NE2 . GLN A 1 68  ? 5.312   -6.134  -15.671 1.00 82.23  ? 416 GLN A NE2 1 
ATOM   553  N N   . GLU A 1 69  ? 5.408   -6.337  -10.230 1.00 36.05  ? 417 GLU A N   1 
ATOM   554  C CA  . GLU A 1 69  ? 5.823   -6.760  -8.889  1.00 35.16  ? 417 GLU A CA  1 
ATOM   555  C C   . GLU A 1 69  ? 5.519   -5.654  -7.870  1.00 35.88  ? 417 GLU A C   1 
ATOM   556  O O   . GLU A 1 69  ? 5.089   -5.962  -6.761  1.00 35.79  ? 417 GLU A O   1 
ATOM   557  C CB  . GLU A 1 69  ? 7.306   -7.164  -8.862  1.00 36.47  ? 417 GLU A CB  1 
ATOM   558  C CG  . GLU A 1 69  ? 7.478   -8.603  -9.313  1.00 44.20  ? 417 GLU A CG  1 
ATOM   559  C CD  . GLU A 1 69  ? 8.887   -9.151  -9.390  1.00 57.80  ? 417 GLU A CD  1 
ATOM   560  O OE1 . GLU A 1 69  ? 9.815   -8.522  -8.836  1.00 40.62  ? 417 GLU A OE1 1 
ATOM   561  O OE2 . GLU A 1 69  ? 9.053   -10.232 -10.001 1.00 48.53  ? 417 GLU A OE2 1 
ATOM   562  N N   . PHE A 1 70  ? 5.700   -4.388  -8.261  1.00 31.74  ? 418 PHE A N   1 
ATOM   563  C CA  . PHE A 1 70  ? 5.364   -3.225  -7.427  1.00 31.26  ? 418 PHE A CA  1 
ATOM   564  C C   . PHE A 1 70  ? 3.839   -3.222  -7.155  1.00 34.75  ? 418 PHE A C   1 
ATOM   565  O O   . PHE A 1 70  ? 3.426   -3.149  -5.992  1.00 33.72  ? 418 PHE A O   1 
ATOM   566  C CB  . PHE A 1 70  ? 5.793   -1.921  -8.107  1.00 32.69  ? 418 PHE A CB  1 
ATOM   567  C CG  . PHE A 1 70  ? 5.122   -0.665  -7.591  1.00 34.15  ? 418 PHE A CG  1 
ATOM   568  C CD1 . PHE A 1 70  ? 5.641   0.025   -6.498  1.00 36.43  ? 418 PHE A CD1 1 
ATOM   569  C CD2 . PHE A 1 70  ? 4.005   -0.136  -8.234  1.00 36.01  ? 418 PHE A CD2 1 
ATOM   570  C CE1 . PHE A 1 70  ? 5.030   1.196   -6.027  1.00 36.64  ? 418 PHE A CE1 1 
ATOM   571  C CE2 . PHE A 1 70  ? 3.410   1.050   -7.779  1.00 39.20  ? 418 PHE A CE2 1 
ATOM   572  C CZ  . PHE A 1 70  ? 3.913   1.697   -6.665  1.00 36.22  ? 418 PHE A CZ  1 
ATOM   573  N N   . GLY A 1 71  ? 3.042   -3.364  -8.225  1.00 29.46  ? 419 GLY A N   1 
ATOM   574  C CA  . GLY A 1 71  ? 1.582   -3.404  -8.164  1.00 27.91  ? 419 GLY A CA  1 
ATOM   575  C C   . GLY A 1 71  ? 1.027   -4.467  -7.243  1.00 31.12  ? 419 GLY A C   1 
ATOM   576  O O   . GLY A 1 71  ? 0.097   -4.200  -6.473  1.00 29.03  ? 419 GLY A O   1 
ATOM   577  N N   . ALA A 1 72  ? 1.623   -5.681  -7.286  1.00 28.66  ? 420 ALA A N   1 
ATOM   578  C CA  . ALA A 1 72  ? 1.208   -6.795  -6.456  1.00 28.61  ? 420 ALA A CA  1 
ATOM   579  C C   . ALA A 1 72  ? 1.389   -6.485  -4.942  1.00 29.78  ? 420 ALA A C   1 
ATOM   580  O O   . ALA A 1 72  ? 0.565   -6.917  -4.160  1.00 27.99  ? 420 ALA A O   1 
ATOM   581  C CB  . ALA A 1 72  ? 1.967   -8.061  -6.846  1.00 30.12  ? 420 ALA A CB  1 
ATOM   582  N N   . ASP A 1 73  ? 2.447   -5.757  -4.561  1.00 28.45  ? 421 ASP A N   1 
ATOM   583  C CA  . ASP A 1 73  ? 2.719   -5.374  -3.154  1.00 29.36  ? 421 ASP A CA  1 
ATOM   584  C C   . ASP A 1 73  ? 1.706   -4.297  -2.715  1.00 30.29  ? 421 ASP A C   1 
ATOM   585  O O   . ASP A 1 73  ? 1.151   -4.381  -1.619  1.00 27.04  ? 421 ASP A O   1 
ATOM   586  C CB  . ASP A 1 73  ? 4.162   -4.852  -2.997  1.00 30.93  ? 421 ASP A CB  1 
ATOM   587  C CG  . ASP A 1 73  ? 5.160   -5.814  -2.358  1.00 34.99  ? 421 ASP A CG  1 
ATOM   588  O OD1 . ASP A 1 73  ? 4.755   -6.930  -1.986  1.00 34.75  ? 421 ASP A OD1 1 
ATOM   589  O OD2 . ASP A 1 73  ? 6.326   -5.400  -2.137  1.00 38.16  ? 421 ASP A OD2 1 
ATOM   590  N N   . VAL A 1 74  ? 1.415   -3.343  -3.609  1.00 27.86  ? 422 VAL A N   1 
ATOM   591  C CA  . VAL A 1 74  ? 0.429   -2.293  -3.329  1.00 27.18  ? 422 VAL A CA  1 
ATOM   592  C C   . VAL A 1 74  ? -0.923  -2.966  -3.097  1.00 29.93  ? 422 VAL A C   1 
ATOM   593  O O   . VAL A 1 74  ? -1.562  -2.723  -2.069  1.00 28.69  ? 422 VAL A O   1 
ATOM   594  C CB  . VAL A 1 74  ? 0.362   -1.211  -4.431  1.00 29.09  ? 422 VAL A CB  1 
ATOM   595  C CG1 . VAL A 1 74  ? -0.785  -0.238  -4.146  1.00 28.35  ? 422 VAL A CG1 1 
ATOM   596  C CG2 . VAL A 1 74  ? 1.679   -0.458  -4.548  1.00 28.62  ? 422 VAL A CG2 1 
ATOM   597  N N   . ARG A 1 75  ? -1.311  -3.873  -4.014  1.00 27.59  ? 423 ARG A N   1 
ATOM   598  C CA  . ARG A 1 75  ? -2.558  -4.626  -3.910  1.00 27.72  ? 423 ARG A CA  1 
ATOM   599  C C   . ARG A 1 75  ? -2.575  -5.602  -2.731  1.00 28.04  ? 423 ARG A C   1 
ATOM   600  O O   . ARG A 1 75  ? -3.648  -5.867  -2.201  1.00 26.50  ? 423 ARG A O   1 
ATOM   601  C CB  . ARG A 1 75  ? -2.918  -5.300  -5.223  1.00 27.76  ? 423 ARG A CB  1 
ATOM   602  C CG  . ARG A 1 75  ? -3.104  -4.242  -6.309  1.00 30.10  ? 423 ARG A CG  1 
ATOM   603  C CD  . ARG A 1 75  ? -3.798  -4.876  -7.423  1.00 37.84  ? 423 ARG A CD  1 
ATOM   604  N NE  . ARG A 1 75  ? -4.132  -3.934  -8.484  1.00 36.91  ? 423 ARG A NE  1 
ATOM   605  C CZ  . ARG A 1 75  ? -3.629  -4.009  -9.703  1.00 42.63  ? 423 ARG A CZ  1 
ATOM   606  N NH1 . ARG A 1 75  ? -2.748  -4.953  -10.007 1.00 30.62  ? 423 ARG A NH1 1 
ATOM   607  N NH2 . ARG A 1 75  ? -3.998  -3.143  -10.630 1.00 31.41  ? 423 ARG A NH2 1 
ATOM   608  N N   . LEU A 1 76  ? -1.395  -6.084  -2.281  1.00 25.90  ? 424 LEU A N   1 
ATOM   609  C CA  . LEU A 1 76  ? -1.307  -6.947  -1.088  1.00 24.67  ? 424 LEU A CA  1 
ATOM   610  C C   . LEU A 1 76  ? -1.650  -6.086  0.152   1.00 25.15  ? 424 LEU A C   1 
ATOM   611  O O   . LEU A 1 76  ? -2.409  -6.518  1.027   1.00 24.12  ? 424 LEU A O   1 
ATOM   612  C CB  . LEU A 1 76  ? 0.117   -7.526  -0.959  1.00 25.24  ? 424 LEU A CB  1 
ATOM   613  C CG  . LEU A 1 76  ? 0.474   -8.265  0.344   1.00 30.89  ? 424 LEU A CG  1 
ATOM   614  C CD1 . LEU A 1 76  ? -0.376  -9.499  0.526   1.00 31.08  ? 424 LEU A CD1 1 
ATOM   615  C CD2 . LEU A 1 76  ? 1.953   -8.636  0.344   1.00 35.44  ? 424 LEU A CD2 1 
ATOM   616  N N   . MET A 1 77  ? -1.111  -4.863  0.202   1.00 22.45  ? 425 MET A N   1 
ATOM   617  C CA  . MET A 1 77  ? -1.394  -3.925  1.296   1.00 21.70  ? 425 MET A CA  1 
ATOM   618  C C   . MET A 1 77  ? -2.918  -3.708  1.411   1.00 25.11  ? 425 MET A C   1 
ATOM   619  O O   . MET A 1 77  ? -3.473  -3.895  2.491   1.00 21.85  ? 425 MET A O   1 
ATOM   620  C CB  . MET A 1 77  ? -0.662  -2.604  1.032   1.00 23.11  ? 425 MET A CB  1 
ATOM   621  C CG  . MET A 1 77  ? -1.041  -1.487  1.985   1.00 25.74  ? 425 MET A CG  1 
ATOM   622  S SD  . MET A 1 77  ? -0.091  -0.042  1.602   1.00 28.79  ? 425 MET A SD  1 
ATOM   623  C CE  . MET A 1 77  ? -1.103  0.701   0.312   1.00 25.86  ? 425 MET A CE  1 
ATOM   624  N N   . PHE A 1 78  ? -3.609  -3.434  0.276   1.00 22.58  ? 426 PHE A N   1 
ATOM   625  C CA  . PHE A 1 78  ? -5.063  -3.238  0.317   1.00 22.26  ? 426 PHE A CA  1 
ATOM   626  C C   . PHE A 1 78  ? -5.827  -4.548  0.667   1.00 25.21  ? 426 PHE A C   1 
ATOM   627  O O   . PHE A 1 78  ? -6.737  -4.525  1.509   1.00 23.48  ? 426 PHE A O   1 
ATOM   628  C CB  . PHE A 1 78  ? -5.567  -2.637  -1.016  1.00 23.41  ? 426 PHE A CB  1 
ATOM   629  C CG  . PHE A 1 78  ? -5.050  -1.250  -1.328  1.00 23.70  ? 426 PHE A CG  1 
ATOM   630  C CD1 . PHE A 1 78  ? -5.118  -0.236  -0.379  1.00 24.18  ? 426 PHE A CD1 1 
ATOM   631  C CD2 . PHE A 1 78  ? -4.568  -0.941  -2.592  1.00 23.92  ? 426 PHE A CD2 1 
ATOM   632  C CE1 . PHE A 1 78  ? -4.652  1.049   -0.671  1.00 26.80  ? 426 PHE A CE1 1 
ATOM   633  C CE2 . PHE A 1 78  ? -4.097  0.348   -2.882  1.00 26.58  ? 426 PHE A CE2 1 
ATOM   634  C CZ  . PHE A 1 78  ? -4.122  1.325   -1.917  1.00 25.14  ? 426 PHE A CZ  1 
ATOM   635  N N   . SER A 1 79  ? -5.453  -5.675  0.035   1.00 21.98  ? 427 SER A N   1 
ATOM   636  C CA  . SER A 1 79  ? -6.122  -6.945  0.299   1.00 22.03  ? 427 SER A CA  1 
ATOM   637  C C   . SER A 1 79  ? -5.985  -7.374  1.758   1.00 25.26  ? 427 SER A C   1 
ATOM   638  O O   . SER A 1 79  ? -6.955  -7.867  2.303   1.00 24.91  ? 427 SER A O   1 
ATOM   639  C CB  . SER A 1 79  ? -5.644  -8.044  -0.640  1.00 27.17  ? 427 SER A CB  1 
ATOM   640  O OG  . SER A 1 79  ? -5.997  -7.671  -1.965  1.00 38.69  ? 427 SER A OG  1 
ATOM   641  N N   . ASN A 1 80  ? -4.810  -7.138  2.396   1.00 24.44  ? 428 ASN A N   1 
ATOM   642  C CA  . ASN A 1 80  ? -4.597  -7.454  3.833   1.00 24.07  ? 428 ASN A CA  1 
ATOM   643  C C   . ASN A 1 80  ? -5.631  -6.706  4.665   1.00 27.09  ? 428 ASN A C   1 
ATOM   644  O O   . ASN A 1 80  ? -6.239  -7.271  5.575   1.00 27.07  ? 428 ASN A O   1 
ATOM   645  C CB  . ASN A 1 80  ? -3.185  -7.040  4.280   1.00 22.29  ? 428 ASN A CB  1 
ATOM   646  C CG  . ASN A 1 80  ? -2.111  -7.952  3.769   1.00 25.64  ? 428 ASN A CG  1 
ATOM   647  O OD1 . ASN A 1 80  ? -2.386  -9.048  3.294   1.00 26.92  ? 428 ASN A OD1 1 
ATOM   648  N ND2 . ASN A 1 80  ? -0.861  -7.546  3.912   1.00 26.60  ? 428 ASN A ND2 1 
ATOM   649  N N   . CYS A 1 81  ? -5.843  -5.431  4.326   1.00 24.58  ? 429 CYS A N   1 
ATOM   650  C CA  . CYS A 1 81  ? -6.835  -4.574  4.996   1.00 24.35  ? 429 CYS A CA  1 
ATOM   651  C C   . CYS A 1 81  ? -8.277  -5.085  4.832   1.00 26.68  ? 429 CYS A C   1 
ATOM   652  O O   . CYS A 1 81  ? -9.004  -5.227  5.825   1.00 26.64  ? 429 CYS A O   1 
ATOM   653  C CB  . CYS A 1 81  ? -6.682  -3.122  4.553   1.00 23.56  ? 429 CYS A CB  1 
ATOM   654  S SG  . CYS A 1 81  ? -7.752  -1.981  5.465   1.00 26.35  ? 429 CYS A SG  1 
ATOM   655  N N   . TYR A 1 82  ? -8.679  -5.426  3.589   1.00 24.99  ? 430 TYR A N   1 
ATOM   656  C CA  . TYR A 1 82  ? -10.015 -5.983  3.329   1.00 23.67  ? 430 TYR A CA  1 
ATOM   657  C C   . TYR A 1 82  ? -10.174 -7.390  3.957   1.00 26.85  ? 430 TYR A C   1 
ATOM   658  O O   . TYR A 1 82  ? -11.265 -7.758  4.385   1.00 25.54  ? 430 TYR A O   1 
ATOM   659  C CB  . TYR A 1 82  ? -10.320 -6.067  1.814   1.00 23.68  ? 430 TYR A CB  1 
ATOM   660  C CG  . TYR A 1 82  ? -10.074 -4.787  1.035   1.00 22.60  ? 430 TYR A CG  1 
ATOM   661  C CD1 . TYR A 1 82  ? -10.503 -3.551  1.525   1.00 24.44  ? 430 TYR A CD1 1 
ATOM   662  C CD2 . TYR A 1 82  ? -9.501  -4.819  -0.229  1.00 23.99  ? 430 TYR A CD2 1 
ATOM   663  C CE1 . TYR A 1 82  ? -10.260 -2.372  0.820   1.00 24.70  ? 430 TYR A CE1 1 
ATOM   664  C CE2 . TYR A 1 82  ? -9.315  -3.652  -0.975  1.00 24.79  ? 430 TYR A CE2 1 
ATOM   665  C CZ  . TYR A 1 82  ? -9.713  -2.433  -0.452  1.00 30.17  ? 430 TYR A CZ  1 
ATOM   666  O OH  . TYR A 1 82  ? -9.485  -1.279  -1.157  1.00 29.43  ? 430 TYR A OH  1 
ATOM   667  N N   . LYS A 1 83  ? -9.111  -8.160  4.009   1.00 24.61  ? 431 LYS A N   1 
ATOM   668  C CA  . LYS A 1 83  ? -9.232  -9.496  4.586   1.00 25.38  ? 431 LYS A CA  1 
ATOM   669  C C   . LYS A 1 83  ? -9.428  -9.436  6.099   1.00 32.80  ? 431 LYS A C   1 
ATOM   670  O O   . LYS A 1 83  ? -10.357 -10.060 6.628   1.00 33.94  ? 431 LYS A O   1 
ATOM   671  C CB  . LYS A 1 83  ? -8.026  -10.377 4.217   1.00 25.43  ? 431 LYS A CB  1 
ATOM   672  C CG  . LYS A 1 83  ? -8.104  -11.802 4.809   1.00 35.74  ? 431 LYS A CG  1 
ATOM   673  C CD  . LYS A 1 83  ? -6.845  -12.577 4.485   1.00 40.90  ? 431 LYS A CD  1 
ATOM   674  C CE  . LYS A 1 83  ? -6.817  -13.950 5.113   1.00 48.86  ? 431 LYS A CE  1 
ATOM   675  N NZ  . LYS A 1 83  ? -5.515  -14.623 4.862   1.00 58.12  ? 431 LYS A NZ  1 
ATOM   676  N N   . TYR A 1 84  ? -8.556  -8.690  6.779   1.00 30.18  ? 432 TYR A N   1 
ATOM   677  C CA  . TYR A 1 84  ? -8.537  -8.607  8.235   1.00 29.16  ? 432 TYR A CA  1 
ATOM   678  C C   . TYR A 1 84  ? -9.761  -7.956  8.861   1.00 34.03  ? 432 TYR A C   1 
ATOM   679  O O   . TYR A 1 84  ? -10.257 -8.450  9.877   1.00 33.90  ? 432 TYR A O   1 
ATOM   680  C CB  . TYR A 1 84  ? -7.250  -7.919  8.734   1.00 29.56  ? 432 TYR A CB  1 
ATOM   681  C CG  . TYR A 1 84  ? -7.159  -7.915  10.244  1.00 30.41  ? 432 TYR A CG  1 
ATOM   682  C CD1 . TYR A 1 84  ? -6.851  -9.080  10.946  1.00 31.98  ? 432 TYR A CD1 1 
ATOM   683  C CD2 . TYR A 1 84  ? -7.476  -6.773  10.981  1.00 31.12  ? 432 TYR A CD2 1 
ATOM   684  C CE1 . TYR A 1 84  ? -6.835  -9.104  12.342  1.00 32.98  ? 432 TYR A CE1 1 
ATOM   685  C CE2 . TYR A 1 84  ? -7.449  -6.781  12.378  1.00 32.50  ? 432 TYR A CE2 1 
ATOM   686  C CZ  . TYR A 1 84  ? -7.129  -7.950  13.053  1.00 39.76  ? 432 TYR A CZ  1 
ATOM   687  O OH  . TYR A 1 84  ? -7.104  -7.973  14.422  1.00 39.39  ? 432 TYR A OH  1 
ATOM   688  N N   . ASN A 1 85  ? -10.246 -6.864  8.277   1.00 30.95  ? 433 ASN A N   1 
ATOM   689  C CA  . ASN A 1 85  ? -11.320 -6.062  8.849   1.00 31.07  ? 433 ASN A CA  1 
ATOM   690  C C   . ASN A 1 85  ? -12.747 -6.384  8.417   1.00 36.15  ? 433 ASN A C   1 
ATOM   691  O O   . ASN A 1 85  ? -12.946 -6.812  7.277   1.00 34.40  ? 433 ASN A O   1 
ATOM   692  C CB  . ASN A 1 85  ? -11.039 -4.583  8.552   1.00 26.61  ? 433 ASN A CB  1 
ATOM   693  C CG  . ASN A 1 85  ? -9.759  -4.128  9.168   1.00 36.45  ? 433 ASN A CG  1 
ATOM   694  O OD1 . ASN A 1 85  ? -9.655  -3.999  10.393  1.00 32.47  ? 433 ASN A OD1 1 
ATOM   695  N ND2 . ASN A 1 85  ? -8.727  -4.020  8.345   1.00 26.25  ? 433 ASN A ND2 1 
ATOM   696  N N   . PRO A 1 86  ? -13.766 -6.033  9.252   1.00 35.67  ? 434 PRO A N   1 
ATOM   697  C CA  . PRO A 1 86  ? -15.162 -6.149  8.791   1.00 36.06  ? 434 PRO A CA  1 
ATOM   698  C C   . PRO A 1 86  ? -15.401 -5.150  7.642   1.00 40.72  ? 434 PRO A C   1 
ATOM   699  O O   . PRO A 1 86  ? -14.753 -4.091  7.624   1.00 39.42  ? 434 PRO A O   1 
ATOM   700  C CB  . PRO A 1 86  ? -15.994 -5.741  10.024  1.00 37.94  ? 434 PRO A CB  1 
ATOM   701  C CG  . PRO A 1 86  ? -15.059 -5.724  11.165  1.00 43.01  ? 434 PRO A CG  1 
ATOM   702  C CD  . PRO A 1 86  ? -13.706 -5.432  10.601  1.00 38.21  ? 434 PRO A CD  1 
ATOM   703  N N   . PRO A 1 87  ? -16.306 -5.456  6.678   1.00 38.08  ? 435 PRO A N   1 
ATOM   704  C CA  . PRO A 1 87  ? -16.528 -4.533  5.539   1.00 37.43  ? 435 PRO A CA  1 
ATOM   705  C C   . PRO A 1 87  ? -16.936 -3.088  5.876   1.00 40.96  ? 435 PRO A C   1 
ATOM   706  O O   . PRO A 1 87  ? -16.622 -2.176  5.110   1.00 39.72  ? 435 PRO A O   1 
ATOM   707  C CB  . PRO A 1 87  ? -17.615 -5.233  4.719   1.00 38.95  ? 435 PRO A CB  1 
ATOM   708  C CG  . PRO A 1 87  ? -17.565 -6.659  5.127   1.00 43.50  ? 435 PRO A CG  1 
ATOM   709  C CD  . PRO A 1 87  ? -17.141 -6.673  6.556   1.00 39.09  ? 435 PRO A CD  1 
ATOM   710  N N   . ASP A 1 88  ? -17.602 -2.869  7.018   1.00 38.09  ? 436 ASP A N   1 
ATOM   711  C CA  . ASP A 1 88  ? -18.053 -1.545  7.454   1.00 38.51  ? 436 ASP A CA  1 
ATOM   712  C C   . ASP A 1 88  ? -16.998 -0.759  8.252   1.00 40.47  ? 436 ASP A C   1 
ATOM   713  O O   . ASP A 1 88  ? -17.283 0.363   8.673   1.00 40.77  ? 436 ASP A O   1 
ATOM   714  C CB  . ASP A 1 88  ? -19.366 -1.665  8.266   1.00 41.27  ? 436 ASP A CB  1 
ATOM   715  C CG  . ASP A 1 88  ? -19.306 -2.563  9.498   1.00 62.75  ? 436 ASP A CG  1 
ATOM   716  O OD1 . ASP A 1 88  ? -18.178 -2.862  9.974   1.00 64.66  ? 436 ASP A OD1 1 
ATOM   717  O OD2 . ASP A 1 88  ? -20.384 -2.951  10.002  1.00 72.82  ? 436 ASP A OD2 1 
ATOM   718  N N   . HIS A 1 89  ? -15.792 -1.333  8.465   1.00 34.49  ? 437 HIS A N   1 
ATOM   719  C CA  . HIS A 1 89  ? -14.732 -0.664  9.221   1.00 32.17  ? 437 HIS A CA  1 
ATOM   720  C C   . HIS A 1 89  ? -14.281 0.638   8.538   1.00 34.04  ? 437 HIS A C   1 
ATOM   721  O O   . HIS A 1 89  ? -14.140 0.678   7.318   1.00 34.60  ? 437 HIS A O   1 
ATOM   722  C CB  . HIS A 1 89  ? -13.526 -1.602  9.452   1.00 32.25  ? 437 HIS A CB  1 
ATOM   723  C CG  . HIS A 1 89  ? -12.652 -1.195  10.606  1.00 35.24  ? 437 HIS A CG  1 
ATOM   724  N ND1 . HIS A 1 89  ? -11.945 0.002   10.602  1.00 36.51  ? 437 HIS A ND1 1 
ATOM   725  C CD2 . HIS A 1 89  ? -12.404 -1.843  11.767  1.00 37.02  ? 437 HIS A CD2 1 
ATOM   726  C CE1 . HIS A 1 89  ? -11.291 0.039   11.751  1.00 36.09  ? 437 HIS A CE1 1 
ATOM   727  N NE2 . HIS A 1 89  ? -11.538 -1.051  12.487  1.00 36.77  ? 437 HIS A NE2 1 
ATOM   728  N N   . GLU A 1 90  ? -14.053 1.693   9.341   1.00 29.66  ? 438 GLU A N   1 
ATOM   729  C CA  . GLU A 1 90  ? -13.577 3.004   8.882   1.00 29.76  ? 438 GLU A CA  1 
ATOM   730  C C   . GLU A 1 90  ? -12.287 2.855   8.038   1.00 30.82  ? 438 GLU A C   1 
ATOM   731  O O   . GLU A 1 90  ? -12.188 3.482   6.981   1.00 28.78  ? 438 GLU A O   1 
ATOM   732  C CB  . GLU A 1 90  ? -13.312 3.918   10.093  1.00 31.69  ? 438 GLU A CB  1 
ATOM   733  C CG  . GLU A 1 90  ? -12.930 5.338   9.710   1.00 45.67  ? 438 GLU A CG  1 
ATOM   734  C CD  . GLU A 1 90  ? -12.471 6.295   10.794  1.00 56.53  ? 438 GLU A CD  1 
ATOM   735  O OE1 . GLU A 1 90  ? -12.369 5.884   11.975  1.00 48.16  ? 438 GLU A OE1 1 
ATOM   736  O OE2 . GLU A 1 90  ? -12.200 7.468   10.447  1.00 44.46  ? 438 GLU A OE2 1 
ATOM   737  N N   . VAL A 1 91  ? -11.334 1.990   8.480   1.00 26.55  ? 439 VAL A N   1 
ATOM   738  C CA  . VAL A 1 91  ? -10.068 1.790   7.759   1.00 25.93  ? 439 VAL A CA  1 
ATOM   739  C C   . VAL A 1 91  ? -10.265 1.191   6.349   1.00 28.38  ? 439 VAL A C   1 
ATOM   740  O O   . VAL A 1 91  ? -9.465  1.491   5.460   1.00 28.00  ? 439 VAL A O   1 
ATOM   741  C CB  . VAL A 1 91  ? -9.004  1.014   8.572   1.00 28.96  ? 439 VAL A CB  1 
ATOM   742  C CG1 . VAL A 1 91  ? -9.271  -0.494  8.586   1.00 28.92  ? 439 VAL A CG1 1 
ATOM   743  C CG2 . VAL A 1 91  ? -7.595  1.314   8.047   1.00 28.37  ? 439 VAL A CG2 1 
ATOM   744  N N   . VAL A 1 92  ? -11.286 0.348   6.154   1.00 25.28  ? 440 VAL A N   1 
ATOM   745  C CA  . VAL A 1 92  ? -11.586 -0.276  4.860   1.00 25.72  ? 440 VAL A CA  1 
ATOM   746  C C   . VAL A 1 92  ? -12.020 0.813   3.844   1.00 28.21  ? 440 VAL A C   1 
ATOM   747  O O   . VAL A 1 92  ? -11.567 0.795   2.695   1.00 27.53  ? 440 VAL A O   1 
ATOM   748  C CB  . VAL A 1 92  ? -12.626 -1.427  5.008   1.00 29.12  ? 440 VAL A CB  1 
ATOM   749  C CG1 . VAL A 1 92  ? -13.242 -1.833  3.667   1.00 28.95  ? 440 VAL A CG1 1 
ATOM   750  C CG2 . VAL A 1 92  ? -12.001 -2.637  5.701   1.00 27.68  ? 440 VAL A CG2 1 
ATOM   751  N N   . ALA A 1 93  ? -12.876 1.767   4.281   1.00 26.95  ? 441 ALA A N   1 
ATOM   752  C CA  . ALA A 1 93  ? -13.316 2.878   3.429   1.00 26.90  ? 441 ALA A CA  1 
ATOM   753  C C   . ALA A 1 93  ? -12.102 3.746   3.067   1.00 27.67  ? 441 ALA A C   1 
ATOM   754  O O   . ALA A 1 93  ? -12.028 4.271   1.961   1.00 26.73  ? 441 ALA A O   1 
ATOM   755  C CB  . ALA A 1 93  ? -14.357 3.711   4.152   1.00 27.99  ? 441 ALA A CB  1 
ATOM   756  N N   . MET A 1 94  ? -11.149 3.888   4.002   1.00 24.40  ? 442 MET A N   1 
ATOM   757  C CA  . MET A 1 94  ? -9.922  4.639   3.742   1.00 24.19  ? 442 MET A CA  1 
ATOM   758  C C   . MET A 1 94  ? -9.070  3.865   2.722   1.00 26.12  ? 442 MET A C   1 
ATOM   759  O O   . MET A 1 94  ? -8.594  4.474   1.777   1.00 25.10  ? 442 MET A O   1 
ATOM   760  C CB  . MET A 1 94  ? -9.160  4.923   5.032   1.00 26.43  ? 442 MET A CB  1 
ATOM   761  C CG  . MET A 1 94  ? -9.922  5.861   5.976   1.00 30.51  ? 442 MET A CG  1 
ATOM   762  S SD  . MET A 1 94  ? -9.264  5.799   7.645   1.00 34.93  ? 442 MET A SD  1 
ATOM   763  C CE  . MET A 1 94  ? -8.158  7.062   7.579   1.00 31.72  ? 442 MET A CE  1 
ATOM   764  N N   . ALA A 1 95  ? -8.953  2.529   2.873   1.00 24.28  ? 443 ALA A N   1 
ATOM   765  C CA  . ALA A 1 95  ? -8.204  1.691   1.926   1.00 24.12  ? 443 ALA A CA  1 
ATOM   766  C C   . ALA A 1 95  ? -8.804  1.853   0.517   1.00 28.17  ? 443 ALA A C   1 
ATOM   767  O O   . ALA A 1 95  ? -8.050  2.101   -0.417  1.00 23.03  ? 443 ALA A O   1 
ATOM   768  C CB  . ALA A 1 95  ? -8.254  0.249   2.360   1.00 24.69  ? 443 ALA A CB  1 
ATOM   769  N N   . ARG A 1 96  ? -10.167 1.825   0.391   1.00 27.52  ? 444 ARG A N   1 
ATOM   770  C CA  . ARG A 1 96  ? -10.850 2.000   -0.898  1.00 28.15  ? 444 ARG A CA  1 
ATOM   771  C C   . ARG A 1 96  ? -10.542 3.347   -1.549  1.00 30.10  ? 444 ARG A C   1 
ATOM   772  O O   . ARG A 1 96  ? -10.303 3.372   -2.757  1.00 28.25  ? 444 ARG A O   1 
ATOM   773  C CB  . ARG A 1 96  ? -12.380 1.823   -0.776  1.00 29.98  ? 444 ARG A CB  1 
ATOM   774  C CG  . ARG A 1 96  ? -12.843 0.389   -0.590  1.00 38.75  ? 444 ARG A CG  1 
ATOM   775  C CD  . ARG A 1 96  ? -14.335 0.255   -0.897  1.00 43.37  ? 444 ARG A CD  1 
ATOM   776  N NE  . ARG A 1 96  ? -14.921 -0.915  -0.239  1.00 48.57  ? 444 ARG A NE  1 
ATOM   777  C CZ  . ARG A 1 96  ? -15.563 -0.864  0.922   1.00 65.98  ? 444 ARG A CZ  1 
ATOM   778  N NH1 . ARG A 1 96  ? -15.715 0.294   1.553   1.00 51.56  ? 444 ARG A NH1 1 
ATOM   779  N NH2 . ARG A 1 96  ? -16.059 -1.970  1.462   1.00 64.86  ? 444 ARG A NH2 1 
ATOM   780  N N   . LYS A 1 97  ? -10.540 4.465   -0.762  1.00 27.70  ? 445 LYS A N   1 
ATOM   781  C CA  . LYS A 1 97  ? -10.233 5.799   -1.289  1.00 27.21  ? 445 LYS A CA  1 
ATOM   782  C C   . LYS A 1 97  ? -8.790  5.841   -1.809  1.00 28.50  ? 445 LYS A C   1 
ATOM   783  O O   . LYS A 1 97  ? -8.533  6.420   -2.873  1.00 26.38  ? 445 LYS A O   1 
ATOM   784  C CB  . LYS A 1 97  ? -10.424 6.888   -0.221  1.00 29.10  ? 445 LYS A CB  1 
ATOM   785  C CG  . LYS A 1 97  ? -11.874 7.299   0.025   1.00 29.76  ? 445 LYS A CG  1 
ATOM   786  C CD  . LYS A 1 97  ? -11.921 8.502   0.953   1.00 33.64  ? 445 LYS A CD  1 
ATOM   787  C CE  . LYS A 1 97  ? -13.313 8.734   1.484   1.00 48.42  ? 445 LYS A CE  1 
ATOM   788  N NZ  . LYS A 1 97  ? -13.321 9.752   2.568   1.00 56.57  ? 445 LYS A NZ  1 
ATOM   789  N N   . LEU A 1 98  ? -7.851  5.245   -1.049  1.00 22.96  ? 446 LEU A N   1 
ATOM   790  C CA  . LEU A 1 98  ? -6.459  5.211   -1.498  1.00 22.19  ? 446 LEU A CA  1 
ATOM   791  C C   . LEU A 1 98  ? -6.300  4.311   -2.724  1.00 25.74  ? 446 LEU A C   1 
ATOM   792  O O   . LEU A 1 98  ? -5.557  4.669   -3.652  1.00 26.99  ? 446 LEU A O   1 
ATOM   793  C CB  . LEU A 1 98  ? -5.523  4.747   -0.381  1.00 21.56  ? 446 LEU A CB  1 
ATOM   794  C CG  . LEU A 1 98  ? -4.018  4.884   -0.675  1.00 24.91  ? 446 LEU A CG  1 
ATOM   795  C CD1 . LEU A 1 98  ? -3.652  6.302   -1.132  1.00 26.61  ? 446 LEU A CD1 1 
ATOM   796  C CD2 . LEU A 1 98  ? -3.191  4.459   0.518   1.00 23.45  ? 446 LEU A CD2 1 
ATOM   797  N N   . GLN A 1 99  ? -7.006  3.160   -2.741  1.00 20.36  ? 447 GLN A N   1 
ATOM   798  C CA  . GLN A 1 99  ? -6.919  2.252   -3.890  1.00 19.52  ? 447 GLN A CA  1 
ATOM   799  C C   . GLN A 1 99  ? -7.459  2.918   -5.161  1.00 24.86  ? 447 GLN A C   1 
ATOM   800  O O   . GLN A 1 99  ? -6.921  2.666   -6.234  1.00 23.79  ? 447 GLN A O   1 
ATOM   801  C CB  . GLN A 1 99  ? -7.570  0.889   -3.619  1.00 19.10  ? 447 GLN A CB  1 
ATOM   802  C CG  . GLN A 1 99  ? -7.357  -0.107  -4.792  1.00 23.88  ? 447 GLN A CG  1 
ATOM   803  C CD  . GLN A 1 99  ? -7.615  -1.558  -4.453  1.00 35.48  ? 447 GLN A CD  1 
ATOM   804  O OE1 . GLN A 1 99  ? -8.258  -1.894  -3.457  1.00 25.88  ? 447 GLN A OE1 1 
ATOM   805  N NE2 . GLN A 1 99  ? -7.175  -2.455  -5.329  1.00 32.28  ? 447 GLN A NE2 1 
ATOM   806  N N   . ASP A 1 100 ? -8.482  3.806   -5.031  1.00 25.08  ? 448 ASP A N   1 
ATOM   807  C CA  . ASP A 1 100 ? -9.045  4.560   -6.160  1.00 25.66  ? 448 ASP A CA  1 
ATOM   808  C C   . ASP A 1 100 ? -7.922  5.394   -6.822  1.00 29.68  ? 448 ASP A C   1 
ATOM   809  O O   . ASP A 1 100 ? -7.840  5.469   -8.056  1.00 28.14  ? 448 ASP A O   1 
ATOM   810  C CB  . ASP A 1 100 ? -10.143 5.539   -5.685  1.00 28.00  ? 448 ASP A CB  1 
ATOM   811  C CG  . ASP A 1 100 ? -11.504 4.961   -5.333  1.00 43.32  ? 448 ASP A CG  1 
ATOM   812  O OD1 . ASP A 1 100 ? -11.722 3.748   -5.571  1.00 43.90  ? 448 ASP A OD1 1 
ATOM   813  O OD2 . ASP A 1 100 ? -12.362 5.728   -4.832  1.00 49.83  ? 448 ASP A OD2 1 
ATOM   814  N N   . VAL A 1 101 ? -7.062  6.010   -5.987  1.00 26.83  ? 449 VAL A N   1 
ATOM   815  C CA  . VAL A 1 101 ? -5.927  6.823   -6.427  1.00 27.11  ? 449 VAL A CA  1 
ATOM   816  C C   . VAL A 1 101 ? -4.920  5.924   -7.132  1.00 28.16  ? 449 VAL A C   1 
ATOM   817  O O   . VAL A 1 101 ? -4.525  6.203   -8.271  1.00 26.60  ? 449 VAL A O   1 
ATOM   818  C CB  . VAL A 1 101 ? -5.273  7.597   -5.257  1.00 31.54  ? 449 VAL A CB  1 
ATOM   819  C CG1 . VAL A 1 101 ? -4.003  8.317   -5.717  1.00 31.85  ? 449 VAL A CG1 1 
ATOM   820  C CG2 . VAL A 1 101 ? -6.254  8.578   -4.663  1.00 31.38  ? 449 VAL A CG2 1 
ATOM   821  N N   . PHE A 1 102 ? -4.534  4.833   -6.467  1.00 22.69  ? 450 PHE A N   1 
ATOM   822  C CA  . PHE A 1 102 ? -3.571  3.904   -7.046  1.00 22.28  ? 450 PHE A CA  1 
ATOM   823  C C   . PHE A 1 102 ? -4.012  3.299   -8.403  1.00 27.57  ? 450 PHE A C   1 
ATOM   824  O O   . PHE A 1 102 ? -3.229  3.316   -9.344  1.00 26.29  ? 450 PHE A O   1 
ATOM   825  C CB  . PHE A 1 102 ? -3.206  2.810   -6.038  1.00 23.48  ? 450 PHE A CB  1 
ATOM   826  C CG  . PHE A 1 102 ? -2.419  1.695   -6.679  1.00 23.24  ? 450 PHE A CG  1 
ATOM   827  C CD1 . PHE A 1 102 ? -1.083  1.877   -7.027  1.00 25.57  ? 450 PHE A CD1 1 
ATOM   828  C CD2 . PHE A 1 102 ? -3.038  0.499   -7.029  1.00 23.61  ? 450 PHE A CD2 1 
ATOM   829  C CE1 . PHE A 1 102 ? -0.371  0.862   -7.681  1.00 25.50  ? 450 PHE A CE1 1 
ATOM   830  C CE2 . PHE A 1 102 ? -2.335  -0.501  -7.715  1.00 26.91  ? 450 PHE A CE2 1 
ATOM   831  C CZ  . PHE A 1 102 ? -1.000  -0.315  -8.023  1.00 24.71  ? 450 PHE A CZ  1 
ATOM   832  N N   . GLU A 1 103 ? -5.235  2.746   -8.487  1.00 23.59  ? 451 GLU A N   1 
ATOM   833  C CA  . GLU A 1 103 ? -5.714  2.060   -9.701  1.00 24.19  ? 451 GLU A CA  1 
ATOM   834  C C   . GLU A 1 103 ? -5.763  2.981   -10.921 1.00 27.33  ? 451 GLU A C   1 
ATOM   835  O O   . GLU A 1 103 ? -5.308  2.564   -11.972 1.00 26.69  ? 451 GLU A O   1 
ATOM   836  C CB  . GLU A 1 103 ? -7.061  1.327   -9.486  1.00 25.46  ? 451 GLU A CB  1 
ATOM   837  C CG  . GLU A 1 103 ? -6.995  0.212   -8.445  1.00 29.48  ? 451 GLU A CG  1 
ATOM   838  C CD  . GLU A 1 103 ? -6.163  -1.013  -8.769  1.00 36.69  ? 451 GLU A CD  1 
ATOM   839  O OE1 . GLU A 1 103 ? -5.907  -1.259  -9.969  1.00 27.88  ? 451 GLU A OE1 1 
ATOM   840  O OE2 . GLU A 1 103 ? -5.806  -1.757  -7.825  1.00 29.13  ? 451 GLU A OE2 1 
ATOM   841  N N   . MET A 1 104 ? -6.219  4.238   -10.752 1.00 24.45  ? 452 MET A N   1 
ATOM   842  C CA  . MET A 1 104 ? -6.279  5.259   -11.808 1.00 27.00  ? 452 MET A CA  1 
ATOM   843  C C   . MET A 1 104 ? -4.860  5.610   -12.337 1.00 31.69  ? 452 MET A C   1 
ATOM   844  O O   . MET A 1 104 ? -4.630  5.548   -13.542 1.00 30.65  ? 452 MET A O   1 
ATOM   845  C CB  . MET A 1 104 ? -6.987  6.514   -11.256 1.00 30.68  ? 452 MET A CB  1 
ATOM   846  C CG  . MET A 1 104 ? -7.365  7.566   -12.320 1.00 36.76  ? 452 MET A CG  1 
ATOM   847  S SD  . MET A 1 104 ? -8.453  6.989   -13.662 1.00 42.51  ? 452 MET A SD  1 
ATOM   848  C CE  . MET A 1 104 ? -9.751  6.063   -12.699 1.00 39.45  ? 452 MET A CE  1 
ATOM   849  N N   . ARG A 1 105 ? -3.921  5.929   -11.432 1.00 29.84  ? 453 ARG A N   1 
ATOM   850  C CA  . ARG A 1 105 ? -2.542  6.284   -11.768 1.00 30.61  ? 453 ARG A CA  1 
ATOM   851  C C   . ARG A 1 105 ? -1.814  5.114   -12.404 1.00 33.52  ? 453 ARG A C   1 
ATOM   852  O O   . ARG A 1 105 ? -1.192  5.292   -13.459 1.00 33.85  ? 453 ARG A O   1 
ATOM   853  C CB  . ARG A 1 105 ? -1.767  6.816   -10.534 1.00 31.45  ? 453 ARG A CB  1 
ATOM   854  C CG  . ARG A 1 105 ? -2.271  8.144   -9.961  1.00 39.32  ? 453 ARG A CG  1 
ATOM   855  C CD  . ARG A 1 105 ? -2.364  9.229   -11.018 1.00 55.88  ? 453 ARG A CD  1 
ATOM   856  N NE  . ARG A 1 105 ? -1.833  10.502  -10.539 1.00 63.63  ? 453 ARG A NE  1 
ATOM   857  C CZ  . ARG A 1 105 ? -2.549  11.430  -9.915  1.00 78.58  ? 453 ARG A CZ  1 
ATOM   858  N NH1 . ARG A 1 105 ? -3.841  11.233  -9.669  1.00 59.38  ? 453 ARG A NH1 1 
ATOM   859  N NH2 . ARG A 1 105 ? -1.977  12.554  -9.515  1.00 72.99  ? 453 ARG A NH2 1 
ATOM   860  N N   . PHE A 1 106 ? -1.912  3.924   -11.789 1.00 28.66  ? 454 PHE A N   1 
ATOM   861  C CA  . PHE A 1 106 ? -1.264  2.691   -12.258 1.00 28.13  ? 454 PHE A CA  1 
ATOM   862  C C   . PHE A 1 106 ? -1.748  2.256   -13.643 1.00 34.91  ? 454 PHE A C   1 
ATOM   863  O O   . PHE A 1 106 ? -0.950  1.734   -14.420 1.00 36.37  ? 454 PHE A O   1 
ATOM   864  C CB  . PHE A 1 106 ? -1.480  1.548   -11.261 1.00 28.88  ? 454 PHE A CB  1 
ATOM   865  C CG  . PHE A 1 106 ? -0.650  0.307   -11.463 1.00 29.15  ? 454 PHE A CG  1 
ATOM   866  C CD1 . PHE A 1 106 ? 0.730   0.338   -11.295 1.00 31.47  ? 454 PHE A CD1 1 
ATOM   867  C CD2 . PHE A 1 106 ? -1.253  -0.913  -11.715 1.00 30.92  ? 454 PHE A CD2 1 
ATOM   868  C CE1 . PHE A 1 106 ? 1.491   -0.824  -11.422 1.00 31.47  ? 454 PHE A CE1 1 
ATOM   869  C CE2 . PHE A 1 106 ? -0.490  -2.081  -11.837 1.00 34.14  ? 454 PHE A CE2 1 
ATOM   870  C CZ  . PHE A 1 106 ? 0.878   -2.024  -11.697 1.00 31.42  ? 454 PHE A CZ  1 
ATOM   871  N N   . ALA A 1 107 ? -3.041  2.422   -13.941 1.00 31.01  ? 455 ALA A N   1 
ATOM   872  C CA  . ALA A 1 107 ? -3.561  2.026   -15.255 1.00 31.63  ? 455 ALA A CA  1 
ATOM   873  C C   . ALA A 1 107 ? -3.079  3.020   -16.331 1.00 36.17  ? 455 ALA A C   1 
ATOM   874  O O   . ALA A 1 107 ? -2.876  2.612   -17.469 1.00 35.48  ? 455 ALA A O   1 
ATOM   875  C CB  . ALA A 1 107 ? -5.084  1.968   -15.236 1.00 32.23  ? 455 ALA A CB  1 
ATOM   876  N N   . LYS A 1 108 ? -2.923  4.309   -15.966 1.00 33.58  ? 456 LYS A N   1 
ATOM   877  C CA  . LYS A 1 108 ? -2.495  5.379   -16.888 1.00 35.28  ? 456 LYS A CA  1 
ATOM   878  C C   . LYS A 1 108 ? -0.958  5.626   -16.943 1.00 42.54  ? 456 LYS A C   1 
ATOM   879  O O   . LYS A 1 108 ? -0.526  6.494   -17.708 1.00 45.59  ? 456 LYS A O   1 
ATOM   880  C CB  . LYS A 1 108 ? -3.242  6.693   -16.578 1.00 36.65  ? 456 LYS A CB  1 
ATOM   881  C CG  . LYS A 1 108 ? -4.730  6.649   -16.900 1.00 42.07  ? 456 LYS A CG  1 
ATOM   882  C CD  . LYS A 1 108 ? -5.390  8.007   -16.737 1.00 48.17  ? 456 LYS A CD  1 
ATOM   883  C CE  . LYS A 1 108 ? -6.888  7.993   -16.963 1.00 50.30  ? 456 LYS A CE  1 
ATOM   884  N NZ  . LYS A 1 108 ? -7.254  7.573   -18.350 1.00 58.07  ? 456 LYS A NZ  1 
ATOM   885  N N   . MET A 1 109 ? -0.137  4.847   -16.205 1.00 37.94  ? 457 MET A N   1 
ATOM   886  C CA  . MET A 1 109 ? 1.331   5.032   -16.182 1.00 54.62  ? 457 MET A CA  1 
ATOM   887  C C   . MET A 1 109 ? 2.032   4.697   -17.512 1.00 83.92  ? 457 MET A C   1 
ATOM   888  O O   . MET A 1 109 ? 1.396   4.291   -18.480 1.00 44.86  ? 457 MET A O   1 
ATOM   889  C CB  . MET A 1 109 ? 2.004   4.286   -15.013 1.00 56.61  ? 457 MET A CB  1 
ATOM   890  C CG  . MET A 1 109 ? 2.030   2.780   -15.157 1.00 60.08  ? 457 MET A CG  1 
ATOM   891  S SD  . MET A 1 109 ? 3.215   1.990   -14.036 1.00 63.72  ? 457 MET A SD  1 
ATOM   892  C CE  . MET A 1 109 ? 4.633   1.954   -15.069 1.00 60.27  ? 457 MET A CE  1 
HETATM 893  C C4  . 87P B 2 .   ? -3.317  3.723   13.746  1.00 32.30  ? 501 87P A C4  1 
HETATM 894  C C5  . 87P B 2 .   ? -6.980  3.557   11.391  1.00 25.77  ? 501 87P A C5  1 
HETATM 895  C C6  . 87P B 2 .   ? -8.705  2.629   12.789  1.00 30.46  ? 501 87P A C6  1 
HETATM 896  C C7  . 87P B 2 .   ? -4.658  3.421   13.826  1.00 30.65  ? 501 87P A C7  1 
HETATM 897  C C8  . 87P B 2 .   ? -2.990  1.895   12.218  1.00 30.29  ? 501 87P A C8  1 
HETATM 898  C C10 . 87P B 2 .   ? -5.328  -1.308  10.196  1.00 29.72  ? 501 87P A C10 1 
HETATM 899  C C13 . 87P B 2 .   ? -7.371  2.745   12.444  1.00 29.97  ? 501 87P A C13 1 
HETATM 900  C C15 . 87P B 2 .   ? -4.841  0.405   11.605  1.00 31.35  ? 501 87P A C15 1 
HETATM 901  C C17 . 87P B 2 .   ? -5.273  -2.116  9.001   1.00 31.08  ? 501 87P A C17 1 
HETATM 902  C C20 . 87P B 2 .   ? -4.081  -0.126  7.935   1.00 29.16  ? 501 87P A C20 1 
HETATM 903  C C21 . 87P B 2 .   ? -6.935  -2.570  11.832  1.00 36.81  ? 501 87P A C21 1 
HETATM 904  C C22 . 87P B 2 .   ? 0.139   2.364   10.803  1.00 31.47  ? 501 87P A C22 1 
HETATM 905  C C1  . 87P B 2 .   ? -9.276  4.122   11.029  1.00 30.72  ? 501 87P A C1  1 
HETATM 906  C C2  . 87P B 2 .   ? -7.945  4.245   10.688  1.00 27.56  ? 501 87P A C2  1 
HETATM 907  C C3  . 87P B 2 .   ? -9.664  3.317   12.080  1.00 30.11  ? 501 87P A C3  1 
HETATM 908  C C9  . 87P B 2 .   ? -4.329  1.568   12.298  1.00 29.67  ? 501 87P A C9  1 
HETATM 909  C C11 . 87P B 2 .   ? -4.589  -0.112  10.351  1.00 27.95  ? 501 87P A C11 1 
HETATM 910  C C12 . 87P B 2 .   ? -2.485  2.958   12.948  1.00 31.35  ? 501 87P A C12 1 
HETATM 911  C C14 . 87P B 2 .   ? -5.143  2.346   13.106  1.00 29.91  ? 501 87P A C14 1 
HETATM 912  C C16 . 87P B 2 .   ? -6.017  -1.515  11.378  1.00 35.26  ? 501 87P A C16 1 
HETATM 913  C C18 . 87P B 2 .   ? -3.706  0.410   9.301   1.00 25.82  ? 501 87P A C18 1 
HETATM 914  C C19 . 87P B 2 .   ? -4.314  -1.622  7.924   1.00 30.38  ? 501 87P A C19 1 
HETATM 915  N N23 . 87P B 2 .   ? -5.710  -0.472  12.203  1.00 33.90  ? 501 87P A N23 1 
HETATM 916  N N24 . 87P B 2 .   ? -1.112  3.369   12.897  1.00 32.40  ? 501 87P A N24 1 
HETATM 917  O O25 . 87P B 2 .   ? -5.918  -3.148  8.837   1.00 28.93  ? 501 87P A O25 1 
HETATM 918  O O26 . 87P B 2 .   ? 1.423   2.859   12.967  1.00 32.48  ? 501 87P A O26 1 
HETATM 919  O O27 . 87P B 2 .   ? -0.213  0.906   12.940  1.00 31.23  ? 501 87P A O27 1 
HETATM 920  O O28 . 87P B 2 .   ? -6.478  2.021   13.227  1.00 32.37  ? 501 87P A O28 1 
HETATM 921  S S29 . 87P B 2 .   ? 0.155   2.263   12.585  1.00 32.52  ? 501 87P A S29 1 
HETATM 922  O O   . HOH C 3 .   ? 8.280   -10.237 -13.370 1.00 80.00  ? 601 HOH A O   1 
HETATM 923  O O   . HOH C 3 .   ? 4.106   -4.114  6.603   1.00 33.03  ? 602 HOH A O   1 
HETATM 924  O O   . HOH C 3 .   ? 0.682   -6.954  -10.329 1.00 39.23  ? 603 HOH A O   1 
HETATM 925  O O   . HOH C 3 .   ? -1.040  10.709  1.651   1.00 26.69  ? 604 HOH A O   1 
HETATM 926  O O   . HOH C 3 .   ? -5.249  -0.049  -12.389 1.00 26.72  ? 605 HOH A O   1 
HETATM 927  O O   . HOH C 3 .   ? -4.241  -4.687  7.011   1.00 26.09  ? 606 HOH A O   1 
HETATM 928  O O   . HOH C 3 .   ? 10.235  8.999   -10.126 1.00 42.76  ? 607 HOH A O   1 
HETATM 929  O O   . HOH C 3 .   ? -13.348 -5.838  4.829   1.00 43.17  ? 608 HOH A O   1 
HETATM 930  O O   . HOH C 3 .   ? -0.754  -9.231  -4.373  1.00 49.75  ? 609 HOH A O   1 
HETATM 931  O O   . HOH C 3 .   ? 15.848  1.077   0.197   1.00 50.84  ? 610 HOH A O   1 
HETATM 932  O O   . HOH C 3 .   ? -15.954 0.450   5.350   1.00 34.26  ? 611 HOH A O   1 
HETATM 933  O O   . HOH C 3 .   ? 4.604   12.870  -1.182  1.00 42.62  ? 612 HOH A O   1 
HETATM 934  O O   . HOH C 3 .   ? -0.487  -5.153  6.108   1.00 27.38  ? 613 HOH A O   1 
HETATM 935  O O   . HOH C 3 .   ? 13.139  1.567   -8.539  1.00 51.55  ? 614 HOH A O   1 
HETATM 936  O O   . HOH C 3 .   ? 9.798   -8.323  -6.148  1.00 61.13  ? 615 HOH A O   1 
HETATM 937  O O   . HOH C 3 .   ? -0.398  -13.058 15.728  1.00 54.64  ? 616 HOH A O   1 
HETATM 938  O O   . HOH C 3 .   ? -8.308  10.744  8.967   1.00 49.07  ? 617 HOH A O   1 
HETATM 939  O O   . HOH C 3 .   ? -12.879 8.433   8.014   1.00 58.34  ? 618 HOH A O   1 
HETATM 940  O O   . HOH C 3 .   ? -10.788 1.272   -6.139  1.00 53.33  ? 619 HOH A O   1 
HETATM 941  O O   . HOH C 3 .   ? 4.166   12.055  -7.959  1.00 53.23  ? 620 HOH A O   1 
HETATM 942  O O   . HOH C 3 .   ? -2.793  -3.321  5.049   1.00 30.78  ? 621 HOH A O   1 
HETATM 943  O O   . HOH C 3 .   ? -0.449  0.006   7.801   1.00 26.22  ? 622 HOH A O   1 
HETATM 944  O O   . HOH C 3 .   ? -0.413  -18.343 12.308  1.00 50.79  ? 623 HOH A O   1 
HETATM 945  O O   . HOH C 3 .   ? 17.033  3.513   -6.766  1.00 58.73  ? 624 HOH A O   1 
HETATM 946  O O   . HOH C 3 .   ? -6.745  -1.049  17.849  1.00 49.51  ? 625 HOH A O   1 
HETATM 947  O O   . HOH C 3 .   ? 4.061   -3.655  16.956  1.00 50.03  ? 626 HOH A O   1 
HETATM 948  O O   . HOH C 3 .   ? 13.008  4.945   2.647   1.00 51.46  ? 627 HOH A O   1 
HETATM 949  O O   . HOH C 3 .   ? -8.664  13.104  -3.249  1.00 55.51  ? 628 HOH A O   1 
HETATM 950  O O   . HOH C 3 .   ? -0.802  -1.515  5.559   1.00 26.35  ? 629 HOH A O   1 
HETATM 951  O O   . HOH C 3 .   ? 2.223   -12.746 9.820   1.00 51.80  ? 630 HOH A O   1 
HETATM 952  O O   . HOH C 3 .   ? 5.654   -8.293  -5.462  1.00 45.28  ? 631 HOH A O   1 
HETATM 953  O O   . HOH C 3 .   ? -4.093  -10.320 1.587   1.00 41.84  ? 632 HOH A O   1 
HETATM 954  O O   . HOH C 3 .   ? -0.750  2.643   -19.181 1.00 52.72  ? 633 HOH A O   1 
HETATM 955  O O   . HOH C 3 .   ? -9.496  -7.180  15.471  1.00 57.07  ? 634 HOH A O   1 
HETATM 956  O O   . HOH C 3 .   ? -6.150  -7.290  22.432  1.00 38.56  ? 635 HOH A O   1 
HETATM 957  O O   . HOH C 3 .   ? -4.841  -9.252  -3.877  1.00 48.19  ? 636 HOH A O   1 
HETATM 958  O O   . HOH C 3 .   ? -10.754 -4.779  12.775  1.00 43.84  ? 637 HOH A O   1 
HETATM 959  O O   . HOH C 3 .   ? -14.353 4.662   0.563   1.00 34.58  ? 638 HOH A O   1 
HETATM 960  O O   . HOH C 3 .   ? 6.489   -6.941  5.465   1.00 63.42  ? 639 HOH A O   1 
HETATM 961  O O   . HOH C 3 .   ? -10.108 -10.927 11.065  1.00 55.83  ? 640 HOH A O   1 
HETATM 962  O O   . HOH C 3 .   ? 6.624   -8.651  -0.904  1.00 49.10  ? 641 HOH A O   1 
HETATM 963  O O   . HOH C 3 .   ? 14.203  -8.145  -7.551  1.00 53.41  ? 642 HOH A O   1 
HETATM 964  O O   . HOH C 3 .   ? -0.535  -9.977  15.699  1.00 40.32  ? 643 HOH A O   1 
HETATM 965  O O   . HOH C 3 .   ? -9.166  9.198   -3.442  1.00 37.55  ? 644 HOH A O   1 
HETATM 966  O O   . HOH C 3 .   ? 0.831   6.050   9.894   1.00 42.94  ? 645 HOH A O   1 
HETATM 967  O O   . HOH C 3 .   ? -6.302  14.619  2.677   1.00 31.98  ? 646 HOH A O   1 
HETATM 968  O O   . HOH C 3 .   ? -12.312 8.331   4.747   1.00 58.61  ? 647 HOH A O   1 
HETATM 969  O O   . HOH C 3 .   ? 2.341   -5.430  23.495  1.00 61.32  ? 648 HOH A O   1 
HETATM 970  O O   . HOH C 3 .   ? -5.554  -16.589 6.865   1.00 47.49  ? 649 HOH A O   1 
HETATM 971  O O   . HOH C 3 .   ? -0.346  6.053   13.190  1.00 50.66  ? 650 HOH A O   1 
HETATM 972  O O   . HOH C 3 .   ? -9.894  4.381   -9.647  1.00 37.44  ? 651 HOH A O   1 
HETATM 973  O O   . HOH C 3 .   ? 4.689   0.743   12.578  1.00 40.48  ? 652 HOH A O   1 
HETATM 974  O O   . HOH C 3 .   ? 5.988   -11.944 4.639   1.00 57.91  ? 653 HOH A O   1 
HETATM 975  O O   . HOH C 3 .   ? 8.180   7.177   -3.937  1.00 37.82  ? 654 HOH A O   1 
HETATM 976  O O   . HOH C 3 .   ? -1.044  -5.609  -12.191 1.00 54.15  ? 655 HOH A O   1 
HETATM 977  O O   . HOH C 3 .   ? 2.639   -5.233  10.535  1.00 44.02  ? 656 HOH A O   1 
HETATM 978  O O   . HOH C 3 .   ? 5.329   -9.401  3.837   1.00 42.10  ? 657 HOH A O   1 
HETATM 979  O O   . HOH C 3 .   ? -7.335  -3.257  -11.427 1.00 30.93  ? 658 HOH A O   1 
HETATM 980  O O   . HOH C 3 .   ? -8.348  14.667  -1.044  1.00 46.48  ? 659 HOH A O   1 
HETATM 981  O O   . HOH C 3 .   ? -1.065  -11.574 3.524   1.00 33.07  ? 660 HOH A O   1 
HETATM 982  O O   . HOH C 3 .   ? -14.997 1.627   12.045  1.00 42.58  ? 661 HOH A O   1 
HETATM 983  O O   . HOH C 3 .   ? 0.110   7.788   -14.003 1.00 48.42  ? 662 HOH A O   1 
HETATM 984  O O   . HOH C 3 .   ? -16.417 3.083   1.169   1.00 37.75  ? 663 HOH A O   1 
HETATM 985  O O   . HOH C 3 .   ? -0.323  -0.885  -15.542 1.00 48.07  ? 664 HOH A O   1 
HETATM 986  O O   . HOH C 3 .   ? -2.721  -13.534 4.623   1.00 47.33  ? 665 HOH A O   1 
HETATM 987  O O   . HOH C 3 .   ? 1.104   10.644  -10.186 1.00 46.78  ? 666 HOH A O   1 
HETATM 988  O O   . HOH C 3 .   ? 12.535  -1.821  -8.462  1.00 56.64  ? 667 HOH A O   1 
HETATM 989  O O   . HOH C 3 .   ? 7.625   14.991  -7.735  1.00 59.87  ? 668 HOH A O   1 
HETATM 990  O O   . HOH C 3 .   ? 4.087   11.718  3.814   1.00 60.10  ? 669 HOH A O   1 
HETATM 991  O O   . HOH C 3 .   ? -13.367 6.181   6.593   1.00 50.13  ? 670 HOH A O   1 
HETATM 992  O O   . HOH C 3 .   ? 1.531   -4.019  7.907   1.00 31.77  ? 671 HOH A O   1 
HETATM 993  O O   . HOH C 3 .   ? 8.147   -8.495  -3.991  1.00 60.82  ? 672 HOH A O   1 
HETATM 994  O O   . HOH C 3 .   ? 3.424   -9.102  -3.543  1.00 44.32  ? 673 HOH A O   1 
HETATM 995  O O   . HOH C 3 .   ? 18.045  -5.244  -4.911  1.00 53.51  ? 674 HOH A O   1 
HETATM 996  O O   . HOH C 3 .   ? -1.423  -7.371  -8.666  1.00 36.08  ? 675 HOH A O   1 
HETATM 997  O O   . HOH C 3 .   ? 1.183   13.627  4.083   1.00 57.34  ? 676 HOH A O   1 
HETATM 998  O O   . HOH C 3 .   ? 10.558  4.109   3.374   1.00 45.23  ? 677 HOH A O   1 
HETATM 999  O O   . HOH C 3 .   ? 2.701   16.728  -0.417  1.00 48.39  ? 678 HOH A O   1 
HETATM 1000 O O   . HOH C 3 .   ? -6.640  -9.614  18.963  1.00 50.03  ? 679 HOH A O   1 
HETATM 1001 O O   . HOH C 3 .   ? -4.950  -15.783 16.108  1.00 63.21  ? 680 HOH A O   1 
HETATM 1002 O O   . HOH C 3 .   ? 10.792  0.133   5.598   1.00 50.63  ? 681 HOH A O   1 
HETATM 1003 O O   . HOH C 3 .   ? -0.207  17.266  -1.951  1.00 38.02  ? 682 HOH A O   1 
HETATM 1004 O O   . HOH C 3 .   ? 10.481  5.679   -4.371  1.00 57.46  ? 683 HOH A O   1 
HETATM 1005 O O   . HOH C 3 .   ? -11.927 -2.014  -3.040  1.00 38.90  ? 684 HOH A O   1 
HETATM 1006 O O   . HOH C 3 .   ? -1.278  2.216   22.497  1.00 48.63  ? 685 HOH A O   1 
HETATM 1007 O O   . HOH C 3 .   ? -14.224 5.211   -2.260  1.00 41.61  ? 686 HOH A O   1 
HETATM 1008 O O   . HOH C 3 .   ? -15.982 11.061  3.922   1.00 84.02  ? 687 HOH A O   1 
HETATM 1009 O O   . HOH C 3 .   ? 7.812   8.890   -1.844  1.00 52.08  ? 688 HOH A O   1 
HETATM 1010 O O   . HOH C 3 .   ? -10.235 7.687   13.769  1.00 63.48  ? 689 HOH A O   1 
HETATM 1011 O O   . HOH C 3 .   ? 2.049   -17.044 9.984   1.00 82.06  ? 690 HOH A O   1 
HETATM 1012 O O   . HOH C 3 .   ? -7.367  -0.667  15.093  1.00 51.05  ? 691 HOH A O   1 
HETATM 1013 O O   . HOH C 3 .   ? -13.280 3.088   13.583  1.00 53.81  ? 692 HOH A O   1 
HETATM 1014 O O   . HOH C 3 .   ? -9.387  9.231   10.981  1.00 53.77  ? 693 HOH A O   1 
HETATM 1015 O O   . HOH C 3 .   ? 7.605   -13.289 -9.671  1.00 53.92  ? 694 HOH A O   1 
HETATM 1016 O O   . HOH C 3 .   ? 3.788   11.063  -10.463 1.00 61.67  ? 695 HOH A O   1 
HETATM 1017 O O   . HOH C 3 .   ? -7.868  1.697   16.346  1.00 51.74  ? 696 HOH A O   1 
HETATM 1018 O O   . HOH C 3 .   ? -10.627 -12.576 8.946   1.00 48.49  ? 697 HOH A O   1 
HETATM 1019 O O   . HOH C 3 .   ? 18.379  -6.105  -2.035  1.00 57.16  ? 698 HOH A O   1 
HETATM 1020 O O   . HOH C 3 .   ? -8.209  8.871   -8.529  1.00 46.94  ? 699 HOH A O   1 
HETATM 1021 O O   . HOH C 3 .   ? 4.821   -4.648  14.139  1.00 61.92  ? 700 HOH A O   1 
HETATM 1022 O O   . HOH C 3 .   ? -1.659  4.889   -20.598 1.00 65.94  ? 701 HOH A O   1 
HETATM 1023 O O   . HOH C 3 .   ? 0.625   -4.618  -14.095 1.00 53.00  ? 702 HOH A O   1 
HETATM 1024 O O   . HOH C 3 .   ? 1.068   3.516   16.611  1.00 68.25  ? 703 HOH A O   1 
HETATM 1025 O O   . HOH C 3 .   ? 9.547   7.936   -17.150 1.00 65.93  ? 704 HOH A O   1 
HETATM 1026 O O   . HOH C 3 .   ? -15.944 5.928   11.602  1.00 55.96  ? 705 HOH A O   1 
HETATM 1027 O O   . HOH C 3 .   ? -16.701 -0.492  12.310  1.00 77.71  ? 706 HOH A O   1 
HETATM 1028 O O   . HOH C 3 .   ? 5.080   -1.638  13.825  1.00 49.82  ? 707 HOH A O   1 
HETATM 1029 O O   . HOH C 3 .   ? -5.225  12.768  10.125  1.00 58.20  ? 708 HOH A O   1 
HETATM 1030 O O   . HOH C 3 .   ? -6.041  -9.878  21.608  1.00 56.74  ? 709 HOH A O   1 
HETATM 1031 O O   . HOH C 3 .   ? 1.811   -10.805 17.151  1.00 65.01  ? 710 HOH A O   1 
HETATM 1032 O O   . HOH C 3 .   ? -11.323 -13.829 6.442   1.00 59.03  ? 711 HOH A O   1 
HETATM 1033 O O   . HOH C 3 .   ? -6.538  11.405  12.269  1.00 65.20  ? 712 HOH A O   1 
HETATM 1034 O O   . HOH C 3 .   ? 3.611   2.675   20.406  1.00 58.70  ? 713 HOH A O   1 
HETATM 1035 O O   . HOH C 3 .   ? -2.863  12.954  8.761   1.00 58.71  ? 714 HOH A O   1 
HETATM 1036 O O   . HOH C 3 .   ? -8.389  10.559  -20.651 1.00 60.03  ? 715 HOH A O   1 
HETATM 1037 O O   . HOH C 3 .   ? 1.369   8.816   -20.284 1.00 60.61  ? 716 HOH A O   1 
HETATM 1038 O O   . HOH C 3 .   ? -15.605 8.702   12.045  1.00 72.82  ? 717 HOH A O   1 
HETATM 1039 O O   . HOH C 3 .   ? 14.511  -11.943 -15.728 1.00 46.97  ? 718 HOH A O   1 
HETATM 1040 O O   . HOH C 3 .   ? -2.630  -9.845  -2.520  1.00 45.21  ? 719 HOH A O   1 
HETATM 1041 O O   . HOH C 3 .   ? 5.568   -10.056 1.129   1.00 49.31  ? 720 HOH A O   1 
HETATM 1042 O O   . HOH C 3 .   ? 12.325  13.801  -3.118  1.00 65.18  ? 721 HOH A O   1 
HETATM 1043 O O   . HOH C 3 .   ? -1.958  -8.171  -12.328 1.00 50.68  ? 722 HOH A O   1 
HETATM 1044 O O   . HOH C 3 .   ? -4.677  9.677   -13.522 1.00 46.32  ? 723 HOH A O   1 
HETATM 1045 O O   . HOH C 3 .   ? 6.054   -5.585  7.782   1.00 47.52  ? 724 HOH A O   1 
HETATM 1046 O O   . HOH C 3 .   ? 5.445   7.282   8.001   1.00 52.81  ? 725 HOH A O   1 
HETATM 1047 O O   . HOH C 3 .   ? -13.352 -4.550  13.892  1.00 50.13  ? 726 HOH A O   1 
HETATM 1048 O O   . HOH C 3 .   ? -6.351  1.095   20.434  1.00 60.20  ? 727 HOH A O   1 
HETATM 1049 O O   . HOH C 3 .   ? -3.637  11.690  12.049  1.00 71.30  ? 728 HOH A O   1 
HETATM 1050 O O   . HOH C 3 .   ? -6.521  -16.291 13.932  1.00 56.73  ? 729 HOH A O   1 
HETATM 1051 O O   . HOH C 3 .   ? 5.331   -10.363 -7.212  1.00 51.50  ? 730 HOH A O   1 
HETATM 1052 O O   . HOH C 3 .   ? 7.193   0.382   -21.489 1.00 59.49  ? 731 HOH A O   1 
HETATM 1053 O O   . HOH C 3 .   ? 4.435   15.605  -2.773  1.00 47.44  ? 732 HOH A O   1 
HETATM 1054 O O   . HOH C 3 .   ? -4.056  9.493   13.566  1.00 62.08  ? 733 HOH A O   1 
HETATM 1055 O O   . HOH C 3 .   ? -2.828  -11.623 -0.594  1.00 52.23  ? 734 HOH A O   1 
HETATM 1056 O O   . HOH C 3 .   ? 7.530   1.065   11.816  1.00 61.49  ? 735 HOH A O   1 
HETATM 1057 O O   . HOH C 3 .   ? -4.350  11.334  -18.301 1.00 53.17  ? 736 HOH A O   1 
HETATM 1058 O O   . HOH C 3 .   ? -7.982  6.328   14.680  1.00 54.57  ? 737 HOH A O   1 
HETATM 1059 O O   . HOH C 3 .   ? -2.131  3.721   17.562  1.00 55.63  ? 738 HOH A O   1 
HETATM 1060 O O   . HOH C 3 .   ? 5.139   -6.288  10.258  1.00 51.81  ? 739 HOH A O   1 
HETATM 1061 O O   . HOH C 3 .   ? -2.983  7.208   15.421  1.00 61.99  ? 740 HOH A O   1 
HETATM 1062 O O   . HOH C 3 .   ? 3.742   13.344  6.314   1.00 63.74  ? 741 HOH A O   1 
HETATM 1063 O O   . HOH C 3 .   ? 5.109   10.159  5.801   1.00 68.56  ? 742 HOH A O   1 
HETATM 1064 O O   . HOH C 3 .   ? 9.664   10.745  8.913   1.00 62.12  ? 743 HOH A O   1 
# 
